data_3O46
# 
_entry.id   3O46 
# 
_audit_conform.dict_name       mmcif_pdbx.dic 
_audit_conform.dict_version    5.399 
_audit_conform.dict_location   http://mmcif.pdb.org/dictionaries/ascii/mmcif_pdbx.dic 
# 
loop_
_database_2.database_id 
_database_2.database_code 
_database_2.pdbx_database_accession 
_database_2.pdbx_DOI 
PDB   3O46         pdb_00003o46 10.2210/pdb3o46/pdb 
RCSB  RCSB060642   ?            ?                   
WWPDB D_1000060642 ?            ?                   
# 
loop_
_pdbx_audit_revision_history.ordinal 
_pdbx_audit_revision_history.data_content_type 
_pdbx_audit_revision_history.major_revision 
_pdbx_audit_revision_history.minor_revision 
_pdbx_audit_revision_history.revision_date 
1 'Structure model' 1 0 2010-08-04 
2 'Structure model' 1 1 2011-07-13 
3 'Structure model' 1 2 2017-11-08 
4 'Structure model' 1 3 2024-11-27 
# 
_pdbx_audit_revision_details.ordinal             1 
_pdbx_audit_revision_details.revision_ordinal    1 
_pdbx_audit_revision_details.data_content_type   'Structure model' 
_pdbx_audit_revision_details.provider            repository 
_pdbx_audit_revision_details.type                'Initial release' 
_pdbx_audit_revision_details.description         ? 
_pdbx_audit_revision_details.details             ? 
# 
loop_
_pdbx_audit_revision_group.ordinal 
_pdbx_audit_revision_group.revision_ordinal 
_pdbx_audit_revision_group.data_content_type 
_pdbx_audit_revision_group.group 
1 2 'Structure model' 'Version format compliance' 
2 3 'Structure model' 'Refinement description'    
3 4 'Structure model' 'Data collection'           
4 4 'Structure model' 'Database references'       
5 4 'Structure model' 'Derived calculations'      
6 4 'Structure model' 'Structure summary'         
# 
loop_
_pdbx_audit_revision_category.ordinal 
_pdbx_audit_revision_category.revision_ordinal 
_pdbx_audit_revision_category.data_content_type 
_pdbx_audit_revision_category.category 
1 3 'Structure model' software                     
2 4 'Structure model' chem_comp_atom               
3 4 'Structure model' chem_comp_bond               
4 4 'Structure model' database_2                   
5 4 'Structure model' pdbx_entry_details           
6 4 'Structure model' pdbx_modification_feature    
7 4 'Structure model' pdbx_struct_special_symmetry 
8 4 'Structure model' struct_conn                  
9 4 'Structure model' struct_ref_seq_dif           
# 
loop_
_pdbx_audit_revision_item.ordinal 
_pdbx_audit_revision_item.revision_ordinal 
_pdbx_audit_revision_item.data_content_type 
_pdbx_audit_revision_item.item 
1 4 'Structure model' '_database_2.pdbx_DOI'                
2 4 'Structure model' '_database_2.pdbx_database_accession' 
3 4 'Structure model' '_struct_conn.pdbx_leaving_atom_flag' 
4 4 'Structure model' '_struct_ref_seq_dif.details'         
# 
_pdbx_database_status.entry_id                        3O46 
_pdbx_database_status.status_code                     REL 
_pdbx_database_status.deposit_site                    RCSB 
_pdbx_database_status.process_site                    RCSB 
_pdbx_database_status.recvd_initial_deposition_date   2010-07-26 
_pdbx_database_status.status_code_sf                  REL 
_pdbx_database_status.status_code_mr                  ? 
_pdbx_database_status.SG_entry                        Y 
_pdbx_database_status.pdb_format_compatible           Y 
_pdbx_database_status.status_code_cs                  ? 
_pdbx_database_status.methods_development_category    ? 
_pdbx_database_status.status_code_nmr_data            ? 
# 
loop_
_audit_author.name 
_audit_author.pdbx_ordinal 
'Nedyalkova, L.'                       1  
'Tong, Y.'                             2  
'Tempel, W.'                           3  
'Zhong, N.'                            4  
'Guan, X.'                             5  
'Landry, R.'                           6  
'Arrowsmith, C.H.'                     7  
'Edwards, A.M.'                        8  
'Bountra, C.'                          9  
'Weigelt, J.'                          10 
'Bochkarev, A.'                        11 
'Park, H.'                             12 
'Structural Genomics Consortium (SGC)' 13 
# 
_citation.id                        primary 
_citation.title                     'Crystal structure of the PDZ domain of MPP7' 
_citation.journal_abbrev            'TO BE PUBLISHED' 
_citation.journal_volume            ? 
_citation.page_first                ? 
_citation.page_last                 ? 
_citation.year                      ? 
_citation.journal_id_ASTM           ? 
_citation.country                   ? 
_citation.journal_id_ISSN           ? 
_citation.journal_id_CSD            0353 
_citation.book_publisher            ? 
_citation.pdbx_database_id_PubMed   ? 
_citation.pdbx_database_id_DOI      ? 
# 
loop_
_citation_author.citation_id 
_citation_author.name 
_citation_author.ordinal 
_citation_author.identifier_ORCID 
primary 'Nedyalkova, L.'   1  ? 
primary 'Tong, Y.'         2  ? 
primary 'Tempel, W.'       3  ? 
primary 'Zhong, N.'        4  ? 
primary 'Guan, X.'         5  ? 
primary 'Landry, R.'       6  ? 
primary 'Arrowsmith, C.H.' 7  ? 
primary 'Edwards, A.M.'    8  ? 
primary 'Bountra, C.'      9  ? 
primary 'Weigelt, J.'      10 ? 
primary 'Bochkarev, A.'    11 ? 
primary 'Park, H.'         12 ? 
# 
loop_
_entity.id 
_entity.type 
_entity.src_method 
_entity.pdbx_description 
_entity.formula_weight 
_entity.pdbx_number_of_molecules 
_entity.pdbx_ec 
_entity.pdbx_mutation 
_entity.pdbx_fragment 
_entity.details 
1 polymer     man 'MAGUK p55 subfamily member 7' 10102.445 1  ? ? 'PDZ Domain (UNP residues 135-225)' ? 
2 non-polymer syn 'UNKNOWN ATOM OR ION'          ?         13 ? ? ?                                   ? 
3 water       nat water                          18.015    69 ? ? ?                                   ? 
# 
_entity_poly.entity_id                      1 
_entity_poly.type                           'polypeptide(L)' 
_entity_poly.nstd_linkage                   no 
_entity_poly.nstd_monomer                   yes 
_entity_poly.pdbx_seq_one_letter_code       
;GSDSVKIIRLVKNREPLGATIKKDEQTGAIIVARI(MSE)RGGAADRSGLIHVGDELREVNGIPVEDKRPEEIIQILAQS
QGAITFKIIPGSKEETP
;
_entity_poly.pdbx_seq_one_letter_code_can   
;GSDSVKIIRLVKNREPLGATIKKDEQTGAIIVARIMRGGAADRSGLIHVGDELREVNGIPVEDKRPEEIIQILAQSQGAI
TFKIIPGSKEETP
;
_entity_poly.pdbx_strand_id                 A 
_entity_poly.pdbx_target_identifier         ? 
# 
loop_
_pdbx_entity_nonpoly.entity_id 
_pdbx_entity_nonpoly.name 
_pdbx_entity_nonpoly.comp_id 
2 'UNKNOWN ATOM OR ION' UNX 
3 water                 HOH 
# 
loop_
_entity_poly_seq.entity_id 
_entity_poly_seq.num 
_entity_poly_seq.mon_id 
_entity_poly_seq.hetero 
1 1  GLY n 
1 2  SER n 
1 3  ASP n 
1 4  SER n 
1 5  VAL n 
1 6  LYS n 
1 7  ILE n 
1 8  ILE n 
1 9  ARG n 
1 10 LEU n 
1 11 VAL n 
1 12 LYS n 
1 13 ASN n 
1 14 ARG n 
1 15 GLU n 
1 16 PRO n 
1 17 LEU n 
1 18 GLY n 
1 19 ALA n 
1 20 THR n 
1 21 ILE n 
1 22 LYS n 
1 23 LYS n 
1 24 ASP n 
1 25 GLU n 
1 26 GLN n 
1 27 THR n 
1 28 GLY n 
1 29 ALA n 
1 30 ILE n 
1 31 ILE n 
1 32 VAL n 
1 33 ALA n 
1 34 ARG n 
1 35 ILE n 
1 36 MSE n 
1 37 ARG n 
1 38 GLY n 
1 39 GLY n 
1 40 ALA n 
1 41 ALA n 
1 42 ASP n 
1 43 ARG n 
1 44 SER n 
1 45 GLY n 
1 46 LEU n 
1 47 ILE n 
1 48 HIS n 
1 49 VAL n 
1 50 GLY n 
1 51 ASP n 
1 52 GLU n 
1 53 LEU n 
1 54 ARG n 
1 55 GLU n 
1 56 VAL n 
1 57 ASN n 
1 58 GLY n 
1 59 ILE n 
1 60 PRO n 
1 61 VAL n 
1 62 GLU n 
1 63 ASP n 
1 64 LYS n 
1 65 ARG n 
1 66 PRO n 
1 67 GLU n 
1 68 GLU n 
1 69 ILE n 
1 70 ILE n 
1 71 GLN n 
1 72 ILE n 
1 73 LEU n 
1 74 ALA n 
1 75 GLN n 
1 76 SER n 
1 77 GLN n 
1 78 GLY n 
1 79 ALA n 
1 80 ILE n 
1 81 THR n 
1 82 PHE n 
1 83 LYS n 
1 84 ILE n 
1 85 ILE n 
1 86 PRO n 
1 87 GLY n 
1 88 SER n 
1 89 LYS n 
1 90 GLU n 
1 91 GLU n 
1 92 THR n 
1 93 PRO n 
# 
_entity_src_gen.entity_id                          1 
_entity_src_gen.pdbx_src_id                        1 
_entity_src_gen.pdbx_alt_source_flag               sample 
_entity_src_gen.pdbx_seq_type                      ? 
_entity_src_gen.pdbx_beg_seq_num                   ? 
_entity_src_gen.pdbx_end_seq_num                   ? 
_entity_src_gen.gene_src_common_name               human 
_entity_src_gen.gene_src_genus                     ? 
_entity_src_gen.pdbx_gene_src_gene                 MPP7 
_entity_src_gen.gene_src_species                   ? 
_entity_src_gen.gene_src_strain                    ? 
_entity_src_gen.gene_src_tissue                    ? 
_entity_src_gen.gene_src_tissue_fraction           ? 
_entity_src_gen.gene_src_details                   ? 
_entity_src_gen.pdbx_gene_src_fragment             ? 
_entity_src_gen.pdbx_gene_src_scientific_name      'Homo sapiens' 
_entity_src_gen.pdbx_gene_src_ncbi_taxonomy_id     9606 
_entity_src_gen.pdbx_gene_src_variant              ? 
_entity_src_gen.pdbx_gene_src_cell_line            ? 
_entity_src_gen.pdbx_gene_src_atcc                 ? 
_entity_src_gen.pdbx_gene_src_organ                ? 
_entity_src_gen.pdbx_gene_src_organelle            ? 
_entity_src_gen.pdbx_gene_src_cell                 ? 
_entity_src_gen.pdbx_gene_src_cellular_location    ? 
_entity_src_gen.host_org_common_name               ? 
_entity_src_gen.pdbx_host_org_scientific_name      'Escherichia coli' 
_entity_src_gen.pdbx_host_org_ncbi_taxonomy_id     511693 
_entity_src_gen.host_org_genus                     ? 
_entity_src_gen.pdbx_host_org_gene                 ? 
_entity_src_gen.pdbx_host_org_organ                ? 
_entity_src_gen.host_org_species                   ? 
_entity_src_gen.pdbx_host_org_tissue               ? 
_entity_src_gen.pdbx_host_org_tissue_fraction      ? 
_entity_src_gen.pdbx_host_org_strain               BL21-V2R-pRARE2 
_entity_src_gen.pdbx_host_org_variant              ? 
_entity_src_gen.pdbx_host_org_cell_line            ? 
_entity_src_gen.pdbx_host_org_atcc                 ? 
_entity_src_gen.pdbx_host_org_culture_collection   ? 
_entity_src_gen.pdbx_host_org_cell                 ? 
_entity_src_gen.pdbx_host_org_organelle            ? 
_entity_src_gen.pdbx_host_org_cellular_location    ? 
_entity_src_gen.pdbx_host_org_vector_type          ? 
_entity_src_gen.pdbx_host_org_vector               ? 
_entity_src_gen.host_org_details                   ? 
_entity_src_gen.expression_system_id               ? 
_entity_src_gen.plasmid_name                       pET28a-LIC 
_entity_src_gen.plasmid_details                    ? 
_entity_src_gen.pdbx_description                   ? 
# 
loop_
_chem_comp.id 
_chem_comp.type 
_chem_comp.mon_nstd_flag 
_chem_comp.name 
_chem_comp.pdbx_synonyms 
_chem_comp.formula 
_chem_comp.formula_weight 
ALA 'L-peptide linking' y ALANINE               ? 'C3 H7 N O2'     89.093  
ARG 'L-peptide linking' y ARGININE              ? 'C6 H15 N4 O2 1' 175.209 
ASN 'L-peptide linking' y ASPARAGINE            ? 'C4 H8 N2 O3'    132.118 
ASP 'L-peptide linking' y 'ASPARTIC ACID'       ? 'C4 H7 N O4'     133.103 
GLN 'L-peptide linking' y GLUTAMINE             ? 'C5 H10 N2 O3'   146.144 
GLU 'L-peptide linking' y 'GLUTAMIC ACID'       ? 'C5 H9 N O4'     147.129 
GLY 'peptide linking'   y GLYCINE               ? 'C2 H5 N O2'     75.067  
HIS 'L-peptide linking' y HISTIDINE             ? 'C6 H10 N3 O2 1' 156.162 
HOH non-polymer         . WATER                 ? 'H2 O'           18.015  
ILE 'L-peptide linking' y ISOLEUCINE            ? 'C6 H13 N O2'    131.173 
LEU 'L-peptide linking' y LEUCINE               ? 'C6 H13 N O2'    131.173 
LYS 'L-peptide linking' y LYSINE                ? 'C6 H15 N2 O2 1' 147.195 
MSE 'L-peptide linking' n SELENOMETHIONINE      ? 'C5 H11 N O2 Se' 196.106 
PHE 'L-peptide linking' y PHENYLALANINE         ? 'C9 H11 N O2'    165.189 
PRO 'L-peptide linking' y PROLINE               ? 'C5 H9 N O2'     115.130 
SER 'L-peptide linking' y SERINE                ? 'C3 H7 N O3'     105.093 
THR 'L-peptide linking' y THREONINE             ? 'C4 H9 N O3'     119.119 
UNX non-polymer         . 'UNKNOWN ATOM OR ION' ? ?                ?       
VAL 'L-peptide linking' y VALINE                ? 'C5 H11 N O2'    117.146 
# 
loop_
_pdbx_poly_seq_scheme.asym_id 
_pdbx_poly_seq_scheme.entity_id 
_pdbx_poly_seq_scheme.seq_id 
_pdbx_poly_seq_scheme.mon_id 
_pdbx_poly_seq_scheme.ndb_seq_num 
_pdbx_poly_seq_scheme.pdb_seq_num 
_pdbx_poly_seq_scheme.auth_seq_num 
_pdbx_poly_seq_scheme.pdb_mon_id 
_pdbx_poly_seq_scheme.auth_mon_id 
_pdbx_poly_seq_scheme.pdb_strand_id 
_pdbx_poly_seq_scheme.pdb_ins_code 
_pdbx_poly_seq_scheme.hetero 
A 1 1  GLY 1  133 ?   ?   ?   A . n 
A 1 2  SER 2  134 ?   ?   ?   A . n 
A 1 3  ASP 3  135 ?   ?   ?   A . n 
A 1 4  SER 4  136 136 SER SER A . n 
A 1 5  VAL 5  137 137 VAL VAL A . n 
A 1 6  LYS 6  138 138 LYS LYS A . n 
A 1 7  ILE 7  139 139 ILE ILE A . n 
A 1 8  ILE 8  140 140 ILE ILE A . n 
A 1 9  ARG 9  141 141 ARG ARG A . n 
A 1 10 LEU 10 142 142 LEU LEU A . n 
A 1 11 VAL 11 143 143 VAL VAL A . n 
A 1 12 LYS 12 144 144 LYS LYS A . n 
A 1 13 ASN 13 145 145 ASN ASN A . n 
A 1 14 ARG 14 146 146 ARG ARG A . n 
A 1 15 GLU 15 147 147 GLU GLU A . n 
A 1 16 PRO 16 148 148 PRO PRO A . n 
A 1 17 LEU 17 149 149 LEU LEU A . n 
A 1 18 GLY 18 150 150 GLY GLY A . n 
A 1 19 ALA 19 151 151 ALA ALA A . n 
A 1 20 THR 20 152 152 THR THR A . n 
A 1 21 ILE 21 153 153 ILE ILE A . n 
A 1 22 LYS 22 154 154 LYS LYS A . n 
A 1 23 LYS 23 155 155 LYS LYS A . n 
A 1 24 ASP 24 156 156 ASP ASP A . n 
A 1 25 GLU 25 157 157 GLU GLU A . n 
A 1 26 GLN 26 158 158 GLN GLN A . n 
A 1 27 THR 27 159 159 THR THR A . n 
A 1 28 GLY 28 160 160 GLY GLY A . n 
A 1 29 ALA 29 161 161 ALA ALA A . n 
A 1 30 ILE 30 162 162 ILE ILE A . n 
A 1 31 ILE 31 163 163 ILE ILE A . n 
A 1 32 VAL 32 164 164 VAL VAL A . n 
A 1 33 ALA 33 165 165 ALA ALA A . n 
A 1 34 ARG 34 166 166 ARG ARG A . n 
A 1 35 ILE 35 167 167 ILE ILE A . n 
A 1 36 MSE 36 168 168 MSE MSE A . n 
A 1 37 ARG 37 169 169 ARG ARG A . n 
A 1 38 GLY 38 170 170 GLY GLY A . n 
A 1 39 GLY 39 171 171 GLY GLY A . n 
A 1 40 ALA 40 172 172 ALA ALA A . n 
A 1 41 ALA 41 173 173 ALA ALA A . n 
A 1 42 ASP 42 174 174 ASP ASP A . n 
A 1 43 ARG 43 175 175 ARG ARG A . n 
A 1 44 SER 44 176 176 SER SER A . n 
A 1 45 GLY 45 177 177 GLY GLY A . n 
A 1 46 LEU 46 178 178 LEU LEU A . n 
A 1 47 ILE 47 179 179 ILE ILE A . n 
A 1 48 HIS 48 180 180 HIS HIS A . n 
A 1 49 VAL 49 181 181 VAL VAL A . n 
A 1 50 GLY 50 182 182 GLY GLY A . n 
A 1 51 ASP 51 183 183 ASP ASP A . n 
A 1 52 GLU 52 184 184 GLU GLU A . n 
A 1 53 LEU 53 185 185 LEU LEU A . n 
A 1 54 ARG 54 186 186 ARG ARG A . n 
A 1 55 GLU 55 187 187 GLU GLU A . n 
A 1 56 VAL 56 188 188 VAL VAL A . n 
A 1 57 ASN 57 189 189 ASN ASN A . n 
A 1 58 GLY 58 190 190 GLY GLY A . n 
A 1 59 ILE 59 191 191 ILE ILE A . n 
A 1 60 PRO 60 192 192 PRO PRO A . n 
A 1 61 VAL 61 193 193 VAL VAL A . n 
A 1 62 GLU 62 194 194 GLU GLU A . n 
A 1 63 ASP 63 195 195 ASP ASP A . n 
A 1 64 LYS 64 196 196 LYS LYS A . n 
A 1 65 ARG 65 197 197 ARG ARG A . n 
A 1 66 PRO 66 198 198 PRO PRO A . n 
A 1 67 GLU 67 199 199 GLU GLU A . n 
A 1 68 GLU 68 200 200 GLU GLU A . n 
A 1 69 ILE 69 201 201 ILE ILE A . n 
A 1 70 ILE 70 202 202 ILE ILE A . n 
A 1 71 GLN 71 203 203 GLN GLN A . n 
A 1 72 ILE 72 204 204 ILE ILE A . n 
A 1 73 LEU 73 205 205 LEU LEU A . n 
A 1 74 ALA 74 206 206 ALA ALA A . n 
A 1 75 GLN 75 207 207 GLN GLN A . n 
A 1 76 SER 76 208 208 SER SER A . n 
A 1 77 GLN 77 209 209 GLN GLN A . n 
A 1 78 GLY 78 210 210 GLY GLY A . n 
A 1 79 ALA 79 211 211 ALA ALA A . n 
A 1 80 ILE 80 212 212 ILE ILE A . n 
A 1 81 THR 81 213 213 THR THR A . n 
A 1 82 PHE 82 214 214 PHE PHE A . n 
A 1 83 LYS 83 215 215 LYS LYS A . n 
A 1 84 ILE 84 216 216 ILE ILE A . n 
A 1 85 ILE 85 217 217 ILE ILE A . n 
A 1 86 PRO 86 218 218 PRO PRO A . n 
A 1 87 GLY 87 219 219 GLY GLY A . n 
A 1 88 SER 88 220 ?   ?   ?   A . n 
A 1 89 LYS 89 221 ?   ?   ?   A . n 
A 1 90 GLU 90 222 ?   ?   ?   A . n 
A 1 91 GLU 91 223 ?   ?   ?   A . n 
A 1 92 THR 92 224 ?   ?   ?   A . n 
A 1 93 PRO 93 225 ?   ?   ?   A . n 
# 
loop_
_pdbx_nonpoly_scheme.asym_id 
_pdbx_nonpoly_scheme.entity_id 
_pdbx_nonpoly_scheme.mon_id 
_pdbx_nonpoly_scheme.ndb_seq_num 
_pdbx_nonpoly_scheme.pdb_seq_num 
_pdbx_nonpoly_scheme.auth_seq_num 
_pdbx_nonpoly_scheme.pdb_mon_id 
_pdbx_nonpoly_scheme.auth_mon_id 
_pdbx_nonpoly_scheme.pdb_strand_id 
_pdbx_nonpoly_scheme.pdb_ins_code 
B 2 UNX 1  1   1  UNX UNX A . 
C 2 UNX 1  2   2  UNX UNX A . 
D 2 UNX 1  3   3  UNX UNX A . 
E 2 UNX 1  4   4  UNX UNX A . 
F 2 UNX 1  5   5  UNX UNX A . 
G 2 UNX 1  6   6  UNX UNX A . 
H 2 UNX 1  7   7  UNX UNX A . 
I 2 UNX 1  8   8  UNX UNX A . 
J 2 UNX 1  9   9  UNX UNX A . 
K 2 UNX 1  10  10 UNX UNX A . 
L 2 UNX 1  11  11 UNX UNX A . 
M 2 UNX 1  12  12 UNX UNX A . 
N 2 UNX 1  13  13 UNX UNX A . 
O 3 HOH 1  14  14 HOH HOH A . 
O 3 HOH 2  15  15 HOH HOH A . 
O 3 HOH 3  16  16 HOH HOH A . 
O 3 HOH 4  17  17 HOH HOH A . 
O 3 HOH 5  18  18 HOH HOH A . 
O 3 HOH 6  19  19 HOH HOH A . 
O 3 HOH 7  20  20 HOH HOH A . 
O 3 HOH 8  21  21 HOH HOH A . 
O 3 HOH 9  22  22 HOH HOH A . 
O 3 HOH 10 23  23 HOH HOH A . 
O 3 HOH 11 24  24 HOH HOH A . 
O 3 HOH 12 25  25 HOH HOH A . 
O 3 HOH 13 26  26 HOH HOH A . 
O 3 HOH 14 27  27 HOH HOH A . 
O 3 HOH 15 28  28 HOH HOH A . 
O 3 HOH 16 29  29 HOH HOH A . 
O 3 HOH 17 30  30 HOH HOH A . 
O 3 HOH 18 31  31 HOH HOH A . 
O 3 HOH 19 32  32 HOH HOH A . 
O 3 HOH 20 33  33 HOH HOH A . 
O 3 HOH 21 34  34 HOH HOH A . 
O 3 HOH 22 35  35 HOH HOH A . 
O 3 HOH 23 36  36 HOH HOH A . 
O 3 HOH 24 37  37 HOH HOH A . 
O 3 HOH 25 38  38 HOH HOH A . 
O 3 HOH 26 39  39 HOH HOH A . 
O 3 HOH 27 40  40 HOH HOH A . 
O 3 HOH 28 41  41 HOH HOH A . 
O 3 HOH 29 42  42 HOH HOH A . 
O 3 HOH 30 43  43 HOH HOH A . 
O 3 HOH 31 44  44 HOH HOH A . 
O 3 HOH 32 45  45 HOH HOH A . 
O 3 HOH 33 46  46 HOH HOH A . 
O 3 HOH 34 47  47 HOH HOH A . 
O 3 HOH 35 48  48 HOH HOH A . 
O 3 HOH 36 49  49 HOH HOH A . 
O 3 HOH 37 50  50 HOH HOH A . 
O 3 HOH 38 51  51 HOH HOH A . 
O 3 HOH 39 52  52 HOH HOH A . 
O 3 HOH 40 53  53 HOH HOH A . 
O 3 HOH 41 54  54 HOH HOH A . 
O 3 HOH 42 55  55 HOH HOH A . 
O 3 HOH 43 56  56 HOH HOH A . 
O 3 HOH 44 57  57 HOH HOH A . 
O 3 HOH 45 58  58 HOH HOH A . 
O 3 HOH 46 59  59 HOH HOH A . 
O 3 HOH 47 60  60 HOH HOH A . 
O 3 HOH 48 61  61 HOH HOH A . 
O 3 HOH 49 62  62 HOH HOH A . 
O 3 HOH 50 63  63 HOH HOH A . 
O 3 HOH 51 64  64 HOH HOH A . 
O 3 HOH 52 65  65 HOH HOH A . 
O 3 HOH 53 66  66 HOH HOH A . 
O 3 HOH 54 67  67 HOH HOH A . 
O 3 HOH 55 68  68 HOH HOH A . 
O 3 HOH 56 69  69 HOH HOH A . 
O 3 HOH 57 226 1  HOH HOH A . 
O 3 HOH 58 227 2  HOH HOH A . 
O 3 HOH 59 228 3  HOH HOH A . 
O 3 HOH 60 229 4  HOH HOH A . 
O 3 HOH 61 230 5  HOH HOH A . 
O 3 HOH 62 231 6  HOH HOH A . 
O 3 HOH 63 232 7  HOH HOH A . 
O 3 HOH 64 233 8  HOH HOH A . 
O 3 HOH 65 234 9  HOH HOH A . 
O 3 HOH 66 235 10 HOH HOH A . 
O 3 HOH 67 236 11 HOH HOH A . 
O 3 HOH 68 237 12 HOH HOH A . 
O 3 HOH 69 238 13 HOH HOH A . 
# 
loop_
_pdbx_unobs_or_zero_occ_atoms.id 
_pdbx_unobs_or_zero_occ_atoms.PDB_model_num 
_pdbx_unobs_or_zero_occ_atoms.polymer_flag 
_pdbx_unobs_or_zero_occ_atoms.occupancy_flag 
_pdbx_unobs_or_zero_occ_atoms.auth_asym_id 
_pdbx_unobs_or_zero_occ_atoms.auth_comp_id 
_pdbx_unobs_or_zero_occ_atoms.auth_seq_id 
_pdbx_unobs_or_zero_occ_atoms.PDB_ins_code 
_pdbx_unobs_or_zero_occ_atoms.auth_atom_id 
_pdbx_unobs_or_zero_occ_atoms.label_alt_id 
_pdbx_unobs_or_zero_occ_atoms.label_asym_id 
_pdbx_unobs_or_zero_occ_atoms.label_comp_id 
_pdbx_unobs_or_zero_occ_atoms.label_seq_id 
_pdbx_unobs_or_zero_occ_atoms.label_atom_id 
1  1 Y 1 A LYS 138 ? CE  ? A LYS 6  CE  
2  1 Y 1 A LYS 138 ? NZ  ? A LYS 6  NZ  
3  1 Y 1 A ARG 146 ? NE  ? A ARG 14 NE  
4  1 Y 1 A ARG 146 ? CZ  ? A ARG 14 CZ  
5  1 Y 1 A ARG 146 ? NH1 ? A ARG 14 NH1 
6  1 Y 1 A ARG 146 ? NH2 ? A ARG 14 NH2 
7  1 Y 1 A LYS 154 ? NZ  ? A LYS 22 NZ  
8  1 Y 1 A GLU 157 ? CD  ? A GLU 25 CD  
9  1 Y 1 A GLU 157 ? OE1 ? A GLU 25 OE1 
10 1 Y 1 A GLU 157 ? OE2 ? A GLU 25 OE2 
11 1 Y 1 A ARG 169 ? CG  ? A ARG 37 CG  
12 1 Y 1 A ARG 169 ? CD  ? A ARG 37 CD  
13 1 Y 1 A ARG 169 ? NE  ? A ARG 37 NE  
14 1 Y 1 A ARG 169 ? CZ  ? A ARG 37 CZ  
15 1 Y 1 A ARG 169 ? NH1 ? A ARG 37 NH1 
16 1 Y 1 A ARG 169 ? NH2 ? A ARG 37 NH2 
17 1 Y 1 A ARG 197 ? NE  ? A ARG 65 NE  
18 1 Y 1 A ARG 197 ? CZ  ? A ARG 65 CZ  
19 1 Y 1 A ARG 197 ? NH1 ? A ARG 65 NH1 
20 1 Y 1 A ARG 197 ? NH2 ? A ARG 65 NH2 
21 1 Y 1 A LYS 215 ? CE  ? A LYS 83 CE  
22 1 Y 1 A LYS 215 ? NZ  ? A LYS 83 NZ  
# 
loop_
_software.pdbx_ordinal 
_software.name 
_software.version 
_software.date 
_software.type 
_software.contact_author 
_software.contact_author_email 
_software.classification 
_software.location 
_software.language 
_software.citation_id 
1 DENZO       .        ?               package 'Zbyszek Otwinowski'  hkl@hkl-xray.com             'data reduction'  
http://www.hkl-xray.com/                     ?          ? 
2 SCALEPACK   .        ?               package 'Zbyszek Otwinowski'  hkl@hkl-xray.com             'data scaling'    
http://www.hkl-xray.com/                     ?          ? 
3 SHELX       .        ?               package 'George M. Sheldrick' gsheldr@shelx.uni-ac.gwdg.de phasing           
http://shelx.uni-ac.gwdg.de/SHELX/           Fortran_77 ? 
4 REFMAC      5.5.0109 ?               program 'Garib N. Murshudov'  garib@ysbl.york.ac.uk        refinement        
http://www.ccp4.ac.uk/dist/html/refmac5.html Fortran_77 ? 
5 PDB_EXTRACT 3.10     'June 10, 2010' package PDB                   deposit@deposit.rcsb.org     'data extraction' 
http://sw-tools.pdb.org/apps/PDB_EXTRACT/    C++        ? 
6 SHELXDE     .        ?               ?       ?                     ?                            phasing           ? ?          ? 
# 
_cell.entry_id           3O46 
_cell.length_a           66.616 
_cell.length_b           66.616 
_cell.length_c           46.475 
_cell.angle_alpha        90.000 
_cell.angle_beta         90.000 
_cell.angle_gamma        120.000 
_cell.pdbx_unique_axis   ? 
_cell.Z_PDB              6 
_cell.length_a_esd       ? 
_cell.length_b_esd       ? 
_cell.length_c_esd       ? 
_cell.angle_alpha_esd    ? 
_cell.angle_beta_esd     ? 
_cell.angle_gamma_esd    ? 
# 
_symmetry.entry_id                         3O46 
_symmetry.space_group_name_H-M             'P 63' 
_symmetry.Int_Tables_number                173 
_symmetry.pdbx_full_space_group_name_H-M   ? 
_symmetry.cell_setting                     ? 
_symmetry.space_group_name_Hall            ? 
# 
_exptl.crystals_number   1 
_exptl.entry_id          3O46 
_exptl.method            'X-RAY DIFFRACTION' 
# 
_exptl_crystal.id                    1 
_exptl_crystal.density_percent_sol   58.26 
_exptl_crystal.density_Matthews      2.95 
_exptl_crystal.density_meas          ? 
_exptl_crystal.description           ? 
_exptl_crystal.F_000                 ? 
_exptl_crystal.preparation           ? 
# 
_exptl_crystal_grow.crystal_id      1 
_exptl_crystal_grow.method          'VAPOR DIFFUSION, SITTING DROP' 
_exptl_crystal_grow.pH              7.5 
_exptl_crystal_grow.temp            291 
_exptl_crystal_grow.pdbx_details    
'30% PEG-1500, 0.2M sodium chloride, 0.1M HEPES, pH 7.5, vapor diffusion, sitting drop, temperature 291K' 
_exptl_crystal_grow.temp_details    ? 
_exptl_crystal_grow.pdbx_pH_range   ? 
# 
loop_
_diffrn.id 
_diffrn.ambient_temp 
_diffrn.ambient_temp_details 
_diffrn.crystal_id 
2 100 ? 1 
1 100 ? 1 
# 
loop_
_diffrn_detector.diffrn_id 
_diffrn_detector.detector 
_diffrn_detector.type 
_diffrn_detector.pdbx_collection_date 
_diffrn_detector.details 
1 CCD           'ADSC QUANTUM 315' 2010-06-17 ? 
2 'IMAGE PLATE' 'RIGAKU RAXIS'     2010-06-13 ? 
# 
loop_
_diffrn_radiation.diffrn_id 
_diffrn_radiation.pdbx_diffrn_protocol 
_diffrn_radiation.monochromator 
_diffrn_radiation.wavelength_id 
_diffrn_radiation.pdbx_monochromatic_or_laue_m_l 
_diffrn_radiation.pdbx_scattering_type 
2 'SINGLE WAVELENGTH' ? 1 M x-ray 
1 'SINGLE WAVELENGTH' ? 1 M x-ray 
# 
loop_
_diffrn_radiation_wavelength.id 
_diffrn_radiation_wavelength.wavelength 
_diffrn_radiation_wavelength.wt 
1 0.97904 1.0 
2 1.5418  1.0 
# 
loop_
_diffrn_source.diffrn_id 
_diffrn_source.source 
_diffrn_source.type 
_diffrn_source.pdbx_wavelength_list 
_diffrn_source.pdbx_wavelength 
_diffrn_source.pdbx_synchrotron_site 
_diffrn_source.pdbx_synchrotron_beamline 
1 SYNCHROTRON      'APS BEAMLINE 19-ID' 0.97904 ? APS 19-ID 
2 'ROTATING ANODE' 'RIGAKU FR-E DW'     1.5418  ? ?   ?     
# 
_reflns.entry_id                     3O46 
_reflns.d_resolution_high            1.300 
_reflns.d_resolution_low             40.000 
_reflns.number_obs                   28982 
_reflns.pdbx_Rmerge_I_obs            0.041 
_reflns.pdbx_netI_over_sigmaI        14.600 
_reflns.pdbx_chi_squared             1.566 
_reflns.pdbx_redundancy              5.600 
_reflns.percent_possible_obs         99.800 
_reflns.observed_criterion_sigma_F   ? 
_reflns.observed_criterion_sigma_I   ? 
_reflns.number_all                   ? 
_reflns.pdbx_Rsym_value              ? 
_reflns.B_iso_Wilson_estimate        ? 
_reflns.R_free_details               ? 
_reflns.limit_h_max                  ? 
_reflns.limit_h_min                  ? 
_reflns.limit_k_max                  ? 
_reflns.limit_k_min                  ? 
_reflns.limit_l_max                  ? 
_reflns.limit_l_min                  ? 
_reflns.observed_criterion_F_max     ? 
_reflns.observed_criterion_F_min     ? 
_reflns.pdbx_scaling_rejects         ? 
_reflns.pdbx_diffrn_id               2,1 
_reflns.pdbx_ordinal                 1 
# 
loop_
_reflns_shell.d_res_high 
_reflns_shell.d_res_low 
_reflns_shell.number_measured_obs 
_reflns_shell.number_measured_all 
_reflns_shell.number_unique_obs 
_reflns_shell.Rmerge_I_obs 
_reflns_shell.meanI_over_sigI_obs 
_reflns_shell.pdbx_Rsym_value 
_reflns_shell.pdbx_chi_squared 
_reflns_shell.pdbx_redundancy 
_reflns_shell.percent_possible_obs 
_reflns_shell.number_unique_all 
_reflns_shell.percent_possible_all 
_reflns_shell.pdbx_diffrn_id 
_reflns_shell.pdbx_ordinal 
1.300 1.320  ? ? ? 0.751 ? ? 1.660 5.500 ? 2847 100.000 ? 1  
1.320 1.350  ? ? ? 0.663 ? ? 1.599 5.500 ? 2815 99.800  ? 2  
1.350 1.370  ? ? ? 0.522 ? ? 1.610 5.500 ? 2882 99.900  ? 3  
1.370 1.400  ? ? ? 0.421 ? ? 1.514 5.500 ? 2844 100.000 ? 4  
1.400 1.430  ? ? ? 0.369 ? ? 1.491 5.500 ? 2821 99.900  ? 5  
1.430 1.460  ? ? ? 0.320 ? ? 1.453 5.600 ? 2850 99.900  ? 6  
1.460 1.500  ? ? ? 0.231 ? ? 1.410 5.600 ? 2899 99.900  ? 7  
1.500 1.540  ? ? ? 0.189 ? ? 1.430 5.600 ? 2812 100.000 ? 8  
1.540 1.590  ? ? ? 0.159 ? ? 1.419 5.600 ? 2852 100.000 ? 9  
1.590 1.640  ? ? ? 0.128 ? ? 1.389 5.600 ? 2801 100.000 ? 10 
1.640 1.700  ? ? ? 0.101 ? ? 1.441 5.600 ? 2904 100.000 ? 11 
1.700 1.760  ? ? ? 0.084 ? ? 1.409 5.600 ? 2837 100.000 ? 12 
1.760 1.840  ? ? ? 0.068 ? ? 1.459 5.700 ? 2877 100.000 ? 13 
1.840 1.940  ? ? ? 0.054 ? ? 1.587 5.700 ? 2835 100.000 ? 14 
1.940 2.060  ? ? ? 0.053 ? ? 2.031 5.700 ? 2809 100.000 ? 15 
2.060 2.220  ? ? ? 0.049 ? ? 2.329 5.600 ? 2885 100.000 ? 16 
2.220 2.450  ? ? ? 0.040 ? ? 1.918 5.600 ? 2849 100.000 ? 17 
2.450 2.800  ? ? ? 0.030 ? ? 1.429 5.500 ? 2865 100.000 ? 18 
2.800 3.530  ? ? ? 0.027 ? ? 1.419 5.800 ? 2837 100.000 ? 19 
3.530 40.000 ? ? ? 0.025 ? ? 1.308 5.500 ? 2800 97.700  ? 20 
# 
_refine.entry_id                                 3O46 
_refine.ls_d_res_high                            1.3000 
_refine.ls_d_res_low                             33.3080 
_refine.pdbx_ls_sigma_F                          0.000 
_refine.pdbx_data_cutoff_high_absF               ? 
_refine.pdbx_data_cutoff_low_absF                ? 
_refine.ls_percent_reflns_obs                    99.8070 
_refine.ls_number_reflns_obs                     28929 
_refine.ls_number_reflns_all                     ? 
_refine.pdbx_ls_cross_valid_method               THROUGHOUT 
_refine.pdbx_R_Free_selection_details            RANDOM 
_refine.details                                  
;HYDROGENS HAVE BEEN ADDED IN THE RIDING POSITIONS U VALUES      : REFINED INDIVIDUALLY .    
The structure was originally solved using data measured with the same crystal on a copper rotating anode. The model was refined against higher resolution synchrotron data. Scaled synchrotron intensities have been deposited along with the structure factors.
;
_refine.ls_R_factor_all                          ? 
_refine.ls_R_factor_obs                          0.1840 
_refine.ls_R_factor_R_work                       0.1839 
_refine.ls_wR_factor_R_work                      0.1920 
_refine.ls_R_factor_R_free                       0.1908 
_refine.ls_wR_factor_R_free                      0.1950 
_refine.ls_percent_reflns_R_free                 5.0090 
_refine.ls_number_reflns_R_free                  1449 
_refine.ls_R_factor_R_free_error                 ? 
_refine.B_iso_mean                               12.9910 
_refine.solvent_model_param_bsol                 ? 
_refine.solvent_model_param_ksol                 ? 
_refine.pdbx_isotropic_thermal_model             ? 
_refine.aniso_B[1][1]                            0.5840 
_refine.aniso_B[2][2]                            0.5840 
_refine.aniso_B[3][3]                            -0.8760 
_refine.aniso_B[1][2]                            0.2920 
_refine.aniso_B[1][3]                            0.0000 
_refine.aniso_B[2][3]                            0.0000 
_refine.correlation_coeff_Fo_to_Fc               0.9590 
_refine.correlation_coeff_Fo_to_Fc_free          0.9580 
_refine.overall_SU_R_Cruickshank_DPI             ? 
_refine.overall_SU_R_free                        ? 
_refine.pdbx_overall_ESU_R_Free                  0.0420 
_refine.overall_SU_ML                            0.0240 
_refine.overall_SU_B                             1.1950 
_refine.solvent_model_details                    'MASK BULK SOLVENT' 
_refine.pdbx_solvent_vdw_probe_radii             1.4000 
_refine.pdbx_solvent_ion_probe_radii             0.8000 
_refine.pdbx_solvent_shrinkage_radii             0.8000 
_refine.ls_number_parameters                     ? 
_refine.ls_number_restraints                     ? 
_refine.pdbx_starting_model                      ? 
_refine.pdbx_method_to_determine_struct          SAD 
_refine.pdbx_stereochemistry_target_values       'MAXIMUM LIKELIHOOD' 
_refine.pdbx_stereochem_target_val_spec_case     ? 
_refine.overall_FOM_work_R_set                   ? 
_refine.B_iso_max                                44.670 
_refine.B_iso_min                                9.100 
_refine.occupancy_max                            1.000 
_refine.occupancy_min                            0.010 
_refine.pdbx_ls_sigma_I                          ? 
_refine.ls_redundancy_reflns_obs                 ? 
_refine.ls_R_factor_R_free_error_details         ? 
_refine.pdbx_data_cutoff_high_rms_absF           ? 
_refine.overall_FOM_free_R_set                   ? 
_refine.pdbx_overall_phase_error                 ? 
_refine.pdbx_refine_id                           'X-RAY DIFFRACTION' 
_refine.pdbx_overall_ESU_R                       0.046 
_refine.pdbx_diffrn_id                           2 
_refine.pdbx_TLS_residual_ADP_flag               ? 
_refine.pdbx_overall_SU_R_free_Cruickshank_DPI   ? 
_refine.pdbx_overall_SU_R_Blow_DPI               ? 
_refine.pdbx_overall_SU_R_free_Blow_DPI          ? 
# 
_refine_hist.pdbx_refine_id                   'X-RAY DIFFRACTION' 
_refine_hist.cycle_id                         LAST 
_refine_hist.pdbx_number_atoms_protein        617 
_refine_hist.pdbx_number_atoms_nucleic_acid   0 
_refine_hist.pdbx_number_atoms_ligand         13 
_refine_hist.number_atoms_solvent             69 
_refine_hist.number_atoms_total               699 
_refine_hist.d_res_high                       1.3000 
_refine_hist.d_res_low                        33.3080 
# 
loop_
_refine_ls_restr.type 
_refine_ls_restr.number 
_refine_ls_restr.dev_ideal 
_refine_ls_restr.dev_ideal_target 
_refine_ls_restr.weight 
_refine_ls_restr.pdbx_refine_id 
_refine_ls_restr.pdbx_restraint_function 
r_bond_refined_d       700  0.018  0.022  ? 'X-RAY DIFFRACTION' ? 
r_bond_other_d         493  0.002  0.020  ? 'X-RAY DIFFRACTION' ? 
r_angle_refined_deg    963  1.679  1.987  ? 'X-RAY DIFFRACTION' ? 
r_angle_other_deg      1231 0.921  3.000  ? 'X-RAY DIFFRACTION' ? 
r_dihedral_angle_1_deg 105  6.733  5.000  ? 'X-RAY DIFFRACTION' ? 
r_dihedral_angle_2_deg 26   36.165 25.000 ? 'X-RAY DIFFRACTION' ? 
r_dihedral_angle_3_deg 140  10.900 15.000 ? 'X-RAY DIFFRACTION' ? 
r_dihedral_angle_4_deg 5    6.682  15.000 ? 'X-RAY DIFFRACTION' ? 
r_chiral_restr         119  0.110  0.200  ? 'X-RAY DIFFRACTION' ? 
r_gen_planes_refined   792  0.008  0.021  ? 'X-RAY DIFFRACTION' ? 
r_gen_planes_other     121  0.001  0.020  ? 'X-RAY DIFFRACTION' ? 
r_mcbond_it            453  1.902  1.500  ? 'X-RAY DIFFRACTION' ? 
r_mcbond_other         185  0.565  1.500  ? 'X-RAY DIFFRACTION' ? 
r_mcangle_it           749  2.973  2.000  ? 'X-RAY DIFFRACTION' ? 
r_scbond_it            247  3.989  3.000  ? 'X-RAY DIFFRACTION' ? 
r_scangle_it           203  6.028  4.500  ? 'X-RAY DIFFRACTION' ? 
r_rigid_bond_restr     1193 1.413  3.000  ? 'X-RAY DIFFRACTION' ? 
# 
loop_
_refine_ls_shell.pdbx_total_number_of_bins_used 
_refine_ls_shell.d_res_low 
_refine_ls_shell.d_res_high 
_refine_ls_shell.number_reflns_all 
_refine_ls_shell.percent_reflns_obs 
_refine_ls_shell.number_reflns_R_work 
_refine_ls_shell.R_factor_R_work 
_refine_ls_shell.number_reflns_R_free 
_refine_ls_shell.R_factor_R_free 
_refine_ls_shell.number_reflns_obs 
_refine_ls_shell.R_factor_R_free_error 
_refine_ls_shell.percent_reflns_R_free 
_refine_ls_shell.redundancy_reflns_obs 
_refine_ls_shell.R_factor_all 
_refine_ls_shell.pdbx_refine_id 
20 1.334  1.300 2137 99.860  2020 0.217 114 0.238 . . . . . 'X-RAY DIFFRACTION' 
20 1.370  1.334 2075 100.000 1972 0.196 103 0.221 . . . . . 'X-RAY DIFFRACTION' 
20 1.410  1.370 2012 99.801  1877 0.169 131 0.164 . . . . . 'X-RAY DIFFRACTION' 
20 1.453  1.410 1964 99.898  1866 0.166 96  0.210 . . . . . 'X-RAY DIFFRACTION' 
20 1.501  1.453 1900 99.895  1785 0.145 113 0.165 . . . . . 'X-RAY DIFFRACTION' 
20 1.553  1.501 1832 99.836  1745 0.152 84  0.185 . . . . . 'X-RAY DIFFRACTION' 
20 1.612  1.553 1774 99.944  1689 0.155 84  0.207 . . . . . 'X-RAY DIFFRACTION' 
20 1.677  1.612 1725 99.884  1647 0.153 76  0.151 . . . . . 'X-RAY DIFFRACTION' 
20 1.752  1.677 1641 99.939  1565 0.158 75  0.188 . . . . . 'X-RAY DIFFRACTION' 
20 1.837  1.752 1571 99.873  1496 0.159 73  0.168 . . . . . 'X-RAY DIFFRACTION' 
20 1.936  1.837 1497 99.866  1421 0.157 74  0.206 . . . . . 'X-RAY DIFFRACTION' 
20 2.053  1.936 1399 99.857  1337 0.155 60  0.187 . . . . . 'X-RAY DIFFRACTION' 
20 2.194  2.053 1342 99.925  1257 0.155 84  0.156 . . . . . 'X-RAY DIFFRACTION' 
20 2.369  2.194 1246 100.000 1199 0.150 47  0.122 . . . . . 'X-RAY DIFFRACTION' 
20 2.594  2.369 1151 99.739  1093 0.187 55  0.203 . . . . . 'X-RAY DIFFRACTION' 
20 2.898  2.594 1045 99.904  1007 0.200 37  0.187 . . . . . 'X-RAY DIFFRACTION' 
20 3.342  2.898 909  100.000 856  0.215 53  0.192 . . . . . 'X-RAY DIFFRACTION' 
20 4.083  3.342 786  100.000 752  0.195 34  0.199 . . . . . 'X-RAY DIFFRACTION' 
20 5.731  4.083 619  99.515  581  0.196 35  0.206 . . . . . 'X-RAY DIFFRACTION' 
20 33.308 5.731 360  93.333  315  0.324 21  0.310 . . . . . 'X-RAY DIFFRACTION' 
# 
_struct.entry_id                  3O46 
_struct.title                     'Crystal structure of the PDZ domain of MPP7' 
_struct.pdbx_model_details        ? 
_struct.pdbx_CASP_flag            N 
_struct.pdbx_model_type_details   ? 
# 
_struct_keywords.entry_id        3O46 
_struct_keywords.text            'pdz domain, structural genomics consortium, SGC, PROTEIN BINDING' 
_struct_keywords.pdbx_keywords   'PROTEIN BINDING' 
# 
loop_
_struct_asym.id 
_struct_asym.pdbx_blank_PDB_chainid_flag 
_struct_asym.pdbx_modified 
_struct_asym.entity_id 
_struct_asym.details 
A N N 1 ? 
B N N 2 ? 
C N N 2 ? 
D N N 2 ? 
E N N 2 ? 
F N N 2 ? 
G N N 2 ? 
H N N 2 ? 
I N N 2 ? 
J N N 2 ? 
K N N 2 ? 
L N N 2 ? 
M N N 2 ? 
N N N 2 ? 
O N N 3 ? 
# 
_struct_ref.id                         1 
_struct_ref.db_name                    UNP 
_struct_ref.db_code                    MPP7_HUMAN 
_struct_ref.pdbx_db_accession          Q5T2T1 
_struct_ref.entity_id                  1 
_struct_ref.pdbx_seq_one_letter_code   
;DSVKIIRLVKNREPLGATIKKDEQTGAIIVARIMRGGAADRSGLIHVGDELREVNGIPVEDKRPEEIIQILAQSQGAITF
KIIPGSKEETP
;
_struct_ref.pdbx_align_begin           135 
_struct_ref.pdbx_db_isoform            ? 
# 
_struct_ref_seq.align_id                      1 
_struct_ref_seq.ref_id                        1 
_struct_ref_seq.pdbx_PDB_id_code              3O46 
_struct_ref_seq.pdbx_strand_id                A 
_struct_ref_seq.seq_align_beg                 3 
_struct_ref_seq.pdbx_seq_align_beg_ins_code   ? 
_struct_ref_seq.seq_align_end                 93 
_struct_ref_seq.pdbx_seq_align_end_ins_code   ? 
_struct_ref_seq.pdbx_db_accession             Q5T2T1 
_struct_ref_seq.db_align_beg                  135 
_struct_ref_seq.pdbx_db_align_beg_ins_code    ? 
_struct_ref_seq.db_align_end                  225 
_struct_ref_seq.pdbx_db_align_end_ins_code    ? 
_struct_ref_seq.pdbx_auth_seq_align_beg       135 
_struct_ref_seq.pdbx_auth_seq_align_end       225 
# 
loop_
_struct_ref_seq_dif.align_id 
_struct_ref_seq_dif.pdbx_pdb_id_code 
_struct_ref_seq_dif.mon_id 
_struct_ref_seq_dif.pdbx_pdb_strand_id 
_struct_ref_seq_dif.seq_num 
_struct_ref_seq_dif.pdbx_pdb_ins_code 
_struct_ref_seq_dif.pdbx_seq_db_name 
_struct_ref_seq_dif.pdbx_seq_db_accession_code 
_struct_ref_seq_dif.db_mon_id 
_struct_ref_seq_dif.pdbx_seq_db_seq_num 
_struct_ref_seq_dif.details 
_struct_ref_seq_dif.pdbx_auth_seq_num 
_struct_ref_seq_dif.pdbx_ordinal 
1 3O46 GLY A 1 ? UNP Q5T2T1 ? ? 'expression tag' 133 1 
1 3O46 SER A 2 ? UNP Q5T2T1 ? ? 'expression tag' 134 2 
# 
_pdbx_struct_assembly.id                   1 
_pdbx_struct_assembly.details              software_defined_assembly 
_pdbx_struct_assembly.method_details       PISA 
_pdbx_struct_assembly.oligomeric_details   trimeric 
_pdbx_struct_assembly.oligomeric_count     3 
# 
loop_
_pdbx_struct_assembly_prop.biol_id 
_pdbx_struct_assembly_prop.type 
_pdbx_struct_assembly_prop.value 
_pdbx_struct_assembly_prop.details 
1 'ABSA (A^2)' 4210  ? 
1 MORE         -16   ? 
1 'SSA (A^2)'  11230 ? 
# 
_pdbx_struct_assembly_gen.assembly_id       1 
_pdbx_struct_assembly_gen.oper_expression   1,2,3 
_pdbx_struct_assembly_gen.asym_id_list      A,B,C,D,E,F,G,H,I,J,K,L,M,N,O 
# 
loop_
_pdbx_struct_oper_list.id 
_pdbx_struct_oper_list.type 
_pdbx_struct_oper_list.name 
_pdbx_struct_oper_list.symmetry_operation 
_pdbx_struct_oper_list.matrix[1][1] 
_pdbx_struct_oper_list.matrix[1][2] 
_pdbx_struct_oper_list.matrix[1][3] 
_pdbx_struct_oper_list.vector[1] 
_pdbx_struct_oper_list.matrix[2][1] 
_pdbx_struct_oper_list.matrix[2][2] 
_pdbx_struct_oper_list.matrix[2][3] 
_pdbx_struct_oper_list.vector[2] 
_pdbx_struct_oper_list.matrix[3][1] 
_pdbx_struct_oper_list.matrix[3][2] 
_pdbx_struct_oper_list.matrix[3][3] 
_pdbx_struct_oper_list.vector[3] 
1 'identity operation'         1_555 x,y,z        1.0000000000 0.0000000000  0.0000000000  0.0000000000  0.0000000000  1.0000000000  0.0000000000  0.0000000000   0.0000000000  0.0000000000  1.0000000000  0.0000000000   
2 'crystal symmetry operation' 2_665 -y+1,x-y+1,z 0.6668324506 0.6764421954  -0.3126666582 3.5694651464  -0.0159383359 -0.4065278506 -0.9134993575 -22.1026973657 -0.7450372154 0.6141344014  -0.2603045999 -5.9269721380  
3 'crystal symmetry operation' 3_565 -x+y,-x+1,z  0.6668324506 -0.0159383359 -0.7450372154 -7.1483302221 0.6764421954  -0.4065278506 0.6141344014  -7.7599414069  -0.3126666582 -0.9134993575 -0.2603045999 -20.6175652139 
# 
_struct_biol.id        1 
_struct_biol.details   ? 
# 
loop_
_struct_conf.conf_type_id 
_struct_conf.id 
_struct_conf.pdbx_PDB_helix_id 
_struct_conf.beg_label_comp_id 
_struct_conf.beg_label_asym_id 
_struct_conf.beg_label_seq_id 
_struct_conf.pdbx_beg_PDB_ins_code 
_struct_conf.end_label_comp_id 
_struct_conf.end_label_asym_id 
_struct_conf.end_label_seq_id 
_struct_conf.pdbx_end_PDB_ins_code 
_struct_conf.beg_auth_comp_id 
_struct_conf.beg_auth_asym_id 
_struct_conf.beg_auth_seq_id 
_struct_conf.end_auth_comp_id 
_struct_conf.end_auth_asym_id 
_struct_conf.end_auth_seq_id 
_struct_conf.pdbx_PDB_helix_class 
_struct_conf.details 
_struct_conf.pdbx_PDB_helix_length 
HELX_P HELX_P1 1 GLY A 39 ? GLY A 45 ? GLY A 171 GLY A 177 1 ? 7  
HELX_P HELX_P2 2 ARG A 65 ? SER A 76 ? ARG A 197 SER A 208 1 ? 12 
# 
_struct_conf_type.id          HELX_P 
_struct_conf_type.criteria    ? 
_struct_conf_type.reference   ? 
# 
loop_
_struct_conn.id 
_struct_conn.conn_type_id 
_struct_conn.pdbx_leaving_atom_flag 
_struct_conn.pdbx_PDB_id 
_struct_conn.ptnr1_label_asym_id 
_struct_conn.ptnr1_label_comp_id 
_struct_conn.ptnr1_label_seq_id 
_struct_conn.ptnr1_label_atom_id 
_struct_conn.pdbx_ptnr1_label_alt_id 
_struct_conn.pdbx_ptnr1_PDB_ins_code 
_struct_conn.pdbx_ptnr1_standard_comp_id 
_struct_conn.ptnr1_symmetry 
_struct_conn.ptnr2_label_asym_id 
_struct_conn.ptnr2_label_comp_id 
_struct_conn.ptnr2_label_seq_id 
_struct_conn.ptnr2_label_atom_id 
_struct_conn.pdbx_ptnr2_label_alt_id 
_struct_conn.pdbx_ptnr2_PDB_ins_code 
_struct_conn.ptnr1_auth_asym_id 
_struct_conn.ptnr1_auth_comp_id 
_struct_conn.ptnr1_auth_seq_id 
_struct_conn.ptnr2_auth_asym_id 
_struct_conn.ptnr2_auth_comp_id 
_struct_conn.ptnr2_auth_seq_id 
_struct_conn.ptnr2_symmetry 
_struct_conn.pdbx_ptnr3_label_atom_id 
_struct_conn.pdbx_ptnr3_label_seq_id 
_struct_conn.pdbx_ptnr3_label_comp_id 
_struct_conn.pdbx_ptnr3_label_asym_id 
_struct_conn.pdbx_ptnr3_label_alt_id 
_struct_conn.pdbx_ptnr3_PDB_ins_code 
_struct_conn.details 
_struct_conn.pdbx_dist_value 
_struct_conn.pdbx_value_order 
_struct_conn.pdbx_role 
covale1 covale both ? A ILE 35 C ? ? ? 1_555 A MSE 36 N ? ? A ILE 167 A MSE 168 1_555 ? ? ? ? ? ? ? 1.315 ? ? 
covale2 covale both ? A MSE 36 C ? ? ? 1_555 A ARG 37 N ? ? A MSE 168 A ARG 169 1_555 ? ? ? ? ? ? ? 1.342 ? ? 
# 
_struct_conn_type.id          covale 
_struct_conn_type.criteria    ? 
_struct_conn_type.reference   ? 
# 
_pdbx_modification_feature.ordinal                            1 
_pdbx_modification_feature.label_comp_id                      MSE 
_pdbx_modification_feature.label_asym_id                      A 
_pdbx_modification_feature.label_seq_id                       36 
_pdbx_modification_feature.label_alt_id                       ? 
_pdbx_modification_feature.modified_residue_label_comp_id     . 
_pdbx_modification_feature.modified_residue_label_asym_id     . 
_pdbx_modification_feature.modified_residue_label_seq_id      . 
_pdbx_modification_feature.modified_residue_label_alt_id      . 
_pdbx_modification_feature.auth_comp_id                       MSE 
_pdbx_modification_feature.auth_asym_id                       A 
_pdbx_modification_feature.auth_seq_id                        168 
_pdbx_modification_feature.PDB_ins_code                       ? 
_pdbx_modification_feature.symmetry                           1_555 
_pdbx_modification_feature.modified_residue_auth_comp_id      . 
_pdbx_modification_feature.modified_residue_auth_asym_id      . 
_pdbx_modification_feature.modified_residue_auth_seq_id       . 
_pdbx_modification_feature.modified_residue_PDB_ins_code      . 
_pdbx_modification_feature.modified_residue_symmetry          . 
_pdbx_modification_feature.comp_id_linking_atom               . 
_pdbx_modification_feature.modified_residue_id_linking_atom   . 
_pdbx_modification_feature.modified_residue_id                MET 
_pdbx_modification_feature.ref_pcm_id                         1 
_pdbx_modification_feature.ref_comp_id                        MSE 
_pdbx_modification_feature.type                               Selenomethionine 
_pdbx_modification_feature.category                           'Named protein modification' 
# 
loop_
_struct_sheet.id 
_struct_sheet.type 
_struct_sheet.number_strands 
_struct_sheet.details 
A ? 5 ? 
B ? 4 ? 
# 
loop_
_struct_sheet_order.sheet_id 
_struct_sheet_order.range_id_1 
_struct_sheet_order.range_id_2 
_struct_sheet_order.offset 
_struct_sheet_order.sense 
A 1 2 ? anti-parallel 
A 2 3 ? anti-parallel 
A 3 4 ? anti-parallel 
A 4 5 ? anti-parallel 
B 1 2 ? anti-parallel 
B 2 3 ? anti-parallel 
B 3 4 ? anti-parallel 
# 
loop_
_struct_sheet_range.sheet_id 
_struct_sheet_range.id 
_struct_sheet_range.beg_label_comp_id 
_struct_sheet_range.beg_label_asym_id 
_struct_sheet_range.beg_label_seq_id 
_struct_sheet_range.pdbx_beg_PDB_ins_code 
_struct_sheet_range.end_label_comp_id 
_struct_sheet_range.end_label_asym_id 
_struct_sheet_range.end_label_seq_id 
_struct_sheet_range.pdbx_end_PDB_ins_code 
_struct_sheet_range.beg_auth_comp_id 
_struct_sheet_range.beg_auth_asym_id 
_struct_sheet_range.beg_auth_seq_id 
_struct_sheet_range.end_auth_comp_id 
_struct_sheet_range.end_auth_asym_id 
_struct_sheet_range.end_auth_seq_id 
A 1 LYS A 6  ? LYS A 12 ? LYS A 138 LYS A 144 
A 2 GLY A 78 ? ILE A 85 ? GLY A 210 ILE A 217 
A 3 GLU A 52 ? VAL A 56 ? GLU A 184 VAL A 188 
A 4 ILE A 30 ? ILE A 35 ? ILE A 162 ILE A 167 
A 5 ALA A 19 ? LYS A 23 ? ALA A 151 LYS A 155 
B 1 LYS A 6  ? LYS A 12 ? LYS A 138 LYS A 144 
B 2 GLY A 78 ? ILE A 85 ? GLY A 210 ILE A 217 
B 3 GLU A 52 ? VAL A 56 ? GLU A 184 VAL A 188 
B 4 ILE A 59 ? PRO A 60 ? ILE A 191 PRO A 192 
# 
loop_
_pdbx_struct_sheet_hbond.sheet_id 
_pdbx_struct_sheet_hbond.range_id_1 
_pdbx_struct_sheet_hbond.range_id_2 
_pdbx_struct_sheet_hbond.range_1_label_atom_id 
_pdbx_struct_sheet_hbond.range_1_label_comp_id 
_pdbx_struct_sheet_hbond.range_1_label_asym_id 
_pdbx_struct_sheet_hbond.range_1_label_seq_id 
_pdbx_struct_sheet_hbond.range_1_PDB_ins_code 
_pdbx_struct_sheet_hbond.range_1_auth_atom_id 
_pdbx_struct_sheet_hbond.range_1_auth_comp_id 
_pdbx_struct_sheet_hbond.range_1_auth_asym_id 
_pdbx_struct_sheet_hbond.range_1_auth_seq_id 
_pdbx_struct_sheet_hbond.range_2_label_atom_id 
_pdbx_struct_sheet_hbond.range_2_label_comp_id 
_pdbx_struct_sheet_hbond.range_2_label_asym_id 
_pdbx_struct_sheet_hbond.range_2_label_seq_id 
_pdbx_struct_sheet_hbond.range_2_PDB_ins_code 
_pdbx_struct_sheet_hbond.range_2_auth_atom_id 
_pdbx_struct_sheet_hbond.range_2_auth_comp_id 
_pdbx_struct_sheet_hbond.range_2_auth_asym_id 
_pdbx_struct_sheet_hbond.range_2_auth_seq_id 
A 1 2 N LEU A 10 ? N LEU A 142 O ILE A 80 ? O ILE A 212 
A 2 3 O LYS A 83 ? O LYS A 215 N ARG A 54 ? N ARG A 186 
A 3 4 O LEU A 53 ? O LEU A 185 N ILE A 30 ? N ILE A 162 
A 4 5 O ALA A 33 ? O ALA A 165 N THR A 20 ? N THR A 152 
B 1 2 N LEU A 10 ? N LEU A 142 O ILE A 80 ? O ILE A 212 
B 2 3 O LYS A 83 ? O LYS A 215 N ARG A 54 ? N ARG A 186 
B 3 4 N VAL A 56 ? N VAL A 188 O ILE A 59 ? O ILE A 191 
# 
_pdbx_entry_details.entry_id                   3O46 
_pdbx_entry_details.compound_details           ? 
_pdbx_entry_details.source_details             ? 
_pdbx_entry_details.nonpolymer_details         ? 
_pdbx_entry_details.sequence_details           ? 
_pdbx_entry_details.has_ligand_of_interest     ? 
_pdbx_entry_details.has_protein_modification   Y 
# 
_pdbx_validate_peptide_omega.id               1 
_pdbx_validate_peptide_omega.PDB_model_num    1 
_pdbx_validate_peptide_omega.auth_comp_id_1   VAL 
_pdbx_validate_peptide_omega.auth_asym_id_1   A 
_pdbx_validate_peptide_omega.auth_seq_id_1    193 
_pdbx_validate_peptide_omega.PDB_ins_code_1   ? 
_pdbx_validate_peptide_omega.label_alt_id_1   ? 
_pdbx_validate_peptide_omega.auth_comp_id_2   GLU 
_pdbx_validate_peptide_omega.auth_asym_id_2   A 
_pdbx_validate_peptide_omega.auth_seq_id_2    194 
_pdbx_validate_peptide_omega.PDB_ins_code_2   ? 
_pdbx_validate_peptide_omega.label_alt_id_2   ? 
_pdbx_validate_peptide_omega.omega            -149.07 
# 
_pdbx_SG_project.id                    1 
_pdbx_SG_project.project_name          ? 
_pdbx_SG_project.full_name_of_center   'Structural Genomics Consortium' 
_pdbx_SG_project.initial_of_center     SGC 
# 
_pdbx_struct_mod_residue.id               1 
_pdbx_struct_mod_residue.label_asym_id    A 
_pdbx_struct_mod_residue.label_comp_id    MSE 
_pdbx_struct_mod_residue.label_seq_id     36 
_pdbx_struct_mod_residue.auth_asym_id     A 
_pdbx_struct_mod_residue.auth_comp_id     MSE 
_pdbx_struct_mod_residue.auth_seq_id      168 
_pdbx_struct_mod_residue.PDB_ins_code     ? 
_pdbx_struct_mod_residue.parent_comp_id   MET 
_pdbx_struct_mod_residue.details          SELENOMETHIONINE 
# 
loop_
_pdbx_struct_special_symmetry.id 
_pdbx_struct_special_symmetry.PDB_model_num 
_pdbx_struct_special_symmetry.auth_asym_id 
_pdbx_struct_special_symmetry.auth_comp_id 
_pdbx_struct_special_symmetry.auth_seq_id 
_pdbx_struct_special_symmetry.PDB_ins_code 
_pdbx_struct_special_symmetry.label_asym_id 
_pdbx_struct_special_symmetry.label_comp_id 
_pdbx_struct_special_symmetry.label_seq_id 
1 1 A HOH 30 ? O HOH . 
2 1 A HOH 31 ? O HOH . 
3 1 A HOH 33 ? O HOH . 
4 1 A HOH 49 ? O HOH . 
# 
loop_
_pdbx_unobs_or_zero_occ_residues.id 
_pdbx_unobs_or_zero_occ_residues.PDB_model_num 
_pdbx_unobs_or_zero_occ_residues.polymer_flag 
_pdbx_unobs_or_zero_occ_residues.occupancy_flag 
_pdbx_unobs_or_zero_occ_residues.auth_asym_id 
_pdbx_unobs_or_zero_occ_residues.auth_comp_id 
_pdbx_unobs_or_zero_occ_residues.auth_seq_id 
_pdbx_unobs_or_zero_occ_residues.PDB_ins_code 
_pdbx_unobs_or_zero_occ_residues.label_asym_id 
_pdbx_unobs_or_zero_occ_residues.label_comp_id 
_pdbx_unobs_or_zero_occ_residues.label_seq_id 
1 1 Y 1 A GLY 133 ? A GLY 1  
2 1 Y 1 A SER 134 ? A SER 2  
3 1 Y 1 A ASP 135 ? A ASP 3  
4 1 Y 1 A SER 220 ? A SER 88 
5 1 Y 1 A LYS 221 ? A LYS 89 
6 1 Y 1 A GLU 222 ? A GLU 90 
7 1 Y 1 A GLU 223 ? A GLU 91 
8 1 Y 1 A THR 224 ? A THR 92 
9 1 Y 1 A PRO 225 ? A PRO 93 
# 
loop_
_chem_comp_atom.comp_id 
_chem_comp_atom.atom_id 
_chem_comp_atom.type_symbol 
_chem_comp_atom.pdbx_aromatic_flag 
_chem_comp_atom.pdbx_stereo_config 
_chem_comp_atom.pdbx_ordinal 
ALA N    N  N N 1   
ALA CA   C  N S 2   
ALA C    C  N N 3   
ALA O    O  N N 4   
ALA CB   C  N N 5   
ALA OXT  O  N N 6   
ALA H    H  N N 7   
ALA H2   H  N N 8   
ALA HA   H  N N 9   
ALA HB1  H  N N 10  
ALA HB2  H  N N 11  
ALA HB3  H  N N 12  
ALA HXT  H  N N 13  
ARG N    N  N N 14  
ARG CA   C  N S 15  
ARG C    C  N N 16  
ARG O    O  N N 17  
ARG CB   C  N N 18  
ARG CG   C  N N 19  
ARG CD   C  N N 20  
ARG NE   N  N N 21  
ARG CZ   C  N N 22  
ARG NH1  N  N N 23  
ARG NH2  N  N N 24  
ARG OXT  O  N N 25  
ARG H    H  N N 26  
ARG H2   H  N N 27  
ARG HA   H  N N 28  
ARG HB2  H  N N 29  
ARG HB3  H  N N 30  
ARG HG2  H  N N 31  
ARG HG3  H  N N 32  
ARG HD2  H  N N 33  
ARG HD3  H  N N 34  
ARG HE   H  N N 35  
ARG HH11 H  N N 36  
ARG HH12 H  N N 37  
ARG HH21 H  N N 38  
ARG HH22 H  N N 39  
ARG HXT  H  N N 40  
ASN N    N  N N 41  
ASN CA   C  N S 42  
ASN C    C  N N 43  
ASN O    O  N N 44  
ASN CB   C  N N 45  
ASN CG   C  N N 46  
ASN OD1  O  N N 47  
ASN ND2  N  N N 48  
ASN OXT  O  N N 49  
ASN H    H  N N 50  
ASN H2   H  N N 51  
ASN HA   H  N N 52  
ASN HB2  H  N N 53  
ASN HB3  H  N N 54  
ASN HD21 H  N N 55  
ASN HD22 H  N N 56  
ASN HXT  H  N N 57  
ASP N    N  N N 58  
ASP CA   C  N S 59  
ASP C    C  N N 60  
ASP O    O  N N 61  
ASP CB   C  N N 62  
ASP CG   C  N N 63  
ASP OD1  O  N N 64  
ASP OD2  O  N N 65  
ASP OXT  O  N N 66  
ASP H    H  N N 67  
ASP H2   H  N N 68  
ASP HA   H  N N 69  
ASP HB2  H  N N 70  
ASP HB3  H  N N 71  
ASP HD2  H  N N 72  
ASP HXT  H  N N 73  
GLN N    N  N N 74  
GLN CA   C  N S 75  
GLN C    C  N N 76  
GLN O    O  N N 77  
GLN CB   C  N N 78  
GLN CG   C  N N 79  
GLN CD   C  N N 80  
GLN OE1  O  N N 81  
GLN NE2  N  N N 82  
GLN OXT  O  N N 83  
GLN H    H  N N 84  
GLN H2   H  N N 85  
GLN HA   H  N N 86  
GLN HB2  H  N N 87  
GLN HB3  H  N N 88  
GLN HG2  H  N N 89  
GLN HG3  H  N N 90  
GLN HE21 H  N N 91  
GLN HE22 H  N N 92  
GLN HXT  H  N N 93  
GLU N    N  N N 94  
GLU CA   C  N S 95  
GLU C    C  N N 96  
GLU O    O  N N 97  
GLU CB   C  N N 98  
GLU CG   C  N N 99  
GLU CD   C  N N 100 
GLU OE1  O  N N 101 
GLU OE2  O  N N 102 
GLU OXT  O  N N 103 
GLU H    H  N N 104 
GLU H2   H  N N 105 
GLU HA   H  N N 106 
GLU HB2  H  N N 107 
GLU HB3  H  N N 108 
GLU HG2  H  N N 109 
GLU HG3  H  N N 110 
GLU HE2  H  N N 111 
GLU HXT  H  N N 112 
GLY N    N  N N 113 
GLY CA   C  N N 114 
GLY C    C  N N 115 
GLY O    O  N N 116 
GLY OXT  O  N N 117 
GLY H    H  N N 118 
GLY H2   H  N N 119 
GLY HA2  H  N N 120 
GLY HA3  H  N N 121 
GLY HXT  H  N N 122 
HIS N    N  N N 123 
HIS CA   C  N S 124 
HIS C    C  N N 125 
HIS O    O  N N 126 
HIS CB   C  N N 127 
HIS CG   C  Y N 128 
HIS ND1  N  Y N 129 
HIS CD2  C  Y N 130 
HIS CE1  C  Y N 131 
HIS NE2  N  Y N 132 
HIS OXT  O  N N 133 
HIS H    H  N N 134 
HIS H2   H  N N 135 
HIS HA   H  N N 136 
HIS HB2  H  N N 137 
HIS HB3  H  N N 138 
HIS HD1  H  N N 139 
HIS HD2  H  N N 140 
HIS HE1  H  N N 141 
HIS HE2  H  N N 142 
HIS HXT  H  N N 143 
HOH O    O  N N 144 
HOH H1   H  N N 145 
HOH H2   H  N N 146 
ILE N    N  N N 147 
ILE CA   C  N S 148 
ILE C    C  N N 149 
ILE O    O  N N 150 
ILE CB   C  N S 151 
ILE CG1  C  N N 152 
ILE CG2  C  N N 153 
ILE CD1  C  N N 154 
ILE OXT  O  N N 155 
ILE H    H  N N 156 
ILE H2   H  N N 157 
ILE HA   H  N N 158 
ILE HB   H  N N 159 
ILE HG12 H  N N 160 
ILE HG13 H  N N 161 
ILE HG21 H  N N 162 
ILE HG22 H  N N 163 
ILE HG23 H  N N 164 
ILE HD11 H  N N 165 
ILE HD12 H  N N 166 
ILE HD13 H  N N 167 
ILE HXT  H  N N 168 
LEU N    N  N N 169 
LEU CA   C  N S 170 
LEU C    C  N N 171 
LEU O    O  N N 172 
LEU CB   C  N N 173 
LEU CG   C  N N 174 
LEU CD1  C  N N 175 
LEU CD2  C  N N 176 
LEU OXT  O  N N 177 
LEU H    H  N N 178 
LEU H2   H  N N 179 
LEU HA   H  N N 180 
LEU HB2  H  N N 181 
LEU HB3  H  N N 182 
LEU HG   H  N N 183 
LEU HD11 H  N N 184 
LEU HD12 H  N N 185 
LEU HD13 H  N N 186 
LEU HD21 H  N N 187 
LEU HD22 H  N N 188 
LEU HD23 H  N N 189 
LEU HXT  H  N N 190 
LYS N    N  N N 191 
LYS CA   C  N S 192 
LYS C    C  N N 193 
LYS O    O  N N 194 
LYS CB   C  N N 195 
LYS CG   C  N N 196 
LYS CD   C  N N 197 
LYS CE   C  N N 198 
LYS NZ   N  N N 199 
LYS OXT  O  N N 200 
LYS H    H  N N 201 
LYS H2   H  N N 202 
LYS HA   H  N N 203 
LYS HB2  H  N N 204 
LYS HB3  H  N N 205 
LYS HG2  H  N N 206 
LYS HG3  H  N N 207 
LYS HD2  H  N N 208 
LYS HD3  H  N N 209 
LYS HE2  H  N N 210 
LYS HE3  H  N N 211 
LYS HZ1  H  N N 212 
LYS HZ2  H  N N 213 
LYS HZ3  H  N N 214 
LYS HXT  H  N N 215 
MSE N    N  N N 216 
MSE CA   C  N S 217 
MSE C    C  N N 218 
MSE O    O  N N 219 
MSE OXT  O  N N 220 
MSE CB   C  N N 221 
MSE CG   C  N N 222 
MSE SE   SE N N 223 
MSE CE   C  N N 224 
MSE H    H  N N 225 
MSE H2   H  N N 226 
MSE HA   H  N N 227 
MSE HXT  H  N N 228 
MSE HB2  H  N N 229 
MSE HB3  H  N N 230 
MSE HG2  H  N N 231 
MSE HG3  H  N N 232 
MSE HE1  H  N N 233 
MSE HE2  H  N N 234 
MSE HE3  H  N N 235 
PHE N    N  N N 236 
PHE CA   C  N S 237 
PHE C    C  N N 238 
PHE O    O  N N 239 
PHE CB   C  N N 240 
PHE CG   C  Y N 241 
PHE CD1  C  Y N 242 
PHE CD2  C  Y N 243 
PHE CE1  C  Y N 244 
PHE CE2  C  Y N 245 
PHE CZ   C  Y N 246 
PHE OXT  O  N N 247 
PHE H    H  N N 248 
PHE H2   H  N N 249 
PHE HA   H  N N 250 
PHE HB2  H  N N 251 
PHE HB3  H  N N 252 
PHE HD1  H  N N 253 
PHE HD2  H  N N 254 
PHE HE1  H  N N 255 
PHE HE2  H  N N 256 
PHE HZ   H  N N 257 
PHE HXT  H  N N 258 
PRO N    N  N N 259 
PRO CA   C  N S 260 
PRO C    C  N N 261 
PRO O    O  N N 262 
PRO CB   C  N N 263 
PRO CG   C  N N 264 
PRO CD   C  N N 265 
PRO OXT  O  N N 266 
PRO H    H  N N 267 
PRO HA   H  N N 268 
PRO HB2  H  N N 269 
PRO HB3  H  N N 270 
PRO HG2  H  N N 271 
PRO HG3  H  N N 272 
PRO HD2  H  N N 273 
PRO HD3  H  N N 274 
PRO HXT  H  N N 275 
SER N    N  N N 276 
SER CA   C  N S 277 
SER C    C  N N 278 
SER O    O  N N 279 
SER CB   C  N N 280 
SER OG   O  N N 281 
SER OXT  O  N N 282 
SER H    H  N N 283 
SER H2   H  N N 284 
SER HA   H  N N 285 
SER HB2  H  N N 286 
SER HB3  H  N N 287 
SER HG   H  N N 288 
SER HXT  H  N N 289 
THR N    N  N N 290 
THR CA   C  N S 291 
THR C    C  N N 292 
THR O    O  N N 293 
THR CB   C  N R 294 
THR OG1  O  N N 295 
THR CG2  C  N N 296 
THR OXT  O  N N 297 
THR H    H  N N 298 
THR H2   H  N N 299 
THR HA   H  N N 300 
THR HB   H  N N 301 
THR HG1  H  N N 302 
THR HG21 H  N N 303 
THR HG22 H  N N 304 
THR HG23 H  N N 305 
THR HXT  H  N N 306 
VAL N    N  N N 307 
VAL CA   C  N S 308 
VAL C    C  N N 309 
VAL O    O  N N 310 
VAL CB   C  N N 311 
VAL CG1  C  N N 312 
VAL CG2  C  N N 313 
VAL OXT  O  N N 314 
VAL H    H  N N 315 
VAL H2   H  N N 316 
VAL HA   H  N N 317 
VAL HB   H  N N 318 
VAL HG11 H  N N 319 
VAL HG12 H  N N 320 
VAL HG13 H  N N 321 
VAL HG21 H  N N 322 
VAL HG22 H  N N 323 
VAL HG23 H  N N 324 
VAL HXT  H  N N 325 
# 
loop_
_chem_comp_bond.comp_id 
_chem_comp_bond.atom_id_1 
_chem_comp_bond.atom_id_2 
_chem_comp_bond.value_order 
_chem_comp_bond.pdbx_aromatic_flag 
_chem_comp_bond.pdbx_stereo_config 
_chem_comp_bond.pdbx_ordinal 
ALA N   CA   sing N N 1   
ALA N   H    sing N N 2   
ALA N   H2   sing N N 3   
ALA CA  C    sing N N 4   
ALA CA  CB   sing N N 5   
ALA CA  HA   sing N N 6   
ALA C   O    doub N N 7   
ALA C   OXT  sing N N 8   
ALA CB  HB1  sing N N 9   
ALA CB  HB2  sing N N 10  
ALA CB  HB3  sing N N 11  
ALA OXT HXT  sing N N 12  
ARG N   CA   sing N N 13  
ARG N   H    sing N N 14  
ARG N   H2   sing N N 15  
ARG CA  C    sing N N 16  
ARG CA  CB   sing N N 17  
ARG CA  HA   sing N N 18  
ARG C   O    doub N N 19  
ARG C   OXT  sing N N 20  
ARG CB  CG   sing N N 21  
ARG CB  HB2  sing N N 22  
ARG CB  HB3  sing N N 23  
ARG CG  CD   sing N N 24  
ARG CG  HG2  sing N N 25  
ARG CG  HG3  sing N N 26  
ARG CD  NE   sing N N 27  
ARG CD  HD2  sing N N 28  
ARG CD  HD3  sing N N 29  
ARG NE  CZ   sing N N 30  
ARG NE  HE   sing N N 31  
ARG CZ  NH1  sing N N 32  
ARG CZ  NH2  doub N N 33  
ARG NH1 HH11 sing N N 34  
ARG NH1 HH12 sing N N 35  
ARG NH2 HH21 sing N N 36  
ARG NH2 HH22 sing N N 37  
ARG OXT HXT  sing N N 38  
ASN N   CA   sing N N 39  
ASN N   H    sing N N 40  
ASN N   H2   sing N N 41  
ASN CA  C    sing N N 42  
ASN CA  CB   sing N N 43  
ASN CA  HA   sing N N 44  
ASN C   O    doub N N 45  
ASN C   OXT  sing N N 46  
ASN CB  CG   sing N N 47  
ASN CB  HB2  sing N N 48  
ASN CB  HB3  sing N N 49  
ASN CG  OD1  doub N N 50  
ASN CG  ND2  sing N N 51  
ASN ND2 HD21 sing N N 52  
ASN ND2 HD22 sing N N 53  
ASN OXT HXT  sing N N 54  
ASP N   CA   sing N N 55  
ASP N   H    sing N N 56  
ASP N   H2   sing N N 57  
ASP CA  C    sing N N 58  
ASP CA  CB   sing N N 59  
ASP CA  HA   sing N N 60  
ASP C   O    doub N N 61  
ASP C   OXT  sing N N 62  
ASP CB  CG   sing N N 63  
ASP CB  HB2  sing N N 64  
ASP CB  HB3  sing N N 65  
ASP CG  OD1  doub N N 66  
ASP CG  OD2  sing N N 67  
ASP OD2 HD2  sing N N 68  
ASP OXT HXT  sing N N 69  
GLN N   CA   sing N N 70  
GLN N   H    sing N N 71  
GLN N   H2   sing N N 72  
GLN CA  C    sing N N 73  
GLN CA  CB   sing N N 74  
GLN CA  HA   sing N N 75  
GLN C   O    doub N N 76  
GLN C   OXT  sing N N 77  
GLN CB  CG   sing N N 78  
GLN CB  HB2  sing N N 79  
GLN CB  HB3  sing N N 80  
GLN CG  CD   sing N N 81  
GLN CG  HG2  sing N N 82  
GLN CG  HG3  sing N N 83  
GLN CD  OE1  doub N N 84  
GLN CD  NE2  sing N N 85  
GLN NE2 HE21 sing N N 86  
GLN NE2 HE22 sing N N 87  
GLN OXT HXT  sing N N 88  
GLU N   CA   sing N N 89  
GLU N   H    sing N N 90  
GLU N   H2   sing N N 91  
GLU CA  C    sing N N 92  
GLU CA  CB   sing N N 93  
GLU CA  HA   sing N N 94  
GLU C   O    doub N N 95  
GLU C   OXT  sing N N 96  
GLU CB  CG   sing N N 97  
GLU CB  HB2  sing N N 98  
GLU CB  HB3  sing N N 99  
GLU CG  CD   sing N N 100 
GLU CG  HG2  sing N N 101 
GLU CG  HG3  sing N N 102 
GLU CD  OE1  doub N N 103 
GLU CD  OE2  sing N N 104 
GLU OE2 HE2  sing N N 105 
GLU OXT HXT  sing N N 106 
GLY N   CA   sing N N 107 
GLY N   H    sing N N 108 
GLY N   H2   sing N N 109 
GLY CA  C    sing N N 110 
GLY CA  HA2  sing N N 111 
GLY CA  HA3  sing N N 112 
GLY C   O    doub N N 113 
GLY C   OXT  sing N N 114 
GLY OXT HXT  sing N N 115 
HIS N   CA   sing N N 116 
HIS N   H    sing N N 117 
HIS N   H2   sing N N 118 
HIS CA  C    sing N N 119 
HIS CA  CB   sing N N 120 
HIS CA  HA   sing N N 121 
HIS C   O    doub N N 122 
HIS C   OXT  sing N N 123 
HIS CB  CG   sing N N 124 
HIS CB  HB2  sing N N 125 
HIS CB  HB3  sing N N 126 
HIS CG  ND1  sing Y N 127 
HIS CG  CD2  doub Y N 128 
HIS ND1 CE1  doub Y N 129 
HIS ND1 HD1  sing N N 130 
HIS CD2 NE2  sing Y N 131 
HIS CD2 HD2  sing N N 132 
HIS CE1 NE2  sing Y N 133 
HIS CE1 HE1  sing N N 134 
HIS NE2 HE2  sing N N 135 
HIS OXT HXT  sing N N 136 
HOH O   H1   sing N N 137 
HOH O   H2   sing N N 138 
ILE N   CA   sing N N 139 
ILE N   H    sing N N 140 
ILE N   H2   sing N N 141 
ILE CA  C    sing N N 142 
ILE CA  CB   sing N N 143 
ILE CA  HA   sing N N 144 
ILE C   O    doub N N 145 
ILE C   OXT  sing N N 146 
ILE CB  CG1  sing N N 147 
ILE CB  CG2  sing N N 148 
ILE CB  HB   sing N N 149 
ILE CG1 CD1  sing N N 150 
ILE CG1 HG12 sing N N 151 
ILE CG1 HG13 sing N N 152 
ILE CG2 HG21 sing N N 153 
ILE CG2 HG22 sing N N 154 
ILE CG2 HG23 sing N N 155 
ILE CD1 HD11 sing N N 156 
ILE CD1 HD12 sing N N 157 
ILE CD1 HD13 sing N N 158 
ILE OXT HXT  sing N N 159 
LEU N   CA   sing N N 160 
LEU N   H    sing N N 161 
LEU N   H2   sing N N 162 
LEU CA  C    sing N N 163 
LEU CA  CB   sing N N 164 
LEU CA  HA   sing N N 165 
LEU C   O    doub N N 166 
LEU C   OXT  sing N N 167 
LEU CB  CG   sing N N 168 
LEU CB  HB2  sing N N 169 
LEU CB  HB3  sing N N 170 
LEU CG  CD1  sing N N 171 
LEU CG  CD2  sing N N 172 
LEU CG  HG   sing N N 173 
LEU CD1 HD11 sing N N 174 
LEU CD1 HD12 sing N N 175 
LEU CD1 HD13 sing N N 176 
LEU CD2 HD21 sing N N 177 
LEU CD2 HD22 sing N N 178 
LEU CD2 HD23 sing N N 179 
LEU OXT HXT  sing N N 180 
LYS N   CA   sing N N 181 
LYS N   H    sing N N 182 
LYS N   H2   sing N N 183 
LYS CA  C    sing N N 184 
LYS CA  CB   sing N N 185 
LYS CA  HA   sing N N 186 
LYS C   O    doub N N 187 
LYS C   OXT  sing N N 188 
LYS CB  CG   sing N N 189 
LYS CB  HB2  sing N N 190 
LYS CB  HB3  sing N N 191 
LYS CG  CD   sing N N 192 
LYS CG  HG2  sing N N 193 
LYS CG  HG3  sing N N 194 
LYS CD  CE   sing N N 195 
LYS CD  HD2  sing N N 196 
LYS CD  HD3  sing N N 197 
LYS CE  NZ   sing N N 198 
LYS CE  HE2  sing N N 199 
LYS CE  HE3  sing N N 200 
LYS NZ  HZ1  sing N N 201 
LYS NZ  HZ2  sing N N 202 
LYS NZ  HZ3  sing N N 203 
LYS OXT HXT  sing N N 204 
MSE N   CA   sing N N 205 
MSE N   H    sing N N 206 
MSE N   H2   sing N N 207 
MSE CA  C    sing N N 208 
MSE CA  CB   sing N N 209 
MSE CA  HA   sing N N 210 
MSE C   O    doub N N 211 
MSE C   OXT  sing N N 212 
MSE OXT HXT  sing N N 213 
MSE CB  CG   sing N N 214 
MSE CB  HB2  sing N N 215 
MSE CB  HB3  sing N N 216 
MSE CG  SE   sing N N 217 
MSE CG  HG2  sing N N 218 
MSE CG  HG3  sing N N 219 
MSE SE  CE   sing N N 220 
MSE CE  HE1  sing N N 221 
MSE CE  HE2  sing N N 222 
MSE CE  HE3  sing N N 223 
PHE N   CA   sing N N 224 
PHE N   H    sing N N 225 
PHE N   H2   sing N N 226 
PHE CA  C    sing N N 227 
PHE CA  CB   sing N N 228 
PHE CA  HA   sing N N 229 
PHE C   O    doub N N 230 
PHE C   OXT  sing N N 231 
PHE CB  CG   sing N N 232 
PHE CB  HB2  sing N N 233 
PHE CB  HB3  sing N N 234 
PHE CG  CD1  doub Y N 235 
PHE CG  CD2  sing Y N 236 
PHE CD1 CE1  sing Y N 237 
PHE CD1 HD1  sing N N 238 
PHE CD2 CE2  doub Y N 239 
PHE CD2 HD2  sing N N 240 
PHE CE1 CZ   doub Y N 241 
PHE CE1 HE1  sing N N 242 
PHE CE2 CZ   sing Y N 243 
PHE CE2 HE2  sing N N 244 
PHE CZ  HZ   sing N N 245 
PHE OXT HXT  sing N N 246 
PRO N   CA   sing N N 247 
PRO N   CD   sing N N 248 
PRO N   H    sing N N 249 
PRO CA  C    sing N N 250 
PRO CA  CB   sing N N 251 
PRO CA  HA   sing N N 252 
PRO C   O    doub N N 253 
PRO C   OXT  sing N N 254 
PRO CB  CG   sing N N 255 
PRO CB  HB2  sing N N 256 
PRO CB  HB3  sing N N 257 
PRO CG  CD   sing N N 258 
PRO CG  HG2  sing N N 259 
PRO CG  HG3  sing N N 260 
PRO CD  HD2  sing N N 261 
PRO CD  HD3  sing N N 262 
PRO OXT HXT  sing N N 263 
SER N   CA   sing N N 264 
SER N   H    sing N N 265 
SER N   H2   sing N N 266 
SER CA  C    sing N N 267 
SER CA  CB   sing N N 268 
SER CA  HA   sing N N 269 
SER C   O    doub N N 270 
SER C   OXT  sing N N 271 
SER CB  OG   sing N N 272 
SER CB  HB2  sing N N 273 
SER CB  HB3  sing N N 274 
SER OG  HG   sing N N 275 
SER OXT HXT  sing N N 276 
THR N   CA   sing N N 277 
THR N   H    sing N N 278 
THR N   H2   sing N N 279 
THR CA  C    sing N N 280 
THR CA  CB   sing N N 281 
THR CA  HA   sing N N 282 
THR C   O    doub N N 283 
THR C   OXT  sing N N 284 
THR CB  OG1  sing N N 285 
THR CB  CG2  sing N N 286 
THR CB  HB   sing N N 287 
THR OG1 HG1  sing N N 288 
THR CG2 HG21 sing N N 289 
THR CG2 HG22 sing N N 290 
THR CG2 HG23 sing N N 291 
THR OXT HXT  sing N N 292 
VAL N   CA   sing N N 293 
VAL N   H    sing N N 294 
VAL N   H2   sing N N 295 
VAL CA  C    sing N N 296 
VAL CA  CB   sing N N 297 
VAL CA  HA   sing N N 298 
VAL C   O    doub N N 299 
VAL C   OXT  sing N N 300 
VAL CB  CG1  sing N N 301 
VAL CB  CG2  sing N N 302 
VAL CB  HB   sing N N 303 
VAL CG1 HG11 sing N N 304 
VAL CG1 HG12 sing N N 305 
VAL CG1 HG13 sing N N 306 
VAL CG2 HG21 sing N N 307 
VAL CG2 HG22 sing N N 308 
VAL CG2 HG23 sing N N 309 
VAL OXT HXT  sing N N 310 
# 
_atom_sites.entry_id                    3O46 
_atom_sites.fract_transf_matrix[1][1]   0.00701637 
_atom_sites.fract_transf_matrix[1][2]   0.00057465 
_atom_sites.fract_transf_matrix[1][3]   0.01583942 
_atom_sites.fract_transf_matrix[2][1]   0.00713170 
_atom_sites.fract_transf_matrix[2][2]   -0.01424040 
_atom_sites.fract_transf_matrix[2][3]   0.00684232 
_atom_sites.fract_transf_matrix[3][1]   0.01897756 
_atom_sites.fract_transf_matrix[3][2]   0.00537127 
_atom_sites.fract_transf_matrix[3][3]   -0.00860134 
_atom_sites.fract_transf_vector[1]      0.487580 
_atom_sites.fract_transf_vector[2]      0.593977 
_atom_sites.fract_transf_vector[3]      0.447185 
# 
loop_
_atom_type.symbol 
C  
N  
O  
SE 
X  
# 
loop_
_atom_site.group_PDB 
_atom_site.id 
_atom_site.type_symbol 
_atom_site.label_atom_id 
_atom_site.label_alt_id 
_atom_site.label_comp_id 
_atom_site.label_asym_id 
_atom_site.label_entity_id 
_atom_site.label_seq_id 
_atom_site.pdbx_PDB_ins_code 
_atom_site.Cartn_x 
_atom_site.Cartn_y 
_atom_site.Cartn_z 
_atom_site.occupancy 
_atom_site.B_iso_or_equiv 
_atom_site.pdbx_formal_charge 
_atom_site.auth_seq_id 
_atom_site.auth_comp_id 
_atom_site.auth_asym_id 
_atom_site.auth_atom_id 
_atom_site.pdbx_PDB_model_num 
ATOM   1   N  N   . SER A 1 4  ? -3.672  9.412   12.343  1.00 31.29 ? 136 SER A N   1 
ATOM   2   C  CA  . SER A 1 4  ? -3.425  10.674  11.568  1.00 30.66 ? 136 SER A CA  1 
ATOM   3   C  C   . SER A 1 4  ? -2.897  10.218  10.200  1.00 27.34 ? 136 SER A C   1 
ATOM   4   O  O   . SER A 1 4  ? -1.998  9.345   10.177  1.00 30.50 ? 136 SER A O   1 
ATOM   5   C  CB  . SER A 1 4  ? -2.385  11.542  12.262  1.00 31.63 ? 136 SER A CB  1 
ATOM   6   O  OG  . SER A 1 4  ? -2.204  12.762  11.574  1.00 35.50 ? 136 SER A OG  1 
ATOM   7   N  N   . VAL A 1 5  ? -3.418  10.798  9.097   1.00 23.82 ? 137 VAL A N   1 
ATOM   8   C  CA  A VAL A 1 5  ? -3.102  10.292  7.757   0.50 21.23 ? 137 VAL A CA  1 
ATOM   9   C  CA  B VAL A 1 5  ? -3.102  10.284  7.758   0.50 21.62 ? 137 VAL A CA  1 
ATOM   10  C  C   . VAL A 1 5  ? -1.831  10.941  7.245   1.00 20.04 ? 137 VAL A C   1 
ATOM   11  O  O   . VAL A 1 5  ? -1.660  12.156  7.329   1.00 23.07 ? 137 VAL A O   1 
ATOM   12  C  CB  A VAL A 1 5  ? -4.278  10.439  6.742   0.50 21.18 ? 137 VAL A CB  1 
ATOM   13  C  CB  B VAL A 1 5  ? -4.286  10.386  6.703   0.50 21.67 ? 137 VAL A CB  1 
ATOM   14  C  CG1 A VAL A 1 5  ? -3.841  10.074  5.351   0.50 20.09 ? 137 VAL A CG1 1 
ATOM   15  C  CG1 B VAL A 1 5  ? -5.644  10.098  7.358   0.50 21.79 ? 137 VAL A CG1 1 
ATOM   16  C  CG2 A VAL A 1 5  ? -5.420  9.520   7.143   0.50 21.26 ? 137 VAL A CG2 1 
ATOM   17  C  CG2 B VAL A 1 5  ? -4.314  11.710  6.017   0.50 23.22 ? 137 VAL A CG2 1 
ATOM   18  N  N   . LYS A 1 6  ? -0.947  10.090  6.731   1.00 17.15 ? 138 LYS A N   1 
ATOM   19  C  CA  A LYS A 1 6  ? 0.405   10.429  6.264   0.50 16.02 ? 138 LYS A CA  1 
ATOM   20  C  CA  B LYS A 1 6  ? 0.366   10.501  6.234   0.50 16.34 ? 138 LYS A CA  1 
ATOM   21  C  C   . LYS A 1 6  ? 0.487   10.123  4.757   1.00 14.91 ? 138 LYS A C   1 
ATOM   22  O  O   . LYS A 1 6  ? -0.024  9.099   4.333   1.00 15.58 ? 138 LYS A O   1 
ATOM   23  C  CB  A LYS A 1 6  ? 1.425   9.522   7.003   0.50 16.65 ? 138 LYS A CB  1 
ATOM   24  C  CB  B LYS A 1 6  ? 1.478   9.772   6.991   0.50 17.87 ? 138 LYS A CB  1 
ATOM   25  C  CG  A LYS A 1 6  ? 2.917   9.881   6.793   0.50 17.81 ? 138 LYS A CG  1 
ATOM   26  C  CG  B LYS A 1 6  ? 1.453   9.885   8.510   0.50 19.11 ? 138 LYS A CG  1 
ATOM   27  C  CD  A LYS A 1 6  ? 3.841   8.866   7.519   0.50 20.03 ? 138 LYS A CD  1 
ATOM   28  C  CD  B LYS A 1 6  ? 2.625   9.125   9.044   0.50 23.00 ? 138 LYS A CD  1 
ATOM   29  N  N   . ILE A 1 7  ? 1.163   10.975  3.983   1.00 15.80 ? 139 ILE A N   1 
ATOM   30  C  CA  . ILE A 1 7  ? 1.400   10.730  2.585   1.00 15.72 ? 139 ILE A CA  1 
ATOM   31  C  C   . ILE A 1 7  ? 2.839   10.240  2.457   1.00 15.15 ? 139 ILE A C   1 
ATOM   32  O  O   . ILE A 1 7  ? 3.776   10.897  2.965   1.00 16.76 ? 139 ILE A O   1 
ATOM   33  C  CB  . ILE A 1 7  ? 1.230   12.039  1.741   1.00 18.05 ? 139 ILE A CB  1 
ATOM   34  C  CG1 . ILE A 1 7  ? -0.210  12.552  1.803   1.00 22.20 ? 139 ILE A CG1 1 
ATOM   35  C  CG2 . ILE A 1 7  ? 1.689   11.848  0.300   1.00 19.87 ? 139 ILE A CG2 1 
ATOM   36  C  CD1 . ILE A 1 7  ? -0.350  13.973  1.379   1.00 28.73 ? 139 ILE A CD1 1 
ATOM   37  N  N   . ILE A 1 8  ? 3.025   9.117   1.773   1.00 13.65 ? 140 ILE A N   1 
ATOM   38  C  CA  . ILE A 1 8  ? 4.338   8.558   1.533   1.00 13.66 ? 140 ILE A CA  1 
ATOM   39  C  C   . ILE A 1 8  ? 4.464   8.237   0.077   1.00 13.10 ? 140 ILE A C   1 
ATOM   40  O  O   . ILE A 1 8  ? 3.471   7.994   -0.622  1.00 13.99 ? 140 ILE A O   1 
ATOM   41  C  CB  . ILE A 1 8  ? 4.623   7.274   2.375   1.00 14.29 ? 140 ILE A CB  1 
ATOM   42  C  CG1 . ILE A 1 8  ? 3.592   6.174   2.079   1.00 15.48 ? 140 ILE A CG1 1 
ATOM   43  C  CG2 . ILE A 1 8  ? 4.660   7.596   3.895   1.00 16.07 ? 140 ILE A CG2 1 
ATOM   44  C  CD1 . ILE A 1 8  ? 3.966   4.777   2.602   1.00 17.20 ? 140 ILE A CD1 1 
ATOM   45  N  N   . ARG A 1 9  ? 5.700   8.231   -0.437  1.00 13.11 ? 141 ARG A N   1 
ATOM   46  C  CA  . ARG A 1 9  ? 5.918   7.997   -1.848  1.00 13.16 ? 141 ARG A CA  1 
ATOM   47  C  C   . ARG A 1 9  ? 7.150   7.157   -2.029  1.00 14.34 ? 141 ARG A C   1 
ATOM   48  O  O   . ARG A 1 9  ? 8.213   7.458   -1.489  1.00 15.53 ? 141 ARG A O   1 
ATOM   49  C  CB  . ARG A 1 9  ? 6.014   9.287   -2.583  1.00 14.40 ? 141 ARG A CB  1 
ATOM   50  C  CG  . ARG A 1 9  ? 6.119   9.173   -4.099  1.00 14.83 ? 141 ARG A CG  1 
ATOM   51  C  CD  . ARG A 1 9  ? 6.055   10.513  -4.696  1.00 15.30 ? 141 ARG A CD  1 
ATOM   52  N  NE  . ARG A 1 9  ? 6.234   10.646  -6.131  1.00 14.26 ? 141 ARG A NE  1 
ATOM   53  C  CZ  . ARG A 1 9  ? 5.285   10.531  -7.045  1.00 15.16 ? 141 ARG A CZ  1 
ATOM   54  N  NH1 . ARG A 1 9  ? 4.056   10.132  -6.726  1.00 17.11 ? 141 ARG A NH1 1 
ATOM   55  N  NH2 . ARG A 1 9  ? 5.576   10.831  -8.284  1.00 17.80 ? 141 ARG A NH2 1 
ATOM   56  N  N   . LEU A 1 10 ? 7.011   6.073   -2.818  1.00 13.13 ? 142 LEU A N   1 
ATOM   57  C  CA  . LEU A 1 10 ? 8.152   5.236   -3.137  1.00 15.63 ? 142 LEU A CA  1 
ATOM   58  C  C   . LEU A 1 10 ? 8.145   4.866   -4.599  1.00 14.15 ? 142 LEU A C   1 
ATOM   59  O  O   . LEU A 1 10 ? 7.269   5.228   -5.295  1.00 16.60 ? 142 LEU A O   1 
ATOM   60  C  CB  . LEU A 1 10 ? 8.303   4.052   -2.202  1.00 18.82 ? 142 LEU A CB  1 
ATOM   61  C  CG  . LEU A 1 10 ? 7.157   3.094   -2.202  1.00 19.76 ? 142 LEU A CG  1 
ATOM   62  C  CD1 . LEU A 1 10 ? 7.346   2.022   -3.273  1.00 23.09 ? 142 LEU A CD1 1 
ATOM   63  C  CD2 . LEU A 1 10 ? 6.991   2.321   -0.821  1.00 22.75 ? 142 LEU A CD2 1 
ATOM   64  N  N   . VAL A 1 11 ? 9.208   4.249   -5.057  1.00 14.60 ? 143 VAL A N   1 
ATOM   65  C  CA  . VAL A 1 11 ? 9.354   3.878   -6.432  1.00 15.13 ? 143 VAL A CA  1 
ATOM   66  C  C   . VAL A 1 11 ? 9.449   2.353   -6.571  1.00 14.59 ? 143 VAL A C   1 
ATOM   67  O  O   . VAL A 1 11 ? 10.162  1.699   -5.843  1.00 16.79 ? 143 VAL A O   1 
ATOM   68  C  CB  . VAL A 1 11 ? 10.604  4.524   -7.055  1.00 15.90 ? 143 VAL A CB  1 
ATOM   69  C  CG1 . VAL A 1 11 ? 10.827  4.038   -8.522  1.00 18.12 ? 143 VAL A CG1 1 
ATOM   70  C  CG2 . VAL A 1 11 ? 10.489  6.075   -6.957  1.00 17.80 ? 143 VAL A CG2 1 
ATOM   71  N  N   A LYS A 1 12 ? 8.670   1.784   -7.471  0.50 14.25 ? 144 LYS A N   1 
ATOM   72  N  N   B LYS A 1 12 ? 8.720   1.849   -7.566  0.50 15.62 ? 144 LYS A N   1 
ATOM   73  C  CA  A LYS A 1 12 ? 8.920   0.412   -7.913  0.50 14.87 ? 144 LYS A CA  1 
ATOM   74  C  CA  B LYS A 1 12 ? 8.643   0.432   -7.936  0.50 17.17 ? 144 LYS A CA  1 
ATOM   75  C  C   A LYS A 1 12 ? 8.952   0.382   -9.417  0.50 16.82 ? 144 LYS A C   1 
ATOM   76  C  C   B LYS A 1 12 ? 8.878   0.336   -9.458  0.50 18.26 ? 144 LYS A C   1 
ATOM   77  O  O   A LYS A 1 12 ? 8.037   0.825   -10.102 0.50 18.92 ? 144 LYS A O   1 
ATOM   78  O  O   B LYS A 1 12 ? 7.991   0.713   -10.219 0.50 19.81 ? 144 LYS A O   1 
ATOM   79  C  CB  A LYS A 1 12 ? 7.910   -0.588  -7.373  0.50 12.90 ? 144 LYS A CB  1 
ATOM   80  C  CB  B LYS A 1 12 ? 7.232   -0.077  -7.577  0.50 18.03 ? 144 LYS A CB  1 
ATOM   81  C  CG  A LYS A 1 12 ? 6.432   -0.200  -7.622  0.50 11.33 ? 144 LYS A CG  1 
ATOM   82  C  CG  B LYS A 1 12 ? 6.894   -1.441  -8.071  0.50 18.95 ? 144 LYS A CG  1 
ATOM   83  C  CD  A LYS A 1 12 ? 5.486   -1.155  -6.927  0.50 10.79 ? 144 LYS A CD  1 
ATOM   84  C  CD  B LYS A 1 12 ? 5.433   -1.595  -8.478  0.50 20.29 ? 144 LYS A CD  1 
ATOM   85  C  CE  A LYS A 1 12 ? 4.049   -0.789  -7.070  0.50 10.11 ? 144 LYS A CE  1 
ATOM   86  C  CE  B LYS A 1 12 ? 5.283   -2.721  -9.541  0.50 17.23 ? 144 LYS A CE  1 
ATOM   87  N  NZ  A LYS A 1 12 ? 3.634   -0.743  -8.483  0.50 9.84  ? 144 LYS A NZ  1 
ATOM   88  N  NZ  B LYS A 1 12 ? 3.921   -3.355  -9.580  0.50 12.19 ? 144 LYS A NZ  1 
ATOM   89  N  N   . ASN A 1 13 ? 10.032  -0.166  -9.918  1.00 19.61 ? 145 ASN A N   1 
ATOM   90  C  CA  . ASN A 1 13 ? 10.235  -0.305  -11.353 1.00 21.61 ? 145 ASN A CA  1 
ATOM   91  C  C   . ASN A 1 13 ? 10.850  -1.697  -11.598 1.00 21.14 ? 145 ASN A C   1 
ATOM   92  O  O   . ASN A 1 13 ? 11.833  -2.097  -10.987 1.00 22.35 ? 145 ASN A O   1 
ATOM   93  C  CB  . ASN A 1 13 ? 11.124  0.793   -11.965 1.00 23.72 ? 145 ASN A CB  1 
ATOM   94  C  CG  . ASN A 1 13 ? 10.335  2.136   -12.334 1.00 24.69 ? 145 ASN A CG  1 
ATOM   95  O  OD1 . ASN A 1 13 ? 10.789  3.238   -11.978 1.00 29.18 ? 145 ASN A OD1 1 
ATOM   96  N  ND2 . ASN A 1 13 ? 9.221   2.031   -13.122 1.00 23.63 ? 145 ASN A ND2 1 
ATOM   97  N  N   . ARG A 1 14 ? 10.163  -2.437  -12.456 1.00 22.77 ? 146 ARG A N   1 
ATOM   98  C  CA  . ARG A 1 14 ? 10.486  -3.788  -12.858 1.00 22.87 ? 146 ARG A CA  1 
ATOM   99  C  C   . ARG A 1 14 ? 10.766  -4.670  -11.648 1.00 21.42 ? 146 ARG A C   1 
ATOM   100 O  O   . ARG A 1 14 ? 11.681  -5.491  -11.644 1.00 23.73 ? 146 ARG A O   1 
ATOM   101 C  CB  . ARG A 1 14 ? 11.665  -3.788  -13.841 1.00 24.91 ? 146 ARG A CB  1 
ATOM   102 C  CG  . ARG A 1 14 ? 11.474  -2.868  -15.046 1.00 28.26 ? 146 ARG A CG  1 
ATOM   103 C  CD  . ARG A 1 14 ? 12.539  -3.104  -16.136 1.00 32.49 ? 146 ARG A CD  1 
ATOM   104 N  N   . GLU A 1 15 ? 9.965   -4.478  -10.603 1.00 19.85 ? 147 GLU A N   1 
ATOM   105 C  CA  A GLU A 1 15 ? 10.036  -5.261  -9.374  0.60 18.27 ? 147 GLU A CA  1 
ATOM   106 C  CA  B GLU A 1 15 ? 10.048  -5.249  -9.377  0.40 18.64 ? 147 GLU A CA  1 
ATOM   107 C  C   . GLU A 1 15 ? 8.681   -5.110  -8.687  1.00 17.29 ? 147 GLU A C   1 
ATOM   108 O  O   . GLU A 1 15 ? 8.009   -4.125  -8.862  1.00 17.84 ? 147 GLU A O   1 
ATOM   109 C  CB  A GLU A 1 15 ? 11.114  -4.728  -8.436  0.60 19.42 ? 147 GLU A CB  1 
ATOM   110 C  CB  B GLU A 1 15 ? 11.160  -4.673  -8.505  0.40 19.75 ? 147 GLU A CB  1 
ATOM   111 C  CG  A GLU A 1 15 ? 10.718  -3.337  -7.822  0.60 19.03 ? 147 GLU A CG  1 
ATOM   112 C  CG  B GLU A 1 15 ? 11.576  -5.492  -7.309  0.40 20.88 ? 147 GLU A CG  1 
ATOM   113 C  CD  A GLU A 1 15 ? 11.871  -2.423  -7.403  0.60 21.27 ? 147 GLU A CD  1 
ATOM   114 C  CD  B GLU A 1 15 ? 12.329  -4.678  -6.256  0.40 21.75 ? 147 GLU A CD  1 
ATOM   115 O  OE1 A GLU A 1 15 ? 12.782  -2.861  -6.684  0.60 24.55 ? 147 GLU A OE1 1 
ATOM   116 O  OE1 B GLU A 1 15 ? 12.720  -5.266  -5.232  0.40 20.40 ? 147 GLU A OE1 1 
ATOM   117 O  OE2 A GLU A 1 15 ? 11.832  -1.222  -7.774  0.60 23.94 ? 147 GLU A OE2 1 
ATOM   118 O  OE2 B GLU A 1 15 ? 12.513  -3.458  -6.444  0.40 21.51 ? 147 GLU A OE2 1 
ATOM   119 N  N   . PRO A 1 16 ? 8.281   -6.088  -7.849  1.00 15.61 ? 148 PRO A N   1 
ATOM   120 C  CA  . PRO A 1 16 ? 7.041   -5.952  -7.091  1.00 14.97 ? 148 PRO A CA  1 
ATOM   121 C  C   . PRO A 1 16 ? 7.130   -4.866  -6.021  1.00 13.23 ? 148 PRO A C   1 
ATOM   122 O  O   . PRO A 1 16 ? 8.220   -4.481  -5.618  1.00 13.78 ? 148 PRO A O   1 
ATOM   123 C  CB  . PRO A 1 16 ? 6.913   -7.343  -6.435  1.00 15.79 ? 148 PRO A CB  1 
ATOM   124 C  CG  . PRO A 1 16 ? 7.778   -8.244  -7.140  1.00 18.09 ? 148 PRO A CG  1 
ATOM   125 C  CD  . PRO A 1 16 ? 8.887   -7.403  -7.605  1.00 16.29 ? 148 PRO A CD  1 
ATOM   126 N  N   . LEU A 1 17 ? 6.007   -4.450  -5.507  1.00 12.76 ? 149 LEU A N   1 
ATOM   127 C  CA  . LEU A 1 17 ? 5.971   -3.596  -4.348  1.00 12.23 ? 149 LEU A CA  1 
ATOM   128 C  C   . LEU A 1 17 ? 6.648   -4.252  -3.169  1.00 12.02 ? 149 LEU A C   1 
ATOM   129 O  O   . LEU A 1 17 ? 7.302   -3.602  -2.377  1.00 12.58 ? 149 LEU A O   1 
ATOM   130 C  CB  . LEU A 1 17 ? 4.515   -3.274  -3.997  1.00 12.74 ? 149 LEU A CB  1 
ATOM   131 C  CG  . LEU A 1 17 ? 4.302   -2.401  -2.772  1.00 13.03 ? 149 LEU A CG  1 
ATOM   132 C  CD1 . LEU A 1 17 ? 4.959   -1.061  -2.855  1.00 15.63 ? 149 LEU A CD1 1 
ATOM   133 C  CD2 . LEU A 1 17 ? 2.776   -2.242  -2.471  1.00 15.91 ? 149 LEU A CD2 1 
ATOM   134 N  N   . GLY A 1 18 ? 6.470   -5.565  -3.027  1.00 10.95 ? 150 GLY A N   1 
ATOM   135 C  CA  . GLY A 1 18 ? 6.979   -6.263  -1.865  1.00 11.80 ? 150 GLY A CA  1 
ATOM   136 C  C   . GLY A 1 18 ? 6.147   -6.060  -0.613  1.00 11.87 ? 150 GLY A C   1 
ATOM   137 O  O   . GLY A 1 18 ? 6.685   -5.985  0.489   1.00 12.34 ? 150 GLY A O   1 
ATOM   138 N  N   . ALA A 1 19 ? 4.838   -5.972  -0.760  1.00 11.69 ? 151 ALA A N   1 
ATOM   139 C  CA  . ALA A 1 19 ? 3.937   -5.824  0.379   1.00 11.59 ? 151 ALA A CA  1 
ATOM   140 C  C   . ALA A 1 19 ? 2.643   -6.494  0.009   1.00 11.36 ? 151 ALA A C   1 
ATOM   141 O  O   . ALA A 1 19 ? 2.181   -6.397  -1.130  1.00 12.33 ? 151 ALA A O   1 
ATOM   142 C  CB  . ALA A 1 19 ? 3.717   -4.338  0.733   1.00 13.34 ? 151 ALA A CB  1 
ATOM   143 N  N   . THR A 1 20 ? 2.013   -7.129  0.991   1.00 11.13 ? 152 THR A N   1 
ATOM   144 C  CA  . THR A 1 20 ? 0.693   -7.720  0.846   1.00 11.01 ? 152 THR A CA  1 
ATOM   145 C  C   . THR A 1 20 ? -0.282  -7.006  1.751   1.00 10.95 ? 152 THR A C   1 
ATOM   146 O  O   . THR A 1 20 ? 0.111   -6.446  2.795   1.00 12.46 ? 152 THR A O   1 
ATOM   147 C  CB  . THR A 1 20 ? 0.664   -9.245  1.141   1.00 12.19 ? 152 THR A CB  1 
ATOM   148 O  OG1 . THR A 1 20 ? 0.794   -9.437  2.522   1.00 15.27 ? 152 THR A OG1 1 
ATOM   149 C  CG2 . THR A 1 20 ? 1.778   -9.975  0.400   1.00 12.90 ? 152 THR A CG2 1 
ATOM   150 N  N   . ILE A 1 21 ? -1.561  -7.031  1.371   1.00 10.42 ? 153 ILE A N   1 
ATOM   151 C  CA  . ILE A 1 21 ? -2.616  -6.390  2.114   1.00 10.94 ? 153 ILE A CA  1 
ATOM   152 C  C   . ILE A 1 21 ? -3.739  -7.386  2.423   1.00 12.37 ? 153 ILE A C   1 
ATOM   153 O  O   . ILE A 1 21 ? -3.910  -8.403  1.757   1.00 13.14 ? 153 ILE A O   1 
ATOM   154 C  CB  . ILE A 1 21 ? -3.166  -5.130  1.407   1.00 11.08 ? 153 ILE A CB  1 
ATOM   155 C  CG1 . ILE A 1 21 ? -3.732  -5.458  0.019   1.00 12.85 ? 153 ILE A CG1 1 
ATOM   156 C  CG2 . ILE A 1 21 ? -2.135  -4.017  1.333   1.00 12.50 ? 153 ILE A CG2 1 
ATOM   157 C  CD1 . ILE A 1 21 ? -4.463  -4.323  -0.669  1.00 14.39 ? 153 ILE A CD1 1 
ATOM   158 N  N   . LYS A 1 22 ? -4.497  -7.072  3.465   1.00 13.46 ? 154 LYS A N   1 
ATOM   159 C  CA  . LYS A 1 22 ? -5.655  -7.882  3.875   1.00 15.69 ? 154 LYS A CA  1 
ATOM   160 C  C   . LYS A 1 22 ? -6.689  -6.985  4.445   1.00 15.06 ? 154 LYS A C   1 
ATOM   161 O  O   . LYS A 1 22 ? -6.387  -6.153  5.330   1.00 16.98 ? 154 LYS A O   1 
ATOM   162 C  CB  . LYS A 1 22 ? -5.252  -8.897  4.953   1.00 18.77 ? 154 LYS A CB  1 
ATOM   163 C  CG  . LYS A 1 22 ? -6.218  -10.068 5.207   1.00 24.69 ? 154 LYS A CG  1 
ATOM   164 C  CD  . LYS A 1 22 ? -5.743  -10.977 6.400   1.00 30.07 ? 154 LYS A CD  1 
ATOM   165 C  CE  . LYS A 1 22 ? -6.488  -12.323 6.462   1.00 34.18 ? 154 LYS A CE  1 
ATOM   166 N  N   . LYS A 1 23 ? -7.924  -7.122  4.005   1.00 15.30 ? 155 LYS A N   1 
ATOM   167 C  CA  . LYS A 1 23 ? -9.031  -6.401  4.601   1.00 16.11 ? 155 LYS A CA  1 
ATOM   168 C  C   . LYS A 1 23 ? -9.483  -7.036  5.892   1.00 17.11 ? 155 LYS A C   1 
ATOM   169 O  O   . LYS A 1 23 ? -9.698  -8.243  5.965   1.00 19.06 ? 155 LYS A O   1 
ATOM   170 C  CB  . LYS A 1 23 ? -10.195 -6.274  3.612   1.00 17.51 ? 155 LYS A CB  1 
ATOM   171 C  CG  . LYS A 1 23 ? -11.340 -5.458  4.105   1.00 17.56 ? 155 LYS A CG  1 
ATOM   172 C  CD  . LYS A 1 23 ? -12.351 -5.230  3.021   1.00 22.47 ? 155 LYS A CD  1 
ATOM   173 C  CE  . LYS A 1 23 ? -13.435 -4.362  3.477   1.00 24.69 ? 155 LYS A CE  1 
ATOM   174 N  NZ  . LYS A 1 23 ? -14.338 -3.965  2.363   1.00 29.94 ? 155 LYS A NZ  1 
ATOM   175 N  N   . ASP A 1 24 ? -9.561  -6.216  6.917   1.00 16.40 ? 156 ASP A N   1 
ATOM   176 C  CA  . ASP A 1 24 ? -10.118 -6.640  8.172   1.00 17.27 ? 156 ASP A CA  1 
ATOM   177 C  C   . ASP A 1 24 ? -11.621 -6.672  8.015   1.00 17.72 ? 156 ASP A C   1 
ATOM   178 O  O   . ASP A 1 24 ? -12.246 -5.649  7.752   1.00 17.82 ? 156 ASP A O   1 
ATOM   179 C  CB  . ASP A 1 24 ? -9.702  -5.644  9.237   1.00 18.49 ? 156 ASP A CB  1 
ATOM   180 C  CG  . ASP A 1 24 ? -10.164 -6.053  10.617  1.00 20.57 ? 156 ASP A CG  1 
ATOM   181 O  OD1 . ASP A 1 24 ? -11.358 -6.277  10.816  1.00 22.85 ? 156 ASP A OD1 1 
ATOM   182 O  OD2 . ASP A 1 24 ? -9.315  -6.115  11.514  1.00 27.22 ? 156 ASP A OD2 1 
ATOM   183 N  N   . GLU A 1 25 ? -12.211 -7.859  8.155   1.00 20.02 ? 157 GLU A N   1 
ATOM   184 C  CA  . GLU A 1 25 ? -13.622 -7.977  7.829   1.00 23.07 ? 157 GLU A CA  1 
ATOM   185 C  C   . GLU A 1 25 ? -14.537 -7.307  8.857   1.00 22.63 ? 157 GLU A C   1 
ATOM   186 O  O   . GLU A 1 25 ? -15.646 -6.969  8.499   1.00 26.46 ? 157 GLU A O   1 
ATOM   187 C  CB  . GLU A 1 25 ? -14.000 -9.426  7.547   1.00 24.72 ? 157 GLU A CB  1 
ATOM   188 C  CG  . GLU A 1 25 ? -13.281 -9.971  6.299   1.00 27.94 ? 157 GLU A CG  1 
ATOM   189 N  N   . GLN A 1 26 ? -14.059 -7.083  10.076  1.00 21.43 ? 158 GLN A N   1 
ATOM   190 C  CA  . GLN A 1 26 ? -14.834 -6.394  11.110  1.00 21.56 ? 158 GLN A CA  1 
ATOM   191 C  C   . GLN A 1 26 ? -14.754 -4.889  11.005  1.00 19.72 ? 158 GLN A C   1 
ATOM   192 O  O   . GLN A 1 26 ? -15.766 -4.209  11.112  1.00 21.07 ? 158 GLN A O   1 
ATOM   193 C  CB  . GLN A 1 26 ? -14.377 -6.843  12.499  1.00 23.74 ? 158 GLN A CB  1 
ATOM   194 C  CG  . GLN A 1 26 ? -14.835 -8.242  12.863  1.00 28.05 ? 158 GLN A CG  1 
ATOM   195 C  CD  . GLN A 1 26 ? -16.360 -8.429  12.782  1.00 33.76 ? 158 GLN A CD  1 
ATOM   196 O  OE1 . GLN A 1 26 ? -17.126 -7.690  13.411  1.00 38.59 ? 158 GLN A OE1 1 
ATOM   197 N  NE2 . GLN A 1 26 ? -16.801 -9.408  11.981  1.00 38.36 ? 158 GLN A NE2 1 
ATOM   198 N  N   . THR A 1 27 ? -13.552 -4.346  10.802  1.00 17.50 ? 159 THR A N   1 
ATOM   199 C  CA  . THR A 1 27 ? -13.410 -2.902  10.723  1.00 17.40 ? 159 THR A CA  1 
ATOM   200 C  C   . THR A 1 27 ? -13.577 -2.341  9.323   1.00 15.32 ? 159 THR A C   1 
ATOM   201 O  O   . THR A 1 27 ? -13.813 -1.141  9.129   1.00 15.92 ? 159 THR A O   1 
ATOM   202 C  CB  . THR A 1 27 ? -12.076 -2.449  11.270  1.00 17.08 ? 159 THR A CB  1 
ATOM   203 O  OG1 . THR A 1 27 ? -11.061 -2.849  10.363  1.00 17.23 ? 159 THR A OG1 1 
ATOM   204 C  CG2 . THR A 1 27 ? -11.849 -2.987  12.688  1.00 19.02 ? 159 THR A CG2 1 
ATOM   205 N  N   . GLY A 1 28 ? -13.343 -3.173  8.310   1.00 15.05 ? 160 GLY A N   1 
ATOM   206 C  CA  . GLY A 1 28 ? -13.328 -2.701  6.940   1.00 15.58 ? 160 GLY A CA  1 
ATOM   207 C  C   . GLY A 1 28 ? -12.007 -2.092  6.482   1.00 14.64 ? 160 GLY A C   1 
ATOM   208 O  O   . GLY A 1 28 ? -11.929 -1.648  5.350   1.00 15.85 ? 160 GLY A O   1 
ATOM   209 N  N   . ALA A 1 29 ? -11.019 -2.024  7.365   1.00 14.00 ? 161 ALA A N   1 
ATOM   210 C  CA  . ALA A 1 29 ? -9.728  -1.444  7.048   1.00 12.64 ? 161 ALA A CA  1 
ATOM   211 C  C   . ALA A 1 29 ? -8.920  -2.331  6.098   1.00 12.71 ? 161 ALA A C   1 
ATOM   212 O  O   . ALA A 1 29 ? -8.911  -3.563  6.206   1.00 13.60 ? 161 ALA A O   1 
ATOM   213 C  CB  . ALA A 1 29 ? -8.923  -1.255  8.321   1.00 13.91 ? 161 ALA A CB  1 
ATOM   214 N  N   . ILE A 1 30 ? -8.198  -1.686  5.172   1.00 12.32 ? 162 ILE A N   1 
ATOM   215 C  CA  . ILE A 1 30 ? -7.206  -2.397  4.339   1.00 11.83 ? 162 ILE A CA  1 
ATOM   216 C  C   . ILE A 1 30 ? -5.862  -2.232  5.046   1.00 11.63 ? 162 ILE A C   1 
ATOM   217 O  O   . ILE A 1 30 ? -5.361  -1.107  5.193   1.00 12.87 ? 162 ILE A O   1 
ATOM   218 C  CB  . ILE A 1 30 ? -7.122  -1.795  2.960   1.00 12.65 ? 162 ILE A CB  1 
ATOM   219 C  CG1 . ILE A 1 30 ? -8.457  -1.830  2.273   1.00 15.55 ? 162 ILE A CG1 1 
ATOM   220 C  CG2 . ILE A 1 30 ? -6.034  -2.492  2.149   1.00 14.47 ? 162 ILE A CG2 1 
ATOM   221 C  CD1 . ILE A 1 30 ? -8.939  -3.207  1.992   1.00 20.21 ? 162 ILE A CD1 1 
ATOM   222 N  N   . ILE A 1 31 ? -5.316  -3.328  5.535   1.00 11.80 ? 163 ILE A N   1 
ATOM   223 C  CA  . ILE A 1 31 ? -4.131  -3.316  6.389   1.00 12.75 ? 163 ILE A CA  1 
ATOM   224 C  C   . ILE A 1 31 ? -2.987  -4.011  5.688   1.00 12.27 ? 163 ILE A C   1 
ATOM   225 O  O   . ILE A 1 31 ? -3.162  -5.057  5.040   1.00 12.77 ? 163 ILE A O   1 
ATOM   226 C  CB  . ILE A 1 31 ? -4.431  -4.039  7.737   1.00 13.64 ? 163 ILE A CB  1 
ATOM   227 C  CG1 . ILE A 1 31 ? -5.653  -3.375  8.441   1.00 15.67 ? 163 ILE A CG1 1 
ATOM   228 C  CG2 . ILE A 1 31 ? -3.242  -4.047  8.660   1.00 16.38 ? 163 ILE A CG2 1 
ATOM   229 C  CD1 . ILE A 1 31 ? -5.419  -1.938  8.844   1.00 17.89 ? 163 ILE A CD1 1 
ATOM   230 N  N   . VAL A 1 32 ? -1.799  -3.433  5.812   1.00 11.56 ? 164 VAL A N   1 
ATOM   231 C  CA  . VAL A 1 32 ? -0.567  -4.070  5.341   1.00 11.90 ? 164 VAL A CA  1 
ATOM   232 C  C   . VAL A 1 32 ? -0.301  -5.287  6.197   1.00 12.79 ? 164 VAL A C   1 
ATOM   233 O  O   . VAL A 1 32 ? -0.123  -5.169  7.419   1.00 13.67 ? 164 VAL A O   1 
ATOM   234 C  CB  . VAL A 1 32 ? 0.615   -3.093  5.356   1.00 12.63 ? 164 VAL A CB  1 
ATOM   235 C  CG1 . VAL A 1 32 ? 1.922   -3.778  4.950   1.00 13.36 ? 164 VAL A CG1 1 
ATOM   236 C  CG2 . VAL A 1 32 ? 0.312   -1.910  4.466   1.00 14.13 ? 164 VAL A CG2 1 
ATOM   237 N  N   . ALA A 1 33 ? -0.279  -6.463  5.584   1.00 13.36 ? 165 ALA A N   1 
ATOM   238 C  CA  . ALA A 1 33 ? -0.167  -7.730  6.264   1.00 14.76 ? 165 ALA A CA  1 
ATOM   239 C  C   . ALA A 1 33 ? 1.271   -8.259  6.292   1.00 14.32 ? 165 ALA A C   1 
ATOM   240 O  O   . ALA A 1 33 ? 1.629   -8.963  7.225   1.00 16.21 ? 165 ALA A O   1 
ATOM   241 C  CB  . ALA A 1 33 ? -1.092  -8.774  5.594   1.00 15.48 ? 165 ALA A CB  1 
ATOM   242 N  N   . ARG A 1 34 ? 2.072   -7.941  5.267   1.00 13.21 ? 166 ARG A N   1 
ATOM   243 C  CA  A ARG A 1 34 ? 3.403   -8.462  5.149   0.50 13.27 ? 166 ARG A CA  1 
ATOM   244 C  CA  B ARG A 1 34 ? 3.428   -8.474  5.101   0.50 13.49 ? 166 ARG A CA  1 
ATOM   245 C  C   . ARG A 1 34 ? 4.264   -7.499  4.341   1.00 13.08 ? 166 ARG A C   1 
ATOM   246 O  O   . ARG A 1 34 ? 3.784   -6.907  3.378   1.00 12.60 ? 166 ARG A O   1 
ATOM   247 C  CB  A ARG A 1 34 ? 3.356   -9.862  4.507   0.50 14.15 ? 166 ARG A CB  1 
ATOM   248 C  CB  B ARG A 1 34 ? 3.467   -9.766  4.273   0.50 14.66 ? 166 ARG A CB  1 
ATOM   249 C  CG  A ARG A 1 34 ? 4.699   -10.589 4.475   0.50 14.14 ? 166 ARG A CG  1 
ATOM   250 C  CG  B ARG A 1 34 ? 2.729   -10.923 4.838   0.50 15.85 ? 166 ARG A CG  1 
ATOM   251 C  CD  A ARG A 1 34 ? 4.654   -12.005 3.893   0.50 15.22 ? 166 ARG A CD  1 
ATOM   252 C  CD  B ARG A 1 34 ? 2.982   -12.243 4.099   0.50 18.19 ? 166 ARG A CD  1 
ATOM   253 N  NE  A ARG A 1 34 ? 6.017   -12.417 3.507   0.50 22.71 ? 166 ARG A NE  1 
ATOM   254 N  NE  B ARG A 1 34 ? 2.148   -13.197 4.755   0.50 19.18 ? 166 ARG A NE  1 
ATOM   255 C  CZ  A ARG A 1 34 ? 6.929   -12.980 4.289   0.50 25.38 ? 166 ARG A CZ  1 
ATOM   256 C  CZ  B ARG A 1 34 ? 2.575   -13.931 5.757   0.50 16.51 ? 166 ARG A CZ  1 
ATOM   257 N  NH1 A ARG A 1 34 ? 8.136   -13.268 3.767   0.50 25.71 ? 166 ARG A NH1 1 
ATOM   258 N  NH1 B ARG A 1 34 ? 1.758   -14.730 6.364   0.50 21.79 ? 166 ARG A NH1 1 
ATOM   259 N  NH2 A ARG A 1 34 ? 6.651   -13.262 5.562   0.50 25.84 ? 166 ARG A NH2 1 
ATOM   260 N  NH2 B ARG A 1 34 ? 3.854   -13.873 6.116   0.50 19.72 ? 166 ARG A NH2 1 
ATOM   261 N  N   . ILE A 1 35 ? 5.531   -7.355  4.756   1.00 13.36 ? 167 ILE A N   1 
ATOM   262 C  CA  . ILE A 1 35 ? 6.553   -6.608  4.039   1.00 14.29 ? 167 ILE A CA  1 
ATOM   263 C  C   . ILE A 1 35 ? 7.631   -7.619  3.707   1.00 14.50 ? 167 ILE A C   1 
ATOM   264 O  O   . ILE A 1 35 ? 8.259   -8.209  4.574   1.00 16.93 ? 167 ILE A O   1 
ATOM   265 C  CB  . ILE A 1 35 ? 7.096   -5.453  4.908   1.00 15.08 ? 167 ILE A CB  1 
ATOM   266 C  CG1 . ILE A 1 35 ? 5.976   -4.422  5.178   1.00 15.85 ? 167 ILE A CG1 1 
ATOM   267 C  CG2 . ILE A 1 35 ? 8.337   -4.832  4.286   1.00 16.98 ? 167 ILE A CG2 1 
ATOM   268 C  CD1 . ILE A 1 35 ? 5.564   -3.595  4.010   1.00 16.57 ? 167 ILE A CD1 1 
HETATM 269 N  N   . MSE A 1 36 ? 7.912   -7.786  2.434   1.00 14.00 ? 168 MSE A N   1 
HETATM 270 C  CA  . MSE A 1 36 ? 8.969   -8.731  1.993   1.00 15.09 ? 168 MSE A CA  1 
HETATM 271 C  C   . MSE A 1 36 ? 10.324  -8.152  2.249   1.00 16.00 ? 168 MSE A C   1 
HETATM 272 O  O   . MSE A 1 36 ? 10.638  -7.051  1.822   1.00 16.73 ? 168 MSE A O   1 
HETATM 273 C  CB  . MSE A 1 36 ? 8.816   -9.024  0.483   1.00 14.62 ? 168 MSE A CB  1 
HETATM 274 C  CG  . MSE A 1 36 ? 7.834   -10.105 0.184   1.00 16.23 ? 168 MSE A CG  1 
HETATM 275 SE SE  . MSE A 1 36 ? 5.967   -9.744  0.716   1.00 13.98 ? 168 MSE A SE  1 
HETATM 276 C  CE  . MSE A 1 36 ? 5.282   -11.456 0.120   1.00 15.45 ? 168 MSE A CE  1 
ATOM   277 N  N   . ARG A 1 37 ? 11.183  -8.933  2.923   1.00 18.91 ? 169 ARG A N   1 
ATOM   278 C  CA  . ARG A 1 37 ? 12.535  -8.460  3.211   1.00 20.64 ? 169 ARG A CA  1 
ATOM   279 C  C   . ARG A 1 37 ? 13.294  -8.116  1.928   1.00 20.15 ? 169 ARG A C   1 
ATOM   280 O  O   . ARG A 1 37 ? 13.317  -8.892  0.963   1.00 21.85 ? 169 ARG A O   1 
ATOM   281 C  CB  . ARG A 1 37 ? 13.304  -9.534  3.971   1.00 22.13 ? 169 ARG A CB  1 
ATOM   282 N  N   . GLY A 1 38 ? 13.884  -6.927  1.883   1.00 19.94 ? 170 GLY A N   1 
ATOM   283 C  CA  . GLY A 1 38 ? 14.658  -6.511  0.742   1.00 20.63 ? 170 GLY A CA  1 
ATOM   284 C  C   . GLY A 1 38 ? 13.883  -6.014  -0.461  1.00 19.24 ? 170 GLY A C   1 
ATOM   285 O  O   . GLY A 1 38 ? 14.475  -5.525  -1.425  1.00 21.72 ? 170 GLY A O   1 
ATOM   286 N  N   . GLY A 1 39 ? 12.537  -6.081  -0.399  1.00 17.48 ? 171 GLY A N   1 
ATOM   287 C  CA  . GLY A 1 39 ? 11.693  -5.555  -1.463  1.00 16.85 ? 171 GLY A CA  1 
ATOM   288 C  C   . GLY A 1 39 ? 11.576  -4.052  -1.439  1.00 15.85 ? 171 GLY A C   1 
ATOM   289 O  O   . GLY A 1 39 ? 12.073  -3.401  -0.525  1.00 16.46 ? 171 GLY A O   1 
ATOM   290 N  N   . ALA A 1 40 ? 10.882  -3.499  -2.422  1.00 15.22 ? 172 ALA A N   1 
ATOM   291 C  CA  . ALA A 1 40 ? 10.777  -2.072  -2.569  1.00 15.61 ? 172 ALA A CA  1 
ATOM   292 C  C   . ALA A 1 40 ? 10.170  -1.391  -1.351  1.00 15.35 ? 172 ALA A C   1 
ATOM   293 O  O   . ALA A 1 40 ? 10.684  -0.345  -0.886  1.00 16.53 ? 172 ALA A O   1 
ATOM   294 C  CB  . ALA A 1 40 ? 10.034  -1.671  -3.817  1.00 17.10 ? 172 ALA A CB  1 
ATOM   295 N  N   . ALA A 1 41 ? 9.093   -1.956  -0.825  1.00 14.44 ? 173 ALA A N   1 
ATOM   296 C  CA  . ALA A 1 41 ? 8.444   -1.387  0.326   1.00 14.01 ? 173 ALA A CA  1 
ATOM   297 C  C   . ALA A 1 41 ? 9.379   -1.375  1.522   1.00 14.95 ? 173 ALA A C   1 
ATOM   298 O  O   . ALA A 1 41 ? 9.520   -0.364  2.220   1.00 15.28 ? 173 ALA A O   1 
ATOM   299 C  CB  . ALA A 1 41 ? 7.152   -2.125  0.645   1.00 13.61 ? 173 ALA A CB  1 
ATOM   300 N  N   . ASP A 1 42 ? 10.033  -2.497  1.752   1.00 15.86 ? 174 ASP A N   1 
ATOM   301 C  CA  . ASP A 1 42 ? 10.959  -2.595  2.880   1.00 16.59 ? 174 ASP A CA  1 
ATOM   302 C  C   . ASP A 1 42 ? 12.093  -1.564  2.749   1.00 17.76 ? 174 ASP A C   1 
ATOM   303 O  O   . ASP A 1 42 ? 12.378  -0.829  3.685   1.00 18.04 ? 174 ASP A O   1 
ATOM   304 C  CB  . ASP A 1 42 ? 11.562  -3.996  2.896   1.00 17.09 ? 174 ASP A CB  1 
ATOM   305 C  CG  . ASP A 1 42 ? 12.451  -4.262  4.090   1.00 19.29 ? 174 ASP A CG  1 
ATOM   306 O  OD1 . ASP A 1 42 ? 12.190  -3.716  5.183   1.00 22.81 ? 174 ASP A OD1 1 
ATOM   307 O  OD2 . ASP A 1 42 ? 13.394  -5.077  3.941   1.00 21.74 ? 174 ASP A OD2 1 
ATOM   308 N  N   . ARG A 1 43 ? 12.700  -1.489  1.570   1.00 17.33 ? 175 ARG A N   1 
ATOM   309 C  CA  . ARG A 1 43 ? 13.857  -0.611  1.400   1.00 18.38 ? 175 ARG A CA  1 
ATOM   310 C  C   . ARG A 1 43 ? 13.498  0.843   1.631   1.00 18.64 ? 175 ARG A C   1 
ATOM   311 O  O   . ARG A 1 43 ? 14.335  1.652   2.066   1.00 20.35 ? 175 ARG A O   1 
ATOM   312 C  CB  . ARG A 1 43 ? 14.478  -0.782  0.012   1.00 19.87 ? 175 ARG A CB  1 
ATOM   313 C  CG  . ARG A 1 43 ? 15.084  -2.143  -0.197  1.00 22.24 ? 175 ARG A CG  1 
ATOM   314 C  CD  . ARG A 1 43 ? 15.936  -2.210  -1.470  1.00 23.99 ? 175 ARG A CD  1 
ATOM   315 N  NE  . ARG A 1 43 ? 15.325  -1.562  -2.637  1.00 26.75 ? 175 ARG A NE  1 
ATOM   316 C  CZ  . ARG A 1 43 ? 14.569  -2.176  -3.564  1.00 23.16 ? 175 ARG A CZ  1 
ATOM   317 N  NH1 . ARG A 1 43 ? 14.053  -1.481  -4.580  1.00 27.02 ? 175 ARG A NH1 1 
ATOM   318 N  NH2 . ARG A 1 43 ? 14.264  -3.468  -3.470  1.00 23.66 ? 175 ARG A NH2 1 
ATOM   319 N  N   . SER A 1 44 ? 12.259  1.226   1.357   1.00 17.75 ? 176 SER A N   1 
ATOM   320 C  CA  . SER A 1 44 ? 11.832  2.629   1.565   1.00 17.66 ? 176 SER A CA  1 
ATOM   321 C  C   . SER A 1 44 ? 11.805  3.015   3.032   1.00 17.02 ? 176 SER A C   1 
ATOM   322 O  O   . SER A 1 44 ? 11.992  4.167   3.366   1.00 18.38 ? 176 SER A O   1 
ATOM   323 C  CB  . SER A 1 44 ? 10.448  2.885   0.974   1.00 18.23 ? 176 SER A CB  1 
ATOM   324 O  OG  . SER A 1 44 ? 9.424   2.340   1.764   1.00 17.33 ? 176 SER A OG  1 
ATOM   325 N  N   . GLY A 1 45 ? 11.556  2.051   3.895   1.00 17.42 ? 177 GLY A N   1 
ATOM   326 C  CA  . GLY A 1 45 ? 11.349  2.294   5.312   1.00 17.19 ? 177 GLY A CA  1 
ATOM   327 C  C   . GLY A 1 45 ? 10.088  3.078   5.667   1.00 17.64 ? 177 GLY A C   1 
ATOM   328 O  O   . GLY A 1 45 ? 9.895   3.473   6.835   1.00 18.82 ? 177 GLY A O   1 
ATOM   329 N  N   . LEU A 1 46 ? 9.192   3.276   4.687   1.00 16.72 ? 178 LEU A N   1 
ATOM   330 C  CA  . LEU A 1 46 ? 8.038   4.148   4.866   1.00 16.36 ? 178 LEU A CA  1 
ATOM   331 C  C   . LEU A 1 46 ? 6.737   3.425   5.200   1.00 15.78 ? 178 LEU A C   1 
ATOM   332 O  O   . LEU A 1 46 ? 5.759   4.094   5.508   1.00 16.14 ? 178 LEU A O   1 
ATOM   333 C  CB  . LEU A 1 46 ? 7.819   4.957   3.578   1.00 16.19 ? 178 LEU A CB  1 
ATOM   334 C  CG  . LEU A 1 46 ? 8.945   5.940   3.191   1.00 19.69 ? 178 LEU A CG  1 
ATOM   335 C  CD1 . LEU A 1 46 ? 8.585   6.625   1.908   1.00 24.93 ? 178 LEU A CD1 1 
ATOM   336 C  CD2 . LEU A 1 46 ? 9.127   6.924   4.308   1.00 23.51 ? 178 LEU A CD2 1 
ATOM   337 N  N   . ILE A 1 47 ? 6.691   2.096   5.060   1.00 15.33 ? 179 ILE A N   1 
ATOM   338 C  CA  . ILE A 1 47 ? 5.430   1.357   5.176   1.00 15.64 ? 179 ILE A CA  1 
ATOM   339 C  C   . ILE A 1 47 ? 5.687   0.080   5.926   1.00 14.54 ? 179 ILE A C   1 
ATOM   340 O  O   . ILE A 1 47 ? 6.713   -0.582  5.731   1.00 15.81 ? 179 ILE A O   1 
ATOM   341 C  CB  . ILE A 1 47 ? 4.804   1.155   3.787   1.00 16.74 ? 179 ILE A CB  1 
ATOM   342 C  CG1 . ILE A 1 47 ? 3.399   0.583   3.904   1.00 18.36 ? 179 ILE A CG1 1 
ATOM   343 C  CG2 . ILE A 1 47 ? 5.678   0.335   2.872   1.00 18.86 ? 179 ILE A CG2 1 
ATOM   344 C  CD1 . ILE A 1 47 ? 2.611   0.710   2.656   1.00 19.50 ? 179 ILE A CD1 1 
ATOM   345 N  N   . HIS A 1 48 ? 4.772   -0.238  6.826   1.00 14.30 ? 180 HIS A N   1 
ATOM   346 C  CA  A HIS A 1 48 ? 5.007   -1.290  7.823   0.50 15.00 ? 180 HIS A CA  1 
ATOM   347 C  CA  B HIS A 1 48 ? 5.002   -1.286  7.824   0.50 14.98 ? 180 HIS A CA  1 
ATOM   348 C  C   . HIS A 1 48 ? 3.739   -2.111  8.030   1.00 14.74 ? 180 HIS A C   1 
ATOM   349 O  O   . HIS A 1 48 ? 2.620   -1.619  7.837   1.00 14.03 ? 180 HIS A O   1 
ATOM   350 C  CB  A HIS A 1 48 ? 5.456   -0.669  9.159   0.50 16.03 ? 180 HIS A CB  1 
ATOM   351 C  CB  B HIS A 1 48 ? 5.434   -0.651  9.152   0.50 15.95 ? 180 HIS A CB  1 
ATOM   352 C  CG  A HIS A 1 48 ? 6.636   0.248   9.008   0.50 18.57 ? 180 HIS A CG  1 
ATOM   353 C  CG  B HIS A 1 48 ? 6.663   0.195   9.010   0.50 18.30 ? 180 HIS A CG  1 
ATOM   354 N  ND1 A HIS A 1 48 ? 6.513   1.612   8.825   0.50 19.33 ? 180 HIS A ND1 1 
ATOM   355 N  ND1 B HIS A 1 48 ? 7.911   -0.357  8.837   0.50 20.02 ? 180 HIS A ND1 1 
ATOM   356 C  CD2 A HIS A 1 48 ? 7.958   -0.025  8.927   0.50 21.15 ? 180 HIS A CD2 1 
ATOM   357 C  CD2 B HIS A 1 48 ? 6.828   1.539   8.921   0.50 19.23 ? 180 HIS A CD2 1 
ATOM   358 C  CE1 A HIS A 1 48 ? 7.714   2.142   8.673   0.50 20.11 ? 180 HIS A CE1 1 
ATOM   359 C  CE1 B HIS A 1 48 ? 8.804   0.610   8.696   0.50 19.18 ? 180 HIS A CE1 1 
ATOM   360 N  NE2 A HIS A 1 48 ? 8.609   1.169   8.727   0.50 21.38 ? 180 HIS A NE2 1 
ATOM   361 N  NE2 B HIS A 1 48 ? 8.170   1.771   8.733   0.50 20.36 ? 180 HIS A NE2 1 
ATOM   362 N  N   . VAL A 1 49 ? 3.938   -3.351  8.452   1.00 14.78 ? 181 VAL A N   1 
ATOM   363 C  CA  . VAL A 1 49 ? 2.856   -4.218  8.834   1.00 14.82 ? 181 VAL A CA  1 
ATOM   364 C  C   . VAL A 1 49 ? 1.997   -3.494  9.863   1.00 15.52 ? 181 VAL A C   1 
ATOM   365 O  O   . VAL A 1 49 ? 2.510   -2.925  10.835  1.00 16.46 ? 181 VAL A O   1 
ATOM   366 C  CB  . VAL A 1 49 ? 3.363   -5.584  9.360   1.00 15.65 ? 181 VAL A CB  1 
ATOM   367 C  CG1 . VAL A 1 49 ? 2.235   -6.415  9.940   1.00 17.65 ? 181 VAL A CG1 1 
ATOM   368 C  CG2 . VAL A 1 49 ? 4.068   -6.349  8.234   1.00 17.50 ? 181 VAL A CG2 1 
ATOM   369 N  N   . GLY A 1 50 ? 0.689   -3.499  9.655   1.00 14.79 ? 182 GLY A N   1 
ATOM   370 C  CA  . GLY A 1 50 ? -0.272  -2.833  10.528  1.00 15.26 ? 182 GLY A CA  1 
ATOM   371 C  C   . GLY A 1 50 ? -0.704  -1.474  10.052  1.00 14.58 ? 182 GLY A C   1 
ATOM   372 O  O   . GLY A 1 50 ? -1.721  -0.934  10.509  1.00 15.53 ? 182 GLY A O   1 
ATOM   373 N  N   . ASP A 1 51 ? 0.023   -0.883  9.103   1.00 13.31 ? 183 ASP A N   1 
ATOM   374 C  CA  . ASP A 1 51 ? -0.400  0.372   8.518   1.00 13.73 ? 183 ASP A CA  1 
ATOM   375 C  C   . ASP A 1 51 ? -1.696  0.147   7.742   1.00 12.40 ? 183 ASP A C   1 
ATOM   376 O  O   . ASP A 1 51 ? -1.892  -0.909  7.116   1.00 13.41 ? 183 ASP A O   1 
ATOM   377 C  CB  . ASP A 1 51 ? 0.643   0.933   7.571   1.00 13.41 ? 183 ASP A CB  1 
ATOM   378 C  CG  . ASP A 1 51 ? 1.906   1.407   8.263   1.00 15.01 ? 183 ASP A CG  1 
ATOM   379 O  OD1 . ASP A 1 51 ? 1.938   1.437   9.509   1.00 17.56 ? 183 ASP A OD1 1 
ATOM   380 O  OD2 . ASP A 1 51 ? 2.858   1.740   7.520   1.00 16.14 ? 183 ASP A OD2 1 
ATOM   381 N  N   . GLU A 1 52 ? -2.559  1.147   7.758   1.00 12.70 ? 184 GLU A N   1 
ATOM   382 C  CA  . GLU A 1 52 ? -3.806  1.104   7.031   1.00 12.43 ? 184 GLU A CA  1 
ATOM   383 C  C   . GLU A 1 52 ? -3.680  1.940   5.763   1.00 12.62 ? 184 GLU A C   1 
ATOM   384 O  O   . GLU A 1 52 ? -3.304  3.107   5.819   1.00 13.63 ? 184 GLU A O   1 
ATOM   385 C  CB  . GLU A 1 52 ? -4.966  1.645   7.909   1.00 13.42 ? 184 GLU A CB  1 
ATOM   386 C  CG  . GLU A 1 52 ? -6.244  1.706   7.141   1.00 13.61 ? 184 GLU A CG  1 
ATOM   387 C  CD  . GLU A 1 52 ? -7.461  2.079   7.916   1.00 13.78 ? 184 GLU A CD  1 
ATOM   388 O  OE1 . GLU A 1 52 ? -7.362  2.246   9.127   1.00 15.80 ? 184 GLU A OE1 1 
ATOM   389 O  OE2 . GLU A 1 52 ? -8.538  2.210   7.290   1.00 14.01 ? 184 GLU A OE2 1 
ATOM   390 N  N   . LEU A 1 53 ? -4.051  1.345   4.631   1.00 11.58 ? 185 LEU A N   1 
ATOM   391 C  CA  A LEU A 1 53 ? -4.084  2.095   3.347   0.50 12.08 ? 185 LEU A CA  1 
ATOM   392 C  CA  B LEU A 1 53 ? -4.060  2.018   3.371   0.50 12.12 ? 185 LEU A CA  1 
ATOM   393 C  C   . LEU A 1 53 ? -5.377  2.814   3.213   1.00 11.49 ? 185 LEU A C   1 
ATOM   394 O  O   . LEU A 1 53 ? -6.450  2.211   3.310   1.00 13.07 ? 185 LEU A O   1 
ATOM   395 C  CB  A LEU A 1 53 ? -3.954  1.235   2.085   0.50 12.15 ? 185 LEU A CB  1 
ATOM   396 C  CB  B LEU A 1 53 ? -3.888  0.938   2.295   0.50 12.39 ? 185 LEU A CB  1 
ATOM   397 C  CG  A LEU A 1 53 ? -2.732  0.378   1.948   0.50 13.05 ? 185 LEU A CG  1 
ATOM   398 C  CG  B LEU A 1 53 ? -3.757  1.391   0.877   0.50 12.65 ? 185 LEU A CG  1 
ATOM   399 C  CD1 A LEU A 1 53 ? -2.761  -0.245  0.582   0.50 13.18 ? 185 LEU A CD1 1 
ATOM   400 C  CD1 B LEU A 1 53 ? -2.537  2.327   0.756   0.50 12.84 ? 185 LEU A CD1 1 
ATOM   401 C  CD2 A LEU A 1 53 ? -1.491  1.199   2.204   0.50 15.82 ? 185 LEU A CD2 1 
ATOM   402 C  CD2 B LEU A 1 53 ? -3.682  0.179   -0.020  0.50 12.88 ? 185 LEU A CD2 1 
ATOM   403 N  N   . ARG A 1 54 ? -5.292  4.123   2.941   1.00 12.31 ? 186 ARG A N   1 
ATOM   404 C  CA  . ARG A 1 54 ? -6.432  4.961   2.679   1.00 12.79 ? 186 ARG A CA  1 
ATOM   405 C  C   . ARG A 1 54 ? -6.541  5.288   1.195   1.00 12.71 ? 186 ARG A C   1 
ATOM   406 O  O   . ARG A 1 54 ? -7.634  5.335   0.660   1.00 14.37 ? 186 ARG A O   1 
ATOM   407 C  CB  . ARG A 1 54 ? -6.432  6.241   3.518   1.00 13.39 ? 186 ARG A CB  1 
ATOM   408 C  CG  . ARG A 1 54 ? -6.479  5.992   5.028   1.00 14.02 ? 186 ARG A CG  1 
ATOM   409 C  CD  . ARG A 1 54 ? -7.699  5.193   5.494   1.00 15.48 ? 186 ARG A CD  1 
ATOM   410 N  NE  . ARG A 1 54 ? -8.939  5.768   5.003   1.00 15.16 ? 186 ARG A NE  1 
ATOM   411 C  CZ  . ARG A 1 54 ? -10.103 5.131   5.047   1.00 17.79 ? 186 ARG A CZ  1 
ATOM   412 N  NH1 . ARG A 1 54 ? -10.194 3.953   5.630   1.00 19.86 ? 186 ARG A NH1 1 
ATOM   413 N  NH2 . ARG A 1 54 ? -11.193 5.694   4.550   1.00 18.86 ? 186 ARG A NH2 1 
ATOM   414 N  N   . GLU A 1 55 ? -5.412  5.548   0.520   1.00 12.89 ? 187 GLU A N   1 
ATOM   415 C  CA  . GLU A 1 55 ? -5.400  5.884   -0.901  1.00 12.53 ? 187 GLU A CA  1 
ATOM   416 C  C   . GLU A 1 55 ? -4.165  5.350   -1.562  1.00 12.52 ? 187 GLU A C   1 
ATOM   417 O  O   . GLU A 1 55 ? -3.138  5.239   -0.930  1.00 12.33 ? 187 GLU A O   1 
ATOM   418 C  CB  . GLU A 1 55 ? -5.447  7.405   -1.137  1.00 13.74 ? 187 GLU A CB  1 
ATOM   419 C  CG  . GLU A 1 55 ? -6.597  8.098   -0.505  1.00 17.15 ? 187 GLU A CG  1 
ATOM   420 C  CD  . GLU A 1 55 ? -6.747  9.522   -0.896  1.00 21.46 ? 187 GLU A CD  1 
ATOM   421 O  OE1 . GLU A 1 55 ? -5.934  10.023  -1.685  1.00 23.88 ? 187 GLU A OE1 1 
ATOM   422 O  OE2 . GLU A 1 55 ? -7.672  10.172  -0.331  1.00 27.45 ? 187 GLU A OE2 1 
ATOM   423 N  N   . VAL A 1 56 ? -4.283  5.057   -2.850  1.00 11.88 ? 188 VAL A N   1 
ATOM   424 C  CA  A VAL A 1 56 ? -3.130  4.660   -3.692  0.50 11.47 ? 188 VAL A CA  1 
ATOM   425 C  CA  B VAL A 1 56 ? -3.122  4.677   -3.660  0.50 12.52 ? 188 VAL A CA  1 
ATOM   426 C  C   . VAL A 1 56 ? -3.166  5.555   -4.925  1.00 12.37 ? 188 VAL A C   1 
ATOM   427 O  O   . VAL A 1 56 ? -4.145  5.550   -5.663  1.00 12.73 ? 188 VAL A O   1 
ATOM   428 C  CB  A VAL A 1 56 ? -3.175  3.204   -4.201  0.50 12.17 ? 188 VAL A CB  1 
ATOM   429 C  CB  B VAL A 1 56 ? -3.090  3.156   -3.979  0.50 14.10 ? 188 VAL A CB  1 
ATOM   430 C  CG1 A VAL A 1 56 ? -1.853  2.970   -4.989  0.50 13.43 ? 188 VAL A CG1 1 
ATOM   431 C  CG1 B VAL A 1 56 ? -4.384  2.688   -4.529  0.50 16.53 ? 188 VAL A CG1 1 
ATOM   432 C  CG2 A VAL A 1 56 ? -3.314  2.221   -3.031  0.50 11.33 ? 188 VAL A CG2 1 
ATOM   433 C  CG2 B VAL A 1 56 ? -1.887  2.856   -4.917  0.50 15.78 ? 188 VAL A CG2 1 
ATOM   434 N  N   . ASN A 1 57 ? -2.120  6.357   -5.138  1.00 13.02 ? 189 ASN A N   1 
ATOM   435 C  CA  . ASN A 1 57 ? -2.078  7.272   -6.278  1.00 13.94 ? 189 ASN A CA  1 
ATOM   436 C  C   . ASN A 1 57 ? -3.336  8.147   -6.394  1.00 14.98 ? 189 ASN A C   1 
ATOM   437 O  O   . ASN A 1 57 ? -3.856  8.379   -7.471  1.00 15.70 ? 189 ASN A O   1 
ATOM   438 C  CB  . ASN A 1 57 ? -1.764  6.535   -7.589  1.00 14.64 ? 189 ASN A CB  1 
ATOM   439 C  CG  . ASN A 1 57 ? -0.346  6.063   -7.670  1.00 15.49 ? 189 ASN A CG  1 
ATOM   440 O  OD1 . ASN A 1 57 ? 0.556   6.596   -7.020  1.00 16.59 ? 189 ASN A OD1 1 
ATOM   441 N  ND2 . ASN A 1 57 ? -0.122  5.066   -8.513  1.00 16.79 ? 189 ASN A ND2 1 
ATOM   442 N  N   . GLY A 1 58 ? -3.822  8.599   -5.248  1.00 14.88 ? 190 GLY A N   1 
ATOM   443 C  CA  . GLY A 1 58 ? -4.987  9.457   -5.192  1.00 17.22 ? 190 GLY A CA  1 
ATOM   444 C  C   . GLY A 1 58 ? -6.319  8.746   -5.331  1.00 16.09 ? 190 GLY A C   1 
ATOM   445 O  O   . GLY A 1 58 ? -7.378  9.417   -5.314  1.00 19.60 ? 190 GLY A O   1 
ATOM   446 N  N   . ILE A 1 59 ? -6.291  7.402   -5.439  1.00 14.33 ? 191 ILE A N   1 
ATOM   447 C  CA  . ILE A 1 59 ? -7.495  6.592   -5.557  1.00 14.27 ? 191 ILE A CA  1 
ATOM   448 C  C   . ILE A 1 59 ? -7.910  6.151   -4.156  1.00 14.51 ? 191 ILE A C   1 
ATOM   449 O  O   . ILE A 1 59 ? -7.178  5.393   -3.519  1.00 13.35 ? 191 ILE A O   1 
ATOM   450 C  CB  . ILE A 1 59 ? -7.253  5.358   -6.429  1.00 13.91 ? 191 ILE A CB  1 
ATOM   451 C  CG1 . ILE A 1 59 ? -6.741  5.731   -7.844  1.00 15.10 ? 191 ILE A CG1 1 
ATOM   452 C  CG2 . ILE A 1 59 ? -8.547  4.529   -6.511  1.00 15.33 ? 191 ILE A CG2 1 
ATOM   453 C  CD1 . ILE A 1 59 ? -5.999  4.569   -8.514  1.00 17.11 ? 191 ILE A CD1 1 
ATOM   454 N  N   . PRO A 1 60 ? -9.071  6.615   -3.639  1.00 14.91 ? 192 PRO A N   1 
ATOM   455 C  CA  . PRO A 1 60 ? -9.487  6.174   -2.328  1.00 15.67 ? 192 PRO A CA  1 
ATOM   456 C  C   . PRO A 1 60 ? -9.838  4.704   -2.309  1.00 14.53 ? 192 PRO A C   1 
ATOM   457 O  O   . PRO A 1 60 ? -10.436 4.199   -3.269  1.00 15.74 ? 192 PRO A O   1 
ATOM   458 C  CB  . PRO A 1 60 ? -10.731 7.042   -2.016  1.00 18.23 ? 192 PRO A CB  1 
ATOM   459 C  CG  . PRO A 1 60 ? -10.647 8.140   -2.876  1.00 20.78 ? 192 PRO A CG  1 
ATOM   460 C  CD  . PRO A 1 60 ? -9.965  7.660   -4.142  1.00 16.69 ? 192 PRO A CD  1 
ATOM   461 N  N   . VAL A 1 61 ? -9.551  4.011   -1.209  1.00 14.83 ? 193 VAL A N   1 
ATOM   462 C  CA  . VAL A 1 61 ? -9.911  2.610   -1.108  1.00 16.71 ? 193 VAL A CA  1 
ATOM   463 C  C   . VAL A 1 61 ? -11.305 2.381   -0.640  1.00 18.15 ? 193 VAL A C   1 
ATOM   464 O  O   . VAL A 1 61 ? -11.820 1.263   -0.763  1.00 20.19 ? 193 VAL A O   1 
ATOM   465 C  CB  . VAL A 1 61 ? -8.991  1.821   -0.098  1.00 18.34 ? 193 VAL A CB  1 
ATOM   466 C  CG1 . VAL A 1 61 ? -7.579  1.892   -0.529  1.00 19.60 ? 193 VAL A CG1 1 
ATOM   467 C  CG2 . VAL A 1 61 ? -9.168  2.258   1.372   1.00 22.09 ? 193 VAL A CG2 1 
ATOM   468 N  N   . GLU A 1 62 ? -11.913 3.414   -0.067  1.00 19.49 ? 194 GLU A N   1 
ATOM   469 C  CA  . GLU A 1 62 ? -12.898 3.170   0.966   1.00 21.12 ? 194 GLU A CA  1 
ATOM   470 C  C   . GLU A 1 62 ? -14.134 2.621   0.279   1.00 19.78 ? 194 GLU A C   1 
ATOM   471 O  O   . GLU A 1 62 ? -14.998 2.033   0.929   1.00 22.88 ? 194 GLU A O   1 
ATOM   472 C  CB  . GLU A 1 62 ? -13.157 4.394   1.818   1.00 21.72 ? 194 GLU A CB  1 
ATOM   473 C  CG  . GLU A 1 62 ? -13.674 5.552   1.064   1.00 23.61 ? 194 GLU A CG  1 
ATOM   474 C  CD  . GLU A 1 62 ? -13.475 6.871   1.817   1.00 24.86 ? 194 GLU A CD  1 
ATOM   475 O  OE1 . GLU A 1 62 ? -13.431 7.865   1.084   1.00 30.10 ? 194 GLU A OE1 1 
ATOM   476 O  OE2 . GLU A 1 62 ? -13.390 6.920   3.124   1.00 28.36 ? 194 GLU A OE2 1 
ATOM   477 N  N   . ASP A 1 63 ? -14.275 2.886   -1.020  1.00 21.48 ? 195 ASP A N   1 
ATOM   478 C  CA  . ASP A 1 63 ? -15.423 2.338   -1.755  1.00 21.63 ? 195 ASP A CA  1 
ATOM   479 C  C   . ASP A 1 63 ? -15.078 1.205   -2.714  1.00 21.69 ? 195 ASP A C   1 
ATOM   480 O  O   . ASP A 1 63 ? -15.814 0.992   -3.707  1.00 23.88 ? 195 ASP A O   1 
ATOM   481 C  CB  . ASP A 1 63 ? -16.122 3.474   -2.509  1.00 23.31 ? 195 ASP A CB  1 
ATOM   482 C  CG  . ASP A 1 63 ? -15.179 4.268   -3.406  1.00 26.52 ? 195 ASP A CG  1 
ATOM   483 O  OD1 . ASP A 1 63 ? -13.970 3.934   -3.502  1.00 26.45 ? 195 ASP A OD1 1 
ATOM   484 O  OD2 . ASP A 1 63 ? -15.629 5.269   -3.983  1.00 32.79 ? 195 ASP A OD2 1 
ATOM   485 N  N   . LYS A 1 64 ? -13.987 0.465   -2.452  1.00 20.82 ? 196 LYS A N   1 
ATOM   486 C  CA  . LYS A 1 64 ? -13.543 -0.574  -3.384  1.00 21.35 ? 196 LYS A CA  1 
ATOM   487 C  C   . LYS A 1 64 ? -13.357 -1.907  -2.705  1.00 20.70 ? 196 LYS A C   1 
ATOM   488 O  O   . LYS A 1 64 ? -13.081 -1.980  -1.516  1.00 24.54 ? 196 LYS A O   1 
ATOM   489 C  CB  . LYS A 1 64 ? -12.257 -0.112  -4.049  1.00 22.08 ? 196 LYS A CB  1 
ATOM   490 C  CG  . LYS A 1 64 ? -12.537 1.092   -4.929  1.00 23.61 ? 196 LYS A CG  1 
ATOM   491 C  CD  . LYS A 1 64 ? -11.330 1.734   -5.416  1.00 25.18 ? 196 LYS A CD  1 
ATOM   492 C  CE  . LYS A 1 64 ? -11.679 2.996   -6.243  1.00 24.58 ? 196 LYS A CE  1 
ATOM   493 N  NZ  . LYS A 1 64 ? -12.085 4.181   -5.440  1.00 25.80 ? 196 LYS A NZ  1 
ATOM   494 N  N   . ARG A 1 65 ? -13.418 -2.981  -3.482  1.00 20.11 ? 197 ARG A N   1 
ATOM   495 C  CA  . ARG A 1 65 ? -13.151 -4.326  -2.973  1.00 20.40 ? 197 ARG A CA  1 
ATOM   496 C  C   . ARG A 1 65 ? -11.637 -4.644  -2.977  1.00 18.63 ? 197 ARG A C   1 
ATOM   497 O  O   . ARG A 1 65 ? -10.884 -4.082  -3.778  1.00 16.99 ? 197 ARG A O   1 
ATOM   498 C  CB  . ARG A 1 65 ? -13.852 -5.362  -3.817  1.00 21.84 ? 197 ARG A CB  1 
ATOM   499 C  CG  . ARG A 1 65 ? -15.344 -5.263  -3.793  1.00 25.51 ? 197 ARG A CG  1 
ATOM   500 C  CD  . ARG A 1 65 ? -15.912 -6.535  -4.458  1.00 29.41 ? 197 ARG A CD  1 
ATOM   501 N  N   . PRO A 1 66 ? -11.202 -5.589  -2.108  1.00 17.50 ? 198 PRO A N   1 
ATOM   502 C  CA  . PRO A 1 66 ? -9.762  -5.919  -2.069  1.00 17.64 ? 198 PRO A CA  1 
ATOM   503 C  C   . PRO A 1 66 ? -9.170  -6.378  -3.407  1.00 15.86 ? 198 PRO A C   1 
ATOM   504 O  O   . PRO A 1 66 ? -8.069  -5.992  -3.770  1.00 15.13 ? 198 PRO A O   1 
ATOM   505 C  CB  . PRO A 1 66 ? -9.684  -7.031  -1.033  1.00 18.78 ? 198 PRO A CB  1 
ATOM   506 C  CG  . PRO A 1 66 ? -10.849 -6.739  -0.107  1.00 19.40 ? 198 PRO A CG  1 
ATOM   507 C  CD  . PRO A 1 66 ? -11.927 -6.211  -0.993  1.00 19.32 ? 198 PRO A CD  1 
ATOM   508 N  N   . GLU A 1 67 ? -9.943  -7.118  -4.172  1.00 16.21 ? 199 GLU A N   1 
ATOM   509 C  CA  . GLU A 1 67 ? -9.464  -7.586  -5.445  1.00 16.88 ? 199 GLU A CA  1 
ATOM   510 C  C   . GLU A 1 67 ? -9.060  -6.424  -6.361  1.00 14.43 ? 199 GLU A C   1 
ATOM   511 O  O   . GLU A 1 67 ? -8.135  -6.532  -7.137  1.00 14.80 ? 199 GLU A O   1 
ATOM   512 C  CB  . GLU A 1 67 ? -10.610 -8.383  -6.098  1.00 19.55 ? 199 GLU A CB  1 
ATOM   513 C  CG  . GLU A 1 67 ? -10.210 -9.154  -7.305  1.00 23.98 ? 199 GLU A CG  1 
ATOM   514 C  CD  . GLU A 1 67 ? -11.100 -10.400 -7.550  1.00 30.04 ? 199 GLU A CD  1 
ATOM   515 O  OE1 . GLU A 1 67 ? -10.637 -11.565 -7.420  1.00 35.84 ? 199 GLU A OE1 1 
ATOM   516 O  OE2 . GLU A 1 67 ? -12.271 -10.201 -7.859  1.00 31.48 ? 199 GLU A OE2 1 
ATOM   517 N  N   . GLU A 1 68 ? -9.800  -5.324  -6.302  1.00 13.73 ? 200 GLU A N   1 
ATOM   518 C  CA  . GLU A 1 68 ? -9.459  -4.113  -7.035  1.00 14.00 ? 200 GLU A CA  1 
ATOM   519 C  C   . GLU A 1 68 ? -8.204  -3.452  -6.491  1.00 12.23 ? 200 GLU A C   1 
ATOM   520 O  O   . GLU A 1 68 ? -7.314  -3.074  -7.242  1.00 11.95 ? 200 GLU A O   1 
ATOM   521 C  CB  . GLU A 1 68 ? -10.643 -3.079  -7.109  1.00 15.85 ? 200 GLU A CB  1 
ATOM   522 C  CG  . GLU A 1 68 ? -10.219 -1.814  -7.932  1.00 18.50 ? 200 GLU A CG  1 
ATOM   523 C  CD  . GLU A 1 68 ? -11.277 -0.795  -8.141  1.00 22.42 ? 200 GLU A CD  1 
ATOM   524 O  OE1 . GLU A 1 68 ? -12.402 -1.006  -7.671  1.00 21.10 ? 200 GLU A OE1 1 
ATOM   525 O  OE2 . GLU A 1 68 ? -10.952 0.251   -8.783  1.00 27.95 ? 200 GLU A OE2 1 
ATOM   526 N  N   . ILE A 1 69 ? -8.145  -3.277  -5.175  1.00 11.92 ? 201 ILE A N   1 
ATOM   527 C  CA  A ILE A 1 69 ? -7.000  -2.566  -4.600  0.50 11.81 ? 201 ILE A CA  1 
ATOM   528 C  CA  B ILE A 1 69 ? -7.048  -2.601  -4.534  0.50 11.83 ? 201 ILE A CA  1 
ATOM   529 C  C   . ILE A 1 69 ? -5.725  -3.362  -4.832  1.00 10.74 ? 201 ILE A C   1 
ATOM   530 O  O   . ILE A 1 69 ? -4.693  -2.770  -5.152  1.00 11.01 ? 201 ILE A O   1 
ATOM   531 C  CB  A ILE A 1 69 ? -7.154  -2.217  -3.112  0.50 12.24 ? 201 ILE A CB  1 
ATOM   532 C  CB  B ILE A 1 69 ? -7.371  -2.482  -3.024  0.50 12.67 ? 201 ILE A CB  1 
ATOM   533 C  CG1 A ILE A 1 69 ? -8.423  -1.373  -2.862  0.50 14.63 ? 201 ILE A CG1 1 
ATOM   534 C  CG1 B ILE A 1 69 ? -8.685  -1.683  -2.799  0.50 12.79 ? 201 ILE A CG1 1 
ATOM   535 C  CG2 A ILE A 1 69 ? -5.912  -1.451  -2.604  0.50 12.70 ? 201 ILE A CG2 1 
ATOM   536 C  CG2 B ILE A 1 69 ? -6.216  -1.859  -2.260  0.50 13.43 ? 201 ILE A CG2 1 
ATOM   537 C  CD1 A ILE A 1 69 ? -8.469  -0.081  -3.646  0.50 17.79 ? 201 ILE A CD1 1 
ATOM   538 C  CD1 B ILE A 1 69 ? -9.260  -1.795  -1.437  0.50 13.84 ? 201 ILE A CD1 1 
ATOM   539 N  N   . ILE A 1 70 ? -5.771  -4.689  -4.693  1.00 9.68  ? 202 ILE A N   1 
ATOM   540 C  CA  . ILE A 1 70 ? -4.596  -5.511  -4.916  1.00 10.05 ? 202 ILE A CA  1 
ATOM   541 C  C   . ILE A 1 70 ? -4.107  -5.341  -6.373  1.00 9.85  ? 202 ILE A C   1 
ATOM   542 O  O   . ILE A 1 70 ? -2.910  -5.233  -6.632  1.00 10.05 ? 202 ILE A O   1 
ATOM   543 C  CB  . ILE A 1 70 ? -4.899  -6.985  -4.584  1.00 11.14 ? 202 ILE A CB  1 
ATOM   544 C  CG1 . ILE A 1 70 ? -5.172  -7.147  -3.069  1.00 11.84 ? 202 ILE A CG1 1 
ATOM   545 C  CG2 . ILE A 1 70 ? -3.747  -7.913  -5.006  1.00 11.94 ? 202 ILE A CG2 1 
ATOM   546 C  CD1 . ILE A 1 70 ? -5.896  -8.472  -2.725  1.00 14.20 ? 202 ILE A CD1 1 
ATOM   547 N  N   . GLN A 1 71 ? -5.029  -5.286  -7.334  1.00 9.10  ? 203 GLN A N   1 
ATOM   548 C  CA  . GLN A 1 71 ? -4.632  -5.021  -8.718  1.00 9.56  ? 203 GLN A CA  1 
ATOM   549 C  C   . GLN A 1 71 ? -4.028  -3.683  -8.895  1.00 10.41 ? 203 GLN A C   1 
ATOM   550 O  O   . GLN A 1 71 ? -3.065  -3.557  -9.670  1.00 11.80 ? 203 GLN A O   1 
ATOM   551 C  CB  . GLN A 1 71 ? -5.813  -5.113  -9.687  1.00 10.71 ? 203 GLN A CB  1 
ATOM   552 C  CG  . GLN A 1 71 ? -6.267  -6.508  -9.961  1.00 10.47 ? 203 GLN A CG  1 
ATOM   553 C  CD  . GLN A 1 71 ? -7.434  -6.475  -10.935 1.00 10.13 ? 203 GLN A CD  1 
ATOM   554 O  OE1 . GLN A 1 71 ? -7.276  -6.380  -12.159 1.00 10.13 ? 203 GLN A OE1 1 
ATOM   555 N  NE2 . GLN A 1 71 ? -8.636  -6.454  -10.383 1.00 12.13 ? 203 GLN A NE2 1 
ATOM   556 N  N   . ILE A 1 72 ? -4.528  -2.648  -8.219  1.00 10.98 ? 204 ILE A N   1 
ATOM   557 C  CA  . ILE A 1 72 ? -3.908  -1.334  -8.391  1.00 11.75 ? 204 ILE A CA  1 
ATOM   558 C  C   . ILE A 1 72 ? -2.456  -1.378  -7.910  1.00 12.33 ? 204 ILE A C   1 
ATOM   559 O  O   . ILE A 1 72 ? -1.547  -0.805  -8.564  1.00 14.53 ? 204 ILE A O   1 
ATOM   560 C  CB  . ILE A 1 72 ? -4.711  -0.247  -7.647  1.00 13.20 ? 204 ILE A CB  1 
ATOM   561 C  CG1 . ILE A 1 72 ? -6.105  -0.089  -8.268  1.00 13.86 ? 204 ILE A CG1 1 
ATOM   562 C  CG2 . ILE A 1 72 ? -3.899  1.054   -7.630  1.00 14.98 ? 204 ILE A CG2 1 
ATOM   563 C  CD1 . ILE A 1 72 ? -7.042  0.738   -7.399  1.00 17.20 ? 204 ILE A CD1 1 
ATOM   564 N  N   . LEU A 1 73 ? -2.192  -2.070  -6.803  1.00 12.40 ? 205 LEU A N   1 
ATOM   565 C  CA  . LEU A 1 73 ? -0.826  -2.157  -6.349  1.00 12.96 ? 205 LEU A CA  1 
ATOM   566 C  C   . LEU A 1 73 ? 0.067   -2.894  -7.338  1.00 13.80 ? 205 LEU A C   1 
ATOM   567 O  O   . LEU A 1 73 ? 1.232   -2.539  -7.513  1.00 17.26 ? 205 LEU A O   1 
ATOM   568 C  CB  . LEU A 1 73 ? -0.778  -2.882  -5.004  1.00 12.94 ? 205 LEU A CB  1 
ATOM   569 C  CG  . LEU A 1 73 ? -1.492  -2.241  -3.817  1.00 15.05 ? 205 LEU A CG  1 
ATOM   570 C  CD1 . LEU A 1 73 ? -1.446  -3.091  -2.570  1.00 17.62 ? 205 LEU A CD1 1 
ATOM   571 C  CD2 . LEU A 1 73 ? -0.911  -0.924  -3.564  1.00 16.52 ? 205 LEU A CD2 1 
ATOM   572 N  N   . ALA A 1 74 ? -0.453  -3.919  -7.980  1.00 11.66 ? 206 ALA A N   1 
ATOM   573 C  CA  . ALA A 1 74 ? 0.345   -4.718  -8.883  1.00 12.31 ? 206 ALA A CA  1 
ATOM   574 C  C   . ALA A 1 74 ? 0.531   -4.129  -10.285 1.00 11.94 ? 206 ALA A C   1 
ATOM   575 O  O   . ALA A 1 74 ? 1.527   -4.379  -10.936 1.00 14.10 ? 206 ALA A O   1 
ATOM   576 C  CB  . ALA A 1 74 ? -0.292  -6.056  -9.001  1.00 14.26 ? 206 ALA A CB  1 
ATOM   577 N  N   . GLN A 1 75 ? -0.453  -3.374  -10.737 1.00 10.84 ? 207 GLN A N   1 
ATOM   578 C  CA  . GLN A 1 75 ? -0.508  -2.907  -12.098 1.00 10.28 ? 207 GLN A CA  1 
ATOM   579 C  C   . GLN A 1 75 ? 0.088   -1.511  -12.297 1.00 11.84 ? 207 GLN A C   1 
ATOM   580 O  O   . GLN A 1 75 ? 0.336   -1.082  -13.416 1.00 12.94 ? 207 GLN A O   1 
ATOM   581 C  CB  . GLN A 1 75 ? -1.917  -2.945  -12.614 1.00 11.41 ? 207 GLN A CB  1 
ATOM   582 C  CG  . GLN A 1 75 ? -2.464  -4.349  -12.733 1.00 11.24 ? 207 GLN A CG  1 
ATOM   583 C  CD  . GLN A 1 75 ? -1.671  -5.170  -13.725 1.00 11.22 ? 207 GLN A CD  1 
ATOM   584 O  OE1 . GLN A 1 75 ? -1.326  -4.665  -14.777 1.00 13.00 ? 207 GLN A OE1 1 
ATOM   585 N  NE2 . GLN A 1 75 ? -1.387  -6.399  -13.389 1.00 13.19 ? 207 GLN A NE2 1 
ATOM   586 N  N   . SER A 1 76 ? 0.319   -0.819  -11.194 1.00 12.31 ? 208 SER A N   1 
ATOM   587 C  CA  A SER A 1 76 ? 0.986   0.478   -11.163 0.50 13.33 ? 208 SER A CA  1 
ATOM   588 C  CA  B SER A 1 76 ? 0.998   0.471   -11.257 0.50 12.49 ? 208 SER A CA  1 
ATOM   589 C  C   . SER A 1 76 ? 2.485   0.287   -11.412 1.00 13.04 ? 208 SER A C   1 
ATOM   590 O  O   . SER A 1 76 ? 3.020   -0.758  -11.107 1.00 13.95 ? 208 SER A O   1 
ATOM   591 C  CB  A SER A 1 76 ? 0.718   1.138   -9.786  0.50 13.21 ? 208 SER A CB  1 
ATOM   592 C  CB  B SER A 1 76 ? 0.705   1.249   -9.998  0.50 12.12 ? 208 SER A CB  1 
ATOM   593 O  OG  A SER A 1 76 ? -0.698  1.343   -9.563  0.50 16.83 ? 208 SER A OG  1 
ATOM   594 O  OG  B SER A 1 76 ? 0.952   0.450   -8.881  0.50 10.99 ? 208 SER A OG  1 
ATOM   595 N  N   . GLN A 1 77 ? 3.156   1.329   -11.860 1.00 14.44 ? 209 GLN A N   1 
ATOM   596 C  CA  A GLN A 1 77 ? 4.623   1.316   -12.143 0.50 15.01 ? 209 GLN A CA  1 
ATOM   597 C  CA  B GLN A 1 77 ? 4.623   1.275   -11.967 0.50 14.81 ? 209 GLN A CA  1 
ATOM   598 C  C   . GLN A 1 77 ? 5.213   2.668   -11.760 1.00 14.91 ? 209 GLN A C   1 
ATOM   599 O  O   . GLN A 1 77 ? 4.526   3.669   -11.871 1.00 16.27 ? 209 GLN A O   1 
ATOM   600 C  CB  A GLN A 1 77 ? 4.919   1.096   -13.661 0.50 16.05 ? 209 GLN A CB  1 
ATOM   601 C  CB  B GLN A 1 77 ? 5.040   0.742   -13.335 0.50 15.88 ? 209 GLN A CB  1 
ATOM   602 C  CG  A GLN A 1 77 ? 5.046   -0.351  -14.115 0.50 18.66 ? 209 GLN A CG  1 
ATOM   603 C  CG  B GLN A 1 77 ? 4.700   1.752   -14.390 0.50 17.43 ? 209 GLN A CG  1 
ATOM   604 C  CD  A GLN A 1 77 ? 6.038   -1.191  -13.298 0.50 19.16 ? 209 GLN A CD  1 
ATOM   605 C  CD  B GLN A 1 77 ? 5.266   1.468   -15.735 0.50 19.79 ? 209 GLN A CD  1 
ATOM   606 O  OE1 A GLN A 1 77 ? 5.666   -1.697  -12.235 0.50 20.04 ? 209 GLN A OE1 1 
ATOM   607 O  OE1 B GLN A 1 77 ? 6.030   0.521   -15.908 0.50 22.72 ? 209 GLN A OE1 1 
ATOM   608 N  NE2 A GLN A 1 77 ? 7.270   -1.417  -13.826 0.50 19.78 ? 209 GLN A NE2 1 
ATOM   609 N  NE2 B GLN A 1 77 ? 4.958   2.338   -16.696 0.50 24.40 ? 209 GLN A NE2 1 
ATOM   610 N  N   . GLY A 1 78 ? 6.488   2.693   -11.401 1.00 13.98 ? 210 GLY A N   1 
ATOM   611 C  CA  . GLY A 1 78 ? 7.198   3.920   -11.142 1.00 14.69 ? 210 GLY A CA  1 
ATOM   612 C  C   . GLY A 1 78 ? 6.921   4.425   -9.745  1.00 13.52 ? 210 GLY A C   1 
ATOM   613 O  O   . GLY A 1 78 ? 6.703   3.637   -8.827  1.00 14.37 ? 210 GLY A O   1 
ATOM   614 N  N   . ALA A 1 79 ? 6.949   5.733   -9.572  1.00 14.23 ? 211 ALA A N   1 
ATOM   615 C  CA  . ALA A 1 79 ? 6.650   6.338   -8.298  1.00 14.26 ? 211 ALA A CA  1 
ATOM   616 C  C   . ALA A 1 79 ? 5.182   6.054   -7.958  1.00 14.88 ? 211 ALA A C   1 
ATOM   617 O  O   . ALA A 1 79 ? 4.296   6.130   -8.819  1.00 16.30 ? 211 ALA A O   1 
ATOM   618 C  CB  . ALA A 1 79 ? 6.915   7.838   -8.374  1.00 17.03 ? 211 ALA A CB  1 
ATOM   619 N  N   . ILE A 1 80 ? 4.948   5.719   -6.703  1.00 12.96 ? 212 ILE A N   1 
ATOM   620 C  CA  . ILE A 1 80 ? 3.611   5.403   -6.221  1.00 13.69 ? 212 ILE A CA  1 
ATOM   621 C  C   . ILE A 1 80 ? 3.438   6.099   -4.862  1.00 13.16 ? 212 ILE A C   1 
ATOM   622 O  O   . ILE A 1 80 ? 4.312   6.010   -4.003  1.00 13.53 ? 212 ILE A O   1 
ATOM   623 C  CB  . ILE A 1 80 ? 3.383   3.865   -6.098  1.00 13.78 ? 212 ILE A CB  1 
ATOM   624 C  CG1 . ILE A 1 80 ? 1.947   3.533   -5.623  1.00 14.17 ? 212 ILE A CG1 1 
ATOM   625 C  CG2 . ILE A 1 80 ? 4.449   3.146   -5.288  1.00 16.36 ? 212 ILE A CG2 1 
ATOM   626 C  CD1 . ILE A 1 80 ? 1.534   2.015   -5.828  1.00 17.36 ? 212 ILE A CD1 1 
ATOM   627 N  N   . THR A 1 81 ? 2.325   6.816   -4.737  1.00 13.22 ? 213 THR A N   1 
ATOM   628 C  CA  . THR A 1 81 ? 1.965   7.498   -3.514  1.00 13.67 ? 213 THR A CA  1 
ATOM   629 C  C   . THR A 1 81 ? 0.936   6.700   -2.742  1.00 12.42 ? 213 THR A C   1 
ATOM   630 O  O   . THR A 1 81 ? -0.023  6.194   -3.328  1.00 13.17 ? 213 THR A O   1 
ATOM   631 C  CB  . THR A 1 81 ? 1.416   8.884   -3.819  1.00 14.49 ? 213 THR A CB  1 
ATOM   632 O  OG1 . THR A 1 81 ? 2.450   9.649   -4.450  1.00 18.28 ? 213 THR A OG1 1 
ATOM   633 C  CG2 . THR A 1 81 ? 0.932   9.622   -2.573  1.00 17.06 ? 213 THR A CG2 1 
ATOM   634 N  N   . PHE A 1 82 ? 1.136   6.598   -1.443  1.00 12.13 ? 214 PHE A N   1 
ATOM   635 C  CA  . PHE A 1 82 ? 0.134   6.053   -0.564  1.00 11.95 ? 214 PHE A CA  1 
ATOM   636 C  C   . PHE A 1 82 ? -0.276  7.086   0.486   1.00 12.57 ? 214 PHE A C   1 
ATOM   637 O  O   . PHE A 1 82 ? 0.557   7.823   0.983   1.00 13.87 ? 214 PHE A O   1 
ATOM   638 C  CB  . PHE A 1 82 ? 0.620   4.797   0.181   1.00 13.17 ? 214 PHE A CB  1 
ATOM   639 C  CG  . PHE A 1 82 ? 1.116   3.703   -0.701  1.00 14.71 ? 214 PHE A CG  1 
ATOM   640 C  CD1 . PHE A 1 82 ? 0.256   2.865   -1.319  1.00 17.53 ? 214 PHE A CD1 1 
ATOM   641 C  CD2 . PHE A 1 82 ? 2.454   3.478   -0.863  1.00 17.86 ? 214 PHE A CD2 1 
ATOM   642 C  CE1 . PHE A 1 82 ? 0.723   1.836   -2.156  1.00 19.49 ? 214 PHE A CE1 1 
ATOM   643 C  CE2 . PHE A 1 82 ? 2.904   2.422   -1.666  1.00 18.83 ? 214 PHE A CE2 1 
ATOM   644 C  CZ  . PHE A 1 82 ? 2.022   1.628   -2.313  1.00 17.64 ? 214 PHE A CZ  1 
ATOM   645 N  N   . LYS A 1 83 ? -1.563  7.126   0.803   1.00 12.28 ? 215 LYS A N   1 
ATOM   646 C  CA  A LYS A 1 83 ? -2.005  7.785   2.030   0.50 13.06 ? 215 LYS A CA  1 
ATOM   647 C  CA  B LYS A 1 83 ? -2.056  7.800   2.012   0.50 13.27 ? 215 LYS A CA  1 
ATOM   648 C  C   . LYS A 1 83 ? -2.335  6.698   3.006   1.00 12.31 ? 215 LYS A C   1 
ATOM   649 O  O   . LYS A 1 83 ? -3.099  5.768   2.694   1.00 13.33 ? 215 LYS A O   1 
ATOM   650 C  CB  A LYS A 1 83 ? -3.156  8.748   1.807   0.50 13.99 ? 215 LYS A CB  1 
ATOM   651 C  CB  B LYS A 1 83 ? -3.304  8.645   1.736   0.50 14.56 ? 215 LYS A CB  1 
ATOM   652 C  CG  A LYS A 1 83 ? -2.753  9.929   0.960   0.50 15.84 ? 215 LYS A CG  1 
ATOM   653 C  CG  B LYS A 1 83 ? -3.813  9.412   2.941   0.50 17.33 ? 215 LYS A CG  1 
ATOM   654 C  CD  A LYS A 1 83 ? -3.840  10.999  0.922   0.50 18.15 ? 215 LYS A CD  1 
ATOM   655 C  CD  B LYS A 1 83 ? -5.008  10.309  2.606   0.50 19.19 ? 215 LYS A CD  1 
ATOM   656 N  N   . ILE A 1 84 ? -1.704  6.752   4.169   1.00 12.76 ? 216 ILE A N   1 
ATOM   657 C  CA  . ILE A 1 84 ? -1.771  5.696   5.167   1.00 12.79 ? 216 ILE A CA  1 
ATOM   658 C  C   . ILE A 1 84 ? -2.075  6.246   6.546   1.00 13.17 ? 216 ILE A C   1 
ATOM   659 O  O   . ILE A 1 84 ? -1.795  7.384   6.860   1.00 15.38 ? 216 ILE A O   1 
ATOM   660 C  CB  . ILE A 1 84 ? -0.455  4.855   5.217   1.00 13.86 ? 216 ILE A CB  1 
ATOM   661 C  CG1 . ILE A 1 84 ? 0.718   5.697   5.691   1.00 15.54 ? 216 ILE A CG1 1 
ATOM   662 C  CG2 . ILE A 1 84 ? -0.199  4.189   3.873   1.00 14.93 ? 216 ILE A CG2 1 
ATOM   663 C  CD1 . ILE A 1 84 ? 1.932   4.904   6.015   1.00 17.35 ? 216 ILE A CD1 1 
ATOM   664 N  N   . ILE A 1 85 ? -2.625  5.379   7.383   1.00 13.84 ? 217 ILE A N   1 
ATOM   665 C  CA  . ILE A 1 85 ? -2.652  5.624   8.840   1.00 14.82 ? 217 ILE A CA  1 
ATOM   666 C  C   . ILE A 1 85 ? -1.650  4.690   9.437   1.00 15.34 ? 217 ILE A C   1 
ATOM   667 O  O   . ILE A 1 85 ? -1.829  3.455   9.422   1.00 14.75 ? 217 ILE A O   1 
ATOM   668 C  CB  . ILE A 1 85 ? -4.021  5.399   9.481   1.00 14.37 ? 217 ILE A CB  1 
ATOM   669 C  CG1 . ILE A 1 85 ? -5.019  6.321   8.831   1.00 16.57 ? 217 ILE A CG1 1 
ATOM   670 C  CG2 . ILE A 1 85 ? -3.951  5.640   10.989  1.00 17.54 ? 217 ILE A CG2 1 
ATOM   671 C  CD1 . ILE A 1 85 ? -6.471  6.014   9.215   1.00 18.02 ? 217 ILE A CD1 1 
ATOM   672 N  N   . PRO A 1 86 ? -0.538  5.237   9.956   1.00 17.32 ? 218 PRO A N   1 
ATOM   673 C  CA  . PRO A 1 86 ? 0.441   4.334   10.497  1.00 18.62 ? 218 PRO A CA  1 
ATOM   674 C  C   . PRO A 1 86 ? -0.079  3.496   11.658  1.00 19.69 ? 218 PRO A C   1 
ATOM   675 O  O   . PRO A 1 86 ? -0.862  3.961   12.483  1.00 21.56 ? 218 PRO A O   1 
ATOM   676 C  CB  . PRO A 1 86 ? 1.577   5.258   10.960  1.00 20.10 ? 218 PRO A CB  1 
ATOM   677 C  CG  . PRO A 1 86 ? 1.427   6.489   10.134  1.00 20.55 ? 218 PRO A CG  1 
ATOM   678 C  CD  . PRO A 1 86 ? -0.071  6.638   9.965   1.00 18.62 ? 218 PRO A CD  1 
ATOM   679 N  N   . GLY A 1 87 ? 0.380   2.267   11.704  1.00 20.68 ? 219 GLY A N   1 
ATOM   680 C  CA  . GLY A 1 87 ? 0.121   1.402   12.804  1.00 22.77 ? 219 GLY A CA  1 
ATOM   681 C  C   . GLY A 1 87 ? 0.792   1.912   14.080  1.00 25.17 ? 219 GLY A C   1 
ATOM   682 O  O   . GLY A 1 87 ? 0.279   1.597   15.136  1.00 29.43 ? 219 GLY A O   1 
HETATM 683 X  UNK . UNX B 2 .  ? 0.691   -7.698  -15.180 0.01 10.00 ? 1   UNX A UNK 1 
HETATM 684 X  UNK . UNX C 2 .  ? 10.734  -12.301 -1.299  0.01 10.00 ? 2   UNX A UNK 1 
HETATM 685 X  UNK . UNX D 2 .  ? -2.223  3.876   -10.439 0.01 10.00 ? 3   UNX A UNK 1 
HETATM 686 X  UNK . UNX E 2 .  ? -11.052 0.316   3.828   0.01 10.00 ? 4   UNX A UNK 1 
HETATM 687 X  UNK . UNX F 2 .  ? -9.085  8.623   4.189   0.01 10.00 ? 5   UNX A UNK 1 
HETATM 688 X  UNK . UNX G 2 .  ? -0.811  10.492  -6.280  0.01 10.00 ? 6   UNX A UNK 1 
HETATM 689 X  UNK . UNX H 2 .  ? -6.862  -12.754 2.725   0.01 10.00 ? 7   UNX A UNK 1 
HETATM 690 X  UNK . UNX I 2 .  ? -4.525  -4.630  12.304  0.01 10.00 ? 8   UNX A UNK 1 
HETATM 691 X  UNK . UNX J 2 .  ? 5.934   -7.169  -10.392 0.01 10.00 ? 9   UNX A UNK 1 
HETATM 692 X  UNK . UNX K 2 .  ? -9.829  8.318   1.324   0.01 10.00 ? 10  UNX A UNK 1 
HETATM 693 X  UNK . UNX L 2 .  ? -15.266 -0.861  0.215   0.01 10.00 ? 11  UNX A UNK 1 
HETATM 694 X  UNK . UNX M 2 .  ? -14.124 8.064   -1.074  0.01 30.00 ? 12  UNX A UNK 1 
HETATM 695 X  UNK . UNX N 2 .  ? 0.913   -12.196 3.459   0.01 30.00 ? 13  UNX A UNK 1 
HETATM 696 O  O   . HOH O 3 .  ? 4.280   1.941   -9.066  1.00 16.27 ? 14  HOH A O   1 
HETATM 697 O  O   . HOH O 3 .  ? 12.185  1.521   -2.179  1.00 24.11 ? 15  HOH A O   1 
HETATM 698 O  O   . HOH O 3 .  ? 7.259   7.419   -11.970 1.00 22.76 ? 16  HOH A O   1 
HETATM 699 O  O   . HOH O 3 .  ? -5.790  1.895   11.226  1.00 18.92 ? 17  HOH A O   1 
HETATM 700 O  O   . HOH O 3 .  ? -5.515  -10.947 1.263   1.00 22.06 ? 18  HOH A O   1 
HETATM 701 O  O   . HOH O 3 .  ? -15.248 1.543   3.600   1.00 17.57 ? 19  HOH A O   1 
HETATM 702 O  O   . HOH O 3 .  ? 2.037   13.482  5.191   1.00 27.15 ? 20  HOH A O   1 
HETATM 703 O  O   . HOH O 3 .  ? -3.045  1.536   11.099  1.00 18.32 ? 21  HOH A O   1 
HETATM 704 O  O   . HOH O 3 .  ? -2.449  -8.061  -10.626 1.00 19.14 ? 22  HOH A O   1 
HETATM 705 O  O   . HOH O 3 .  ? 3.992   5.902   -13.309 1.00 34.96 ? 23  HOH A O   1 
HETATM 706 O  O   . HOH O 3 .  ? 7.989   5.014   8.669   0.50 24.29 ? 24  HOH A O   1 
HETATM 707 O  O   . HOH O 3 .  ? -6.274  -7.289  8.106   1.00 22.75 ? 25  HOH A O   1 
HETATM 708 O  O   . HOH O 3 .  ? -10.742 -10.161 8.937   1.00 42.92 ? 26  HOH A O   1 
HETATM 709 O  O   . HOH O 3 .  ? -17.752 6.380   -2.161  1.00 29.28 ? 27  HOH A O   1 
HETATM 710 O  O   . HOH O 3 .  ? 5.819   5.927   7.313   1.00 33.84 ? 28  HOH A O   1 
HETATM 711 O  O   . HOH O 3 .  ? 2.057   -6.959  -12.317 1.00 22.13 ? 29  HOH A O   1 
HETATM 712 O  O   . HOH O 3 .  ? 9.230   -7.112  -13.388 0.33 25.28 ? 30  HOH A O   1 
HETATM 713 O  O   . HOH O 3 .  ? -0.264  -9.906  -9.331  0.33 14.52 ? 31  HOH A O   1 
HETATM 714 O  O   . HOH O 3 .  ? -3.945  -8.861  -8.330  1.00 17.76 ? 32  HOH A O   1 
HETATM 715 O  O   . HOH O 3 .  ? 2.134   -9.035  -10.349 0.33 15.25 ? 33  HOH A O   1 
HETATM 716 O  O   . HOH O 3 .  ? -6.573  3.732   13.146  1.00 24.74 ? 34  HOH A O   1 
HETATM 717 O  O   . HOH O 3 .  ? 4.431   13.495  2.028   1.00 27.29 ? 35  HOH A O   1 
HETATM 718 O  O   . HOH O 3 .  ? -15.983 -5.662  5.925   1.00 36.86 ? 36  HOH A O   1 
HETATM 719 O  O   . HOH O 3 .  ? -8.612  -2.438  11.493  1.00 31.54 ? 37  HOH A O   1 
HETATM 720 O  O   . HOH O 3 .  ? -11.950 -0.631  1.431   1.00 26.40 ? 38  HOH A O   1 
HETATM 721 O  O   . HOH O 3 .  ? 4.704   3.388   8.441   0.50 23.52 ? 39  HOH A O   1 
HETATM 722 O  O   . HOH O 3 .  ? 7.363   -6.940  9.036   1.00 30.87 ? 40  HOH A O   1 
HETATM 723 O  O   . HOH O 3 .  ? 3.991   -10.007 8.485   1.00 29.97 ? 41  HOH A O   1 
HETATM 724 O  O   . HOH O 3 .  ? -12.303 -8.704  -3.263  1.00 32.43 ? 42  HOH A O   1 
HETATM 725 O  O   . HOH O 3 .  ? -1.343  6.305   13.640  1.00 38.79 ? 43  HOH A O   1 
HETATM 726 O  O   . HOH O 3 .  ? 0.116   -9.418  9.524   1.00 29.01 ? 44  HOH A O   1 
HETATM 727 O  O   . HOH O 3 .  ? 3.965   10.168  -10.591 1.00 35.19 ? 45  HOH A O   1 
HETATM 728 O  O   . HOH O 3 .  ? -14.459 -0.938  4.271   1.00 31.13 ? 46  HOH A O   1 
HETATM 729 O  O   . HOH O 3 .  ? 2.417   -0.514  11.952  1.00 35.40 ? 47  HOH A O   1 
HETATM 730 O  O   . HOH O 3 .  ? -3.696  -7.986  8.140   1.00 34.76 ? 48  HOH A O   1 
HETATM 731 O  O   . HOH O 3 .  ? -6.779  -11.573 -6.292  0.33 20.28 ? 49  HOH A O   1 
HETATM 732 O  O   . HOH O 3 .  ? -3.762  -1.897  12.074  1.00 29.86 ? 50  HOH A O   1 
HETATM 733 O  O   . HOH O 3 .  ? -14.547 0.577   -8.209  1.00 35.71 ? 51  HOH A O   1 
HETATM 734 O  O   . HOH O 3 .  ? 8.942   -2.695  8.337   0.50 30.02 ? 52  HOH A O   1 
HETATM 735 O  O   . HOH O 3 .  ? 10.125  -7.580  6.588   1.00 43.98 ? 53  HOH A O   1 
HETATM 736 O  O   . HOH O 3 .  ? 8.597   -8.083  -10.804 1.00 27.41 ? 54  HOH A O   1 
HETATM 737 O  O   . HOH O 3 .  ? -7.821  -9.449  8.810   1.00 31.45 ? 55  HOH A O   1 
HETATM 738 O  O   . HOH O 3 .  ? -6.433  -6.269  10.771  1.00 38.96 ? 56  HOH A O   1 
HETATM 739 O  O   . HOH O 3 .  ? 11.660  -0.068  8.415   0.50 27.24 ? 57  HOH A O   1 
HETATM 740 O  O   . HOH O 3 .  ? 8.163   -10.706 6.143   1.00 40.28 ? 58  HOH A O   1 
HETATM 741 O  O   . HOH O 3 .  ? 7.676   4.082   -14.684 1.00 32.10 ? 59  HOH A O   1 
HETATM 742 O  O   . HOH O 3 .  ? -1.400  -6.835  9.548   1.00 27.54 ? 60  HOH A O   1 
HETATM 743 O  O   . HOH O 3 .  ? -11.962 6.394   -7.276  1.00 35.64 ? 61  HOH A O   1 
HETATM 744 O  O   . HOH O 3 .  ? -13.826 -2.755  -6.416  1.00 23.30 ? 62  HOH A O   1 
HETATM 745 O  O   . HOH O 3 .  ? -1.917  -5.673  11.843  1.00 40.57 ? 63  HOH A O   1 
HETATM 746 O  O   . HOH O 3 .  ? 3.779   2.065   11.395  1.00 32.88 ? 64  HOH A O   1 
HETATM 747 O  O   . HOH O 3 .  ? 9.713   -8.125  -2.918  1.00 15.73 ? 65  HOH A O   1 
HETATM 748 O  O   . HOH O 3 .  ? -9.136  -12.489 -5.439  0.33 30.62 ? 66  HOH A O   1 
HETATM 749 O  O   . HOH O 3 .  ? -6.593  -0.610  11.878  1.00 33.94 ? 67  HOH A O   1 
HETATM 750 O  O   . HOH O 3 .  ? 1.556   -9.503  12.020  1.00 44.67 ? 68  HOH A O   1 
HETATM 751 O  O   . HOH O 3 .  ? 4.406   -9.397  11.096  1.00 39.21 ? 69  HOH A O   1 
HETATM 752 O  O   . HOH O 3 .  ? 9.335   -5.006  0.550   1.00 14.15 ? 226 HOH A O   1 
HETATM 753 O  O   . HOH O 3 .  ? -0.607  -6.580  -5.563  1.00 12.56 ? 227 HOH A O   1 
HETATM 754 O  O   . HOH O 3 .  ? 6.810   -4.189  9.006   1.00 20.37 ? 228 HOH A O   1 
HETATM 755 O  O   . HOH O 3 .  ? 10.148  -5.765  -4.267  1.00 16.88 ? 229 HOH A O   1 
HETATM 756 O  O   . HOH O 3 .  ? -5.029  -6.927  -13.745 1.00 14.40 ? 230 HOH A O   1 
HETATM 757 O  O   . HOH O 3 .  ? 6.283   -8.905  7.185   1.00 20.49 ? 231 HOH A O   1 
HETATM 758 O  O   . HOH O 3 .  ? 10.747  -1.837  6.474   1.00 23.06 ? 232 HOH A O   1 
HETATM 759 O  O   . HOH O 3 .  ? -6.508  -8.927  -7.318  1.00 13.47 ? 233 HOH A O   1 
HETATM 760 O  O   . HOH O 3 .  ? -8.560  1.172   4.801   1.00 13.70 ? 234 HOH A O   1 
HETATM 761 O  O   . HOH O 3 .  ? 9.240   -0.122  4.972   1.00 17.95 ? 235 HOH A O   1 
HETATM 762 O  O   . HOH O 3 .  ? -2.547  8.485   -2.652  1.00 24.80 ? 236 HOH A O   1 
HETATM 763 O  O   . HOH O 3 .  ? 2.498   4.133   -9.574  1.00 16.70 ? 237 HOH A O   1 
HETATM 764 O  O   . HOH O 3 .  ? 10.318  -11.710 3.514   1.00 30.51 ? 238 HOH A O   1 
# 
loop_
_atom_site_anisotrop.id 
_atom_site_anisotrop.type_symbol 
_atom_site_anisotrop.pdbx_label_atom_id 
_atom_site_anisotrop.pdbx_label_alt_id 
_atom_site_anisotrop.pdbx_label_comp_id 
_atom_site_anisotrop.pdbx_label_asym_id 
_atom_site_anisotrop.pdbx_label_seq_id 
_atom_site_anisotrop.pdbx_PDB_ins_code 
_atom_site_anisotrop.U[1][1] 
_atom_site_anisotrop.U[2][2] 
_atom_site_anisotrop.U[3][3] 
_atom_site_anisotrop.U[1][2] 
_atom_site_anisotrop.U[1][3] 
_atom_site_anisotrop.U[2][3] 
_atom_site_anisotrop.pdbx_auth_seq_id 
_atom_site_anisotrop.pdbx_auth_comp_id 
_atom_site_anisotrop.pdbx_auth_asym_id 
_atom_site_anisotrop.pdbx_auth_atom_id 
1   N  N   . SER A 4  ? 0.4524 0.4047 0.3315 0.0106  0.0175  -0.0237 136 SER A N   
2   C  CA  . SER A 4  ? 0.4365 0.3848 0.3435 0.0112  0.0251  -0.0300 136 SER A CA  
3   C  C   . SER A 4  ? 0.3838 0.3423 0.3124 0.0243  0.0298  -0.0371 136 SER A C   
4   O  O   . SER A 4  ? 0.4214 0.3999 0.3372 0.0337  0.0304  -0.0427 136 SER A O   
5   C  CB  . SER A 4  ? 0.4486 0.4028 0.3501 0.0096  0.0220  -0.0249 136 SER A CB  
6   O  OG  . SER A 4  ? 0.5240 0.4116 0.4129 -0.0027 0.0240  -0.0240 136 SER A OG  
7   N  N   . VAL A 5  ? 0.3313 0.2828 0.2906 0.0140  0.0515  -0.0412 137 VAL A N   
8   C  CA  A VAL A 5  ? 0.2882 0.2398 0.2783 -0.0018 0.0486  -0.0399 137 VAL A CA  
9   C  CA  B VAL A 5  ? 0.2958 0.2464 0.2790 -0.0027 0.0522  -0.0418 137 VAL A CA  
10  C  C   . VAL A 5  ? 0.2692 0.2116 0.2803 -0.0092 0.0493  -0.0488 137 VAL A C   
11  O  O   . VAL A 5  ? 0.3018 0.2205 0.3542 -0.0130 0.0579  -0.0563 137 VAL A O   
12  C  CB  A VAL A 5  ? 0.2794 0.2347 0.2905 0.0008  0.0488  -0.0377 137 VAL A CB  
13  C  CB  B VAL A 5  ? 0.2882 0.2459 0.2892 0.0005  0.0528  -0.0430 137 VAL A CB  
14  C  CG1 A VAL A 5  ? 0.2727 0.2143 0.2761 -0.0167 0.0263  -0.0260 137 VAL A CG1 
15  C  CG1 B VAL A 5  ? 0.2903 0.2320 0.3055 -0.0241 0.0598  -0.0390 137 VAL A CG1 
16  C  CG2 A VAL A 5  ? 0.2646 0.2477 0.2953 -0.0091 0.0546  -0.0396 137 VAL A CG2 
17  C  CG2 B VAL A 5  ? 0.3250 0.2798 0.2774 -0.0076 0.0529  -0.0350 137 VAL A CG2 
18  N  N   . LYS A 6  ? 0.2313 0.1944 0.2258 -0.0213 0.0607  -0.0619 138 LYS A N   
19  C  CA  A LYS A 6  ? 0.2200 0.1827 0.2060 -0.0361 0.0487  -0.0630 138 LYS A CA  
20  C  CA  B LYS A 6  ? 0.2193 0.1896 0.2120 -0.0330 0.0455  -0.0578 138 LYS A CA  
21  C  C   . LYS A 6  ? 0.2092 0.1628 0.1944 -0.0442 0.0399  -0.0636 138 LYS A C   
22  O  O   . LYS A 6  ? 0.2109 0.1662 0.2148 -0.0589 0.0269  -0.0691 138 LYS A O   
23  C  CB  A LYS A 6  ? 0.2304 0.1961 0.2059 -0.0359 0.0445  -0.0670 138 LYS A CB  
24  C  CB  B LYS A 6  ? 0.2296 0.2241 0.2250 -0.0267 0.0408  -0.0503 138 LYS A CB  
25  C  CG  A LYS A 6  ? 0.2355 0.2206 0.2201 -0.0258 0.0474  -0.0524 138 LYS A CG  
26  C  CG  B LYS A 6  ? 0.2270 0.2529 0.2459 -0.0153 0.0155  -0.0306 138 LYS A CG  
27  C  CD  A LYS A 6  ? 0.1819 0.3229 0.2561 -0.0506 0.0077  -0.0315 138 LYS A CD  
28  C  CD  B LYS A 6  ? 0.2571 0.3173 0.2993 -0.0043 -0.0138 -0.0022 138 LYS A CD  
29  N  N   . ILE A 7  ? 0.2211 0.1717 0.2073 -0.0555 0.0350  -0.0638 139 ILE A N   
30  C  CA  . ILE A 7  ? 0.2162 0.1686 0.2122 -0.0509 0.0283  -0.0524 139 ILE A CA  
31  C  C   . ILE A 7  ? 0.1874 0.1821 0.2062 -0.0537 0.0317  -0.0544 139 ILE A C   
32  O  O   . ILE A 7  ? 0.2004 0.2186 0.2175 -0.0622 0.0344  -0.0759 139 ILE A O   
33  C  CB  . ILE A 7  ? 0.2687 0.1718 0.2451 -0.0533 0.0327  -0.0406 139 ILE A CB  
34  C  CG1 . ILE A 7  ? 0.3343 0.1994 0.3096 -0.0133 0.0103  -0.0596 139 ILE A CG1 
35  C  CG2 . ILE A 7  ? 0.3301 0.2003 0.2243 -0.0501 0.0349  -0.0410 139 ILE A CG2 
36  C  CD1 . ILE A 7  ? 0.4396 0.2345 0.4175 -0.0046 0.0001  -0.0315 139 ILE A CD1 
37  N  N   . ILE A 8  ? 0.1510 0.1772 0.1902 -0.0413 0.0228  -0.0498 140 ILE A N   
38  C  CA  . ILE A 8  ? 0.1525 0.1925 0.1738 -0.0399 0.0087  -0.0573 140 ILE A CA  
39  C  C   . ILE A 8  ? 0.1479 0.1852 0.1644 -0.0438 0.0166  -0.0417 140 ILE A C   
40  O  O   . ILE A 8  ? 0.1370 0.2077 0.1867 -0.0479 0.0232  -0.0675 140 ILE A O   
41  C  CB  . ILE A 8  ? 0.1721 0.1909 0.1798 -0.0320 0.0075  -0.0607 140 ILE A CB  
42  C  CG1 . ILE A 8  ? 0.1762 0.1829 0.2288 -0.0314 0.0250  -0.0624 140 ILE A CG1 
43  C  CG2 . ILE A 8  ? 0.2193 0.2349 0.1563 -0.0097 0.0129  -0.0840 140 ILE A CG2 
44  C  CD1 . ILE A 8  ? 0.2196 0.1937 0.2401 -0.0266 -0.0231 -0.0418 140 ILE A CD1 
45  N  N   . ARG A 9  ? 0.1447 0.1944 0.1589 -0.0335 0.0101  -0.0458 141 ARG A N   
46  C  CA  . ARG A 9  ? 0.1519 0.1846 0.1632 -0.0306 0.0042  -0.0455 141 ARG A CA  
47  C  C   . ARG A 9  ? 0.1618 0.2025 0.1806 -0.0278 -0.0009 -0.0452 141 ARG A C   
48  O  O   . ARG A 9  ? 0.1431 0.2279 0.2188 -0.0289 0.0018  -0.0742 141 ARG A O   
49  C  CB  . ARG A 9  ? 0.1628 0.1979 0.1862 -0.0206 0.0330  -0.0433 141 ARG A CB  
50  C  CG  . ARG A 9  ? 0.1846 0.1930 0.1856 -0.0404 0.0455  -0.0384 141 ARG A CG  
51  C  CD  . ARG A 9  ? 0.1870 0.2090 0.1852 -0.0153 0.0298  -0.0401 141 ARG A CD  
52  N  NE  . ARG A 9  ? 0.1924 0.1697 0.1795 -0.0258 0.0120  -0.0221 141 ARG A NE  
53  C  CZ  . ARG A 9  ? 0.1926 0.1824 0.2009 -0.0371 0.0215  -0.0340 141 ARG A CZ  
54  N  NH1 . ARG A 9  ? 0.1905 0.2600 0.1993 -0.0513 0.0066  -0.0269 141 ARG A NH1 
55  N  NH2 . ARG A 9  ? 0.2112 0.2487 0.2161 -0.0575 0.0026  -0.0242 141 ARG A NH2 
56  N  N   . LEU A 10 ? 0.1509 0.1723 0.1756 -0.0375 0.0103  -0.0334 142 LEU A N   
57  C  CA  . LEU A 10 ? 0.1815 0.2098 0.2024 -0.0135 -0.0066 -0.0318 142 LEU A CA  
58  C  C   . LEU A 10 ? 0.1623 0.1919 0.1832 -0.0180 0.0121  -0.0313 142 LEU A C   
59  O  O   . LEU A 10 ? 0.1551 0.2853 0.1901 0.0021  0.0116  -0.0381 142 LEU A O   
60  C  CB  . LEU A 10 ? 0.2239 0.2390 0.2520 -0.0035 0.0130  -0.0345 142 LEU A CB  
61  C  CG  . LEU A 10 ? 0.2130 0.2465 0.2912 -0.0124 -0.0109 -0.0269 142 LEU A CG  
62  C  CD1 . LEU A 10 ? 0.3124 0.2054 0.3595 -0.0348 0.0280  -0.0342 142 LEU A CD1 
63  C  CD2 . LEU A 10 ? 0.2692 0.3056 0.2895 -0.0707 0.0116  -0.0134 142 LEU A CD2 
64  N  N   . VAL A 11 ? 0.1779 0.1948 0.1818 -0.0124 0.0215  -0.0362 143 VAL A N   
65  C  CA  . VAL A 11 ? 0.1976 0.1801 0.1968 -0.0263 0.0356  -0.0239 143 VAL A CA  
66  C  C   . VAL A 11 ? 0.1923 0.1729 0.1890 -0.0149 0.0337  -0.0243 143 VAL A C   
67  O  O   . VAL A 11 ? 0.2428 0.1853 0.2096 -0.0130 0.0274  -0.0336 143 VAL A O   
68  C  CB  . VAL A 11 ? 0.1978 0.2007 0.2055 -0.0352 0.0447  -0.0321 143 VAL A CB  
69  C  CG1 . VAL A 11 ? 0.2013 0.2711 0.2159 -0.0732 0.0551  -0.0274 143 VAL A CG1 
70  C  CG2 . VAL A 11 ? 0.2148 0.1985 0.2627 -0.0432 0.0131  -0.0157 143 VAL A CG2 
71  N  N   A LYS A 12 ? 0.1729 0.1652 0.2034 -0.0161 0.0236  -0.0288 144 LYS A N   
72  N  N   B LYS A 12 ? 0.2000 0.1819 0.2116 -0.0191 0.0278  -0.0279 144 LYS A N   
73  C  CA  A LYS A 12 ? 0.1881 0.1666 0.2101 -0.0047 0.0219  -0.0190 144 LYS A CA  
74  C  CA  B LYS A 12 ? 0.2308 0.1973 0.2242 -0.0082 0.0301  -0.0224 144 LYS A CA  
75  C  C   A LYS A 12 ? 0.2160 0.1985 0.2245 0.0001  0.0354  -0.0260 144 LYS A C   
76  C  C   B LYS A 12 ? 0.2410 0.2178 0.2347 -0.0010 0.0399  -0.0237 144 LYS A C   
77  O  O   A LYS A 12 ? 0.2780 0.2383 0.2025 0.0116  0.0332  -0.0332 144 LYS A O   
78  O  O   B LYS A 12 ? 0.2890 0.2494 0.2142 0.0048  0.0369  -0.0338 144 LYS A O   
79  C  CB  A LYS A 12 ? 0.1495 0.1459 0.1946 -0.0023 0.0086  -0.0220 144 LYS A CB  
80  C  CB  B LYS A 12 ? 0.2428 0.2092 0.2330 -0.0122 0.0253  -0.0189 144 LYS A CB  
81  C  CG  A LYS A 12 ? 0.1082 0.1422 0.1801 -0.0241 -0.0061 -0.0034 144 LYS A CG  
82  C  CG  B LYS A 12 ? 0.2510 0.2204 0.2483 -0.0173 0.0304  -0.0195 144 LYS A CG  
83  C  CD  A LYS A 12 ? 0.1379 0.1260 0.1460 -0.0222 -0.0046 -0.0135 144 LYS A CD  
84  C  CD  B LYS A 12 ? 0.2616 0.2337 0.2755 -0.0082 0.0150  -0.0252 144 LYS A CD  
85  C  CE  A LYS A 12 ? 0.1436 0.1157 0.1247 -0.0222 -0.0156 -0.0160 144 LYS A CE  
86  C  CE  B LYS A 12 ? 0.1887 0.2357 0.2301 0.0229  0.0430  -0.0320 144 LYS A CE  
87  N  NZ  A LYS A 12 ? 0.1434 0.1137 0.1166 -0.0294 0.0000  -0.0213 144 LYS A NZ  
88  N  NZ  B LYS A 12 ? 0.1622 0.1394 0.1614 -0.0074 -0.0107 0.0085  144 LYS A NZ  
89  N  N   . ASN A 13 ? 0.2535 0.2377 0.2536 -0.0033 0.0476  -0.0174 145 ASN A N   
90  C  CA  . ASN A 13 ? 0.2904 0.2598 0.2709 -0.0127 0.0502  -0.0060 145 ASN A CA  
91  C  C   . ASN A 13 ? 0.2866 0.2549 0.2617 -0.0214 0.0580  -0.0028 145 ASN A C   
92  O  O   . ASN A 13 ? 0.2791 0.2607 0.3091 -0.0303 0.0805  -0.0095 145 ASN A O   
93  C  CB  . ASN A 13 ? 0.3204 0.2790 0.3019 -0.0131 0.0631  -0.0047 145 ASN A CB  
94  C  CG  . ASN A 13 ? 0.3184 0.2822 0.3373 -0.0025 0.0451  -0.0147 145 ASN A CG  
95  O  OD1 . ASN A 13 ? 0.3755 0.3503 0.3825 -0.0276 0.0645  -0.1316 145 ASN A OD1 
96  N  ND2 . ASN A 13 ? 0.2878 0.2843 0.3255 -0.0189 0.0798  -0.0244 145 ASN A ND2 
97  N  N   . ARG A 14 ? 0.3045 0.2775 0.2833 -0.0199 0.0488  -0.0116 146 ARG A N   
98  C  CA  . ARG A 14 ? 0.3075 0.2709 0.2904 -0.0037 0.0486  -0.0177 146 ARG A CA  
99  C  C   . ARG A 14 ? 0.2869 0.2507 0.2763 -0.0035 0.0471  -0.0213 146 ARG A C   
100 O  O   . ARG A 14 ? 0.3062 0.2610 0.3341 -0.0049 0.0678  -0.0259 146 ARG A O   
101 C  CB  . ARG A 14 ? 0.3340 0.3008 0.3115 -0.0035 0.0454  -0.0318 146 ARG A CB  
102 C  CG  . ARG A 14 ? 0.3900 0.3448 0.3390 -0.0052 0.0400  -0.0239 146 ARG A CG  
103 C  CD  . ARG A 14 ? 0.4275 0.4291 0.3778 0.0253  0.0520  -0.0577 146 ARG A CD  
104 N  N   . GLU A 15 ? 0.2721 0.2261 0.2558 -0.0090 0.0528  -0.0209 147 GLU A N   
105 C  CA  A GLU A 15 ? 0.2451 0.2112 0.2377 -0.0047 0.0431  -0.0252 147 GLU A CA  
106 C  CA  B GLU A 15 ? 0.2466 0.2194 0.2420 -0.0055 0.0388  -0.0233 147 GLU A CA  
107 C  C   . GLU A 15 ? 0.2328 0.2043 0.2198 -0.0093 0.0369  -0.0217 147 GLU A C   
108 O  O   . GLU A 15 ? 0.2446 0.2102 0.2228 -0.0104 0.0483  -0.0028 147 GLU A O   
109 C  CB  A GLU A 15 ? 0.2501 0.2380 0.2496 0.0001  0.0409  -0.0204 147 GLU A CB  
110 C  CB  B GLU A 15 ? 0.2522 0.2415 0.2566 -0.0030 0.0340  -0.0237 147 GLU A CB  
111 C  CG  A GLU A 15 ? 0.2359 0.2344 0.2528 0.0050  0.0561  -0.0184 147 GLU A CG  
112 C  CG  B GLU A 15 ? 0.2449 0.2691 0.2789 -0.0004 0.0310  -0.0179 147 GLU A CG  
113 C  CD  A GLU A 15 ? 0.2591 0.2504 0.2985 -0.0005 0.0295  -0.0016 147 GLU A CD  
114 C  CD  B GLU A 15 ? 0.2294 0.2891 0.3077 -0.0109 0.0134  -0.0160 147 GLU A CD  
115 O  OE1 A GLU A 15 ? 0.2583 0.2985 0.3757 -0.0028 0.0129  0.0266  147 GLU A OE1 
116 O  OE1 B GLU A 15 ? 0.1299 0.3837 0.2614 -0.0109 0.0157  -0.0272 147 GLU A OE1 
117 O  OE2 A GLU A 15 ? 0.3199 0.2547 0.3349 0.0144  -0.0213 -0.0378 147 GLU A OE2 
118 O  OE2 B GLU A 15 ? 0.1863 0.2641 0.3670 -0.0089 0.0062  -0.0599 147 GLU A OE2 
119 N  N   . PRO A 16 ? 0.2212 0.1787 0.1930 -0.0114 0.0335  -0.0187 148 PRO A N   
120 C  CA  . PRO A 16 ? 0.2053 0.1757 0.1874 -0.0157 0.0199  -0.0155 148 PRO A CA  
121 C  C   . PRO A 16 ? 0.1826 0.1548 0.1650 -0.0186 0.0134  -0.0005 148 PRO A C   
122 O  O   . PRO A 16 ? 0.1690 0.1588 0.1957 -0.0142 0.0123  -0.0041 148 PRO A O   
123 C  CB  . PRO A 16 ? 0.2463 0.1611 0.1923 -0.0445 0.0358  -0.0220 148 PRO A CB  
124 C  CG  . PRO A 16 ? 0.2646 0.1874 0.2352 -0.0133 0.0103  0.0165  148 PRO A CG  
125 C  CD  . PRO A 16 ? 0.2480 0.1823 0.1888 -0.0120 0.0301  -0.0238 148 PRO A CD  
126 N  N   . LEU A 17 ? 0.1576 0.1608 0.1661 -0.0174 -0.0108 0.0031  149 LEU A N   
127 C  CA  . LEU A 17 ? 0.1420 0.1416 0.1810 -0.0138 0.0056  0.0017  149 LEU A CA  
128 C  C   . LEU A 17 ? 0.1285 0.1474 0.1806 -0.0044 0.0004  -0.0138 149 LEU A C   
129 O  O   . LEU A 17 ? 0.1206 0.1625 0.1945 -0.0025 -0.0079 -0.0256 149 LEU A O   
130 C  CB  . LEU A 17 ? 0.1345 0.1544 0.1948 -0.0117 -0.0016 0.0073  149 LEU A CB  
131 C  CG  . LEU A 17 ? 0.1484 0.1404 0.2060 0.0173  0.0145  0.0109  149 LEU A CG  
132 C  CD1 . LEU A 17 ? 0.2065 0.1486 0.2385 -0.0173 0.0116  -0.0255 149 LEU A CD1 
133 C  CD2 . LEU A 17 ? 0.1334 0.2296 0.2414 0.0257  0.0173  0.0121  149 LEU A CD2 
134 N  N   . GLY A 18 ? 0.1231 0.1479 0.1447 -0.0006 0.0056  -0.0159 150 GLY A N   
135 C  CA  . GLY A 18 ? 0.1294 0.1643 0.1544 0.0060  -0.0086 -0.0105 150 GLY A CA  
136 C  C   . GLY A 18 ? 0.1339 0.1650 0.1517 0.0123  -0.0082 -0.0083 150 GLY A C   
137 O  O   . GLY A 18 ? 0.1426 0.1708 0.1555 0.0149  -0.0147 -0.0148 150 GLY A O   
138 N  N   . ALA A 19 ? 0.1290 0.1695 0.1457 0.0194  -0.0048 -0.0110 151 ALA A N   
139 C  CA  . ALA A 19 ? 0.1155 0.1755 0.1493 0.0211  -0.0117 -0.0052 151 ALA A CA  
140 C  C   . ALA A 19 ? 0.1224 0.1637 0.1454 0.0236  -0.0129 -0.0160 151 ALA A C   
141 O  O   . ALA A 19 ? 0.1351 0.2052 0.1280 0.0040  -0.0226 -0.0183 151 ALA A O   
142 C  CB  . ALA A 19 ? 0.1581 0.1839 0.1647 0.0153  0.0117  -0.0242 151 ALA A CB  
143 N  N   . THR A 20 ? 0.1305 0.1713 0.1209 0.0140  -0.0135 -0.0206 152 THR A N   
144 C  CA  . THR A 20 ? 0.1248 0.1733 0.1201 0.0249  -0.0072 -0.0178 152 THR A CA  
145 C  C   . THR A 20 ? 0.1372 0.1714 0.1074 0.0158  -0.0085 -0.0140 152 THR A C   
146 O  O   . THR A 20 ? 0.1478 0.2008 0.1245 0.0181  -0.0041 -0.0347 152 THR A O   
147 C  CB  . THR A 20 ? 0.1321 0.2018 0.1289 0.0193  -0.0038 0.0014  152 THR A CB  
148 O  OG1 . THR A 20 ? 0.2052 0.2420 0.1329 0.0594  -0.0022 0.0042  152 THR A OG1 
149 C  CG2 . THR A 20 ? 0.1474 0.1824 0.1600 0.0269  0.0132  -0.0331 152 THR A CG2 
150 N  N   . ILE A 21 ? 0.1260 0.1497 0.1201 0.0154  -0.0017 -0.0281 153 ILE A N   
151 C  CA  . ILE A 21 ? 0.1343 0.1594 0.1218 0.0095  0.0049  -0.0279 153 ILE A CA  
152 C  C   . ILE A 21 ? 0.1665 0.1455 0.1580 0.0042  0.0218  -0.0374 153 ILE A C   
153 O  O   . ILE A 21 ? 0.1653 0.1598 0.1738 0.0094  0.0384  -0.0548 153 ILE A O   
154 C  CB  . ILE A 21 ? 0.1417 0.1500 0.1292 0.0121  0.0008  -0.0410 153 ILE A CB  
155 C  CG1 . ILE A 21 ? 0.1597 0.1759 0.1523 0.0177  -0.0099 -0.0276 153 ILE A CG1 
156 C  CG2 . ILE A 21 ? 0.1649 0.1616 0.1485 -0.0229 -0.0145 -0.0045 153 ILE A CG2 
157 C  CD1 . ILE A 21 ? 0.1831 0.1831 0.1803 0.0416  -0.0202 -0.0226 153 ILE A CD1 
158 N  N   . LYS A 22 ? 0.1758 0.1571 0.1784 -0.0126 0.0470  -0.0498 154 LYS A N   
159 C  CA  . LYS A 22 ? 0.2018 0.1851 0.2090 -0.0181 0.0517  -0.0432 154 LYS A CA  
160 C  C   . LYS A 22 ? 0.1926 0.1676 0.2119 -0.0187 0.0563  -0.0524 154 LYS A C   
161 O  O   . LYS A 22 ? 0.2063 0.1964 0.2424 -0.0344 0.0454  -0.0740 154 LYS A O   
162 C  CB  . LYS A 22 ? 0.2607 0.2160 0.2363 -0.0044 0.0565  -0.0308 154 LYS A CB  
163 C  CG  . LYS A 22 ? 0.3199 0.2990 0.3190 -0.0153 0.0521  -0.0132 154 LYS A CG  
164 C  CD  . LYS A 22 ? 0.3996 0.3721 0.3705 -0.0187 0.0400  0.0059  154 LYS A CD  
165 C  CE  . LYS A 22 ? 0.4557 0.4183 0.4244 -0.0450 0.0548  0.0006  154 LYS A CE  
166 N  N   . LYS A 23 ? 0.2032 0.1803 0.1978 -0.0248 0.0457  -0.0622 155 LYS A N   
167 C  CA  . LYS A 23 ? 0.2108 0.1933 0.2077 -0.0259 0.0464  -0.0427 155 LYS A CA  
168 C  C   . LYS A 23 ? 0.2232 0.1989 0.2277 -0.0354 0.0522  -0.0230 155 LYS A C   
169 O  O   . LYS A 23 ? 0.2751 0.2005 0.2484 -0.0534 0.0721  -0.0260 155 LYS A O   
170 C  CB  . LYS A 23 ? 0.2029 0.2273 0.2349 -0.0306 0.0405  -0.0384 155 LYS A CB  
171 C  CG  . LYS A 23 ? 0.1763 0.2406 0.2503 -0.0138 0.0301  -0.0591 155 LYS A CG  
172 C  CD  . LYS A 23 ? 0.2501 0.3152 0.2882 0.0081  0.0045  -0.0586 155 LYS A CD  
173 C  CE  . LYS A 23 ? 0.2280 0.3825 0.3277 0.0230  -0.0241 -0.0461 155 LYS A CE  
174 N  NZ  . LYS A 23 ? 0.2954 0.4714 0.3707 0.0255  -0.0546 -0.0359 155 LYS A NZ  
175 N  N   . ASP A 24 ? 0.2210 0.1863 0.2157 -0.0245 0.0592  -0.0121 156 ASP A N   
176 C  CA  . ASP A 24 ? 0.2219 0.1974 0.2367 -0.0040 0.0564  0.0056  156 ASP A CA  
177 C  C   . ASP A 24 ? 0.2265 0.1890 0.2578 -0.0079 0.0655  -0.0099 156 ASP A C   
178 O  O   . ASP A 24 ? 0.2033 0.2087 0.2650 0.0143  0.0807  -0.0143 156 ASP A O   
179 C  CB  . ASP A 24 ? 0.2349 0.2336 0.2340 -0.0010 0.0497  0.0022  156 ASP A CB  
180 C  CG  . ASP A 24 ? 0.2485 0.2980 0.2347 0.0083  0.0537  0.0073  156 ASP A CG  
181 O  OD1 . ASP A 24 ? 0.2879 0.3147 0.2656 0.0009  0.0886  0.0327  156 ASP A OD1 
182 O  OD2 . ASP A 24 ? 0.3403 0.4377 0.2562 0.0051  0.0138  0.0261  156 ASP A OD2 
183 N  N   . GLU A 25 ? 0.2384 0.2159 0.3064 -0.0082 0.0703  -0.0256 157 GLU A N   
184 C  CA  . GLU A 25 ? 0.2806 0.2636 0.3320 -0.0017 0.0562  -0.0391 157 GLU A CA  
185 C  C   . GLU A 25 ? 0.2666 0.2746 0.3184 -0.0016 0.0630  -0.0334 157 GLU A C   
186 O  O   . GLU A 25 ? 0.2974 0.3685 0.3392 0.0139  0.0602  -0.0537 157 GLU A O   
187 C  CB  . GLU A 25 ? 0.3016 0.2822 0.3553 -0.0213 0.0472  -0.0415 157 GLU A CB  
188 C  CG  . GLU A 25 ? 0.3511 0.3054 0.4050 0.0027  0.0631  -0.0607 157 GLU A CG  
189 N  N   . GLN A 26 ? 0.2537 0.2573 0.3031 -0.0047 0.0843  -0.0086 158 GLN A N   
190 C  CA  . GLN A 26 ? 0.2582 0.2758 0.2852 -0.0002 0.0764  -0.0087 158 GLN A CA  
191 C  C   . GLN A 26 ? 0.2354 0.2512 0.2625 0.0038  0.0831  -0.0210 158 GLN A C   
192 O  O   . GLN A 26 ? 0.2281 0.2622 0.3102 -0.0030 0.0737  -0.0254 158 GLN A O   
193 C  CB  . GLN A 26 ? 0.2952 0.3043 0.3024 -0.0025 0.0657  -0.0097 158 GLN A CB  
194 C  CG  . GLN A 26 ? 0.3605 0.3352 0.3701 0.0071  0.0595  0.0042  158 GLN A CG  
195 C  CD  . GLN A 26 ? 0.4080 0.4198 0.4550 -0.0324 0.0652  -0.0329 158 GLN A CD  
196 O  OE1 . GLN A 26 ? 0.4517 0.4918 0.5226 -0.0266 0.0971  -0.0472 158 GLN A OE1 
197 N  NE2 . GLN A 26 ? 0.4853 0.4614 0.5107 -0.0604 0.0842  -0.0590 158 GLN A NE2 
198 N  N   . THR A 27 ? 0.2144 0.2263 0.2240 0.0129  0.0840  -0.0188 159 THR A N   
199 C  CA  . THR A 27 ? 0.2141 0.2182 0.2285 0.0085  0.0655  -0.0212 159 THR A CA  
200 C  C   . THR A 27 ? 0.1843 0.1806 0.2170 -0.0037 0.0723  -0.0238 159 THR A C   
201 O  O   . THR A 27 ? 0.1888 0.1936 0.2223 0.0017  0.0727  -0.0251 159 THR A O   
202 C  CB  . THR A 27 ? 0.2241 0.2219 0.2029 0.0154  0.0552  -0.0259 159 THR A CB  
203 O  OG1 . THR A 27 ? 0.2295 0.2233 0.2019 0.0223  0.0746  -0.0329 159 THR A OG1 
204 C  CG2 . THR A 27 ? 0.2561 0.2492 0.2171 0.0283  0.0225  -0.0002 159 THR A CG2 
205 N  N   . GLY A 28 ? 0.1804 0.1758 0.2156 -0.0099 0.0615  -0.0297 160 GLY A N   
206 C  CA  . GLY A 28 ? 0.1905 0.1847 0.2168 -0.0092 0.0480  -0.0388 160 GLY A CA  
207 C  C   . GLY A 28 ? 0.1756 0.1711 0.2093 -0.0062 0.0333  -0.0379 160 GLY A C   
208 O  O   . GLY A 28 ? 0.1800 0.1918 0.2303 -0.0331 0.0219  -0.0287 160 GLY A O   
209 N  N   . ALA A 29 ? 0.1788 0.1635 0.1895 -0.0087 0.0497  -0.0297 161 ALA A N   
210 C  CA  . ALA A 29 ? 0.1614 0.1409 0.1776 -0.0034 0.0466  -0.0343 161 ALA A CA  
211 C  C   . ALA A 29 ? 0.1608 0.1503 0.1717 0.0007  0.0288  -0.0327 161 ALA A C   
212 O  O   . ALA A 29 ? 0.1867 0.1514 0.1785 -0.0077 0.0587  -0.0335 161 ALA A O   
213 C  CB  . ALA A 29 ? 0.1656 0.1801 0.1828 0.0094  0.0311  -0.0431 161 ALA A CB  
214 N  N   . ILE A 30 ? 0.1605 0.1487 0.1587 -0.0132 0.0260  -0.0337 162 ILE A N   
215 C  CA  . ILE A 30 ? 0.1451 0.1447 0.1595 -0.0074 0.0207  -0.0345 162 ILE A CA  
216 C  C   . ILE A 30 ? 0.1447 0.1482 0.1488 -0.0082 0.0335  -0.0423 162 ILE A C   
217 O  O   . ILE A 30 ? 0.1742 0.1415 0.1732 -0.0295 0.0043  -0.0338 162 ILE A O   
218 C  CB  . ILE A 30 ? 0.1536 0.1669 0.1602 -0.0228 0.0088  -0.0374 162 ILE A CB  
219 C  CG1 . ILE A 30 ? 0.1878 0.2339 0.1689 -0.0139 0.0104  -0.0424 162 ILE A CG1 
220 C  CG2 . ILE A 30 ? 0.1628 0.2243 0.1627 0.0021  0.0492  -0.0611 162 ILE A CG2 
221 C  CD1 . ILE A 30 ? 0.2292 0.2688 0.2696 -0.0626 -0.0627 -0.0202 162 ILE A CD1 
222 N  N   . ILE A 31 ? 0.1537 0.1523 0.1424 -0.0073 0.0303  -0.0439 163 ILE A N   
223 C  CA  . ILE A 31 ? 0.1684 0.1569 0.1588 -0.0055 0.0291  -0.0348 163 ILE A CA  
224 C  C   . ILE A 31 ? 0.1625 0.1639 0.1394 -0.0009 0.0149  -0.0505 163 ILE A C   
225 O  O   . ILE A 31 ? 0.1670 0.1651 0.1532 -0.0183 0.0198  -0.0578 163 ILE A O   
226 C  CB  . ILE A 31 ? 0.1982 0.1647 0.1552 -0.0023 0.0304  -0.0387 163 ILE A CB  
227 C  CG1 . ILE A 31 ? 0.2033 0.2044 0.1873 0.0009  0.0437  -0.0304 163 ILE A CG1 
228 C  CG2 . ILE A 31 ? 0.1883 0.2225 0.2115 0.0110  0.0309  -0.0175 163 ILE A CG2 
229 C  CD1 . ILE A 31 ? 0.2405 0.1896 0.2494 -0.0045 0.0572  -0.0476 163 ILE A CD1 
230 N  N   . VAL A 32 ? 0.1541 0.1490 0.1359 -0.0030 0.0175  -0.0387 164 VAL A N   
231 C  CA  . VAL A 32 ? 0.1645 0.1626 0.1249 -0.0032 0.0009  -0.0405 164 VAL A CA  
232 C  C   . VAL A 32 ? 0.1720 0.1821 0.1319 -0.0032 0.0107  -0.0209 164 VAL A C   
233 O  O   . VAL A 32 ? 0.2099 0.1856 0.1239 0.0134  -0.0005 -0.0340 164 VAL A O   
234 C  CB  . VAL A 32 ? 0.1608 0.1692 0.1497 -0.0098 -0.0013 -0.0284 164 VAL A CB  
235 C  CG1 . VAL A 32 ? 0.1403 0.2130 0.1542 0.0181  -0.0078 -0.0365 164 VAL A CG1 
236 C  CG2 . VAL A 32 ? 0.1704 0.1881 0.1781 -0.0248 -0.0136 -0.0278 164 VAL A CG2 
237 N  N   . ALA A 33 ? 0.1823 0.1850 0.1403 0.0007  0.0094  -0.0127 165 ALA A N   
238 C  CA  . ALA A 33 ? 0.2025 0.1922 0.1659 0.0002  -0.0017 -0.0018 165 ALA A CA  
239 C  C   . ALA A 33 ? 0.2093 0.1806 0.1540 -0.0017 -0.0173 0.0078  165 ALA A C   
240 O  O   . ALA A 33 ? 0.2364 0.1987 0.1808 0.0056  -0.0083 0.0429  165 ALA A O   
241 C  CB  . ALA A 33 ? 0.1989 0.1856 0.2036 -0.0165 -0.0015 0.0038  165 ALA A CB  
242 N  N   . ARG A 34 ? 0.1875 0.1634 0.1510 -0.0024 -0.0129 -0.0071 166 ARG A N   
243 C  CA  A ARG A 34 ? 0.1805 0.1726 0.1511 0.0059  -0.0149 -0.0110 166 ARG A CA  
244 C  CA  B ARG A 34 ? 0.1817 0.1788 0.1519 0.0045  -0.0174 -0.0096 166 ARG A CA  
245 C  C   . ARG A 34 ? 0.1694 0.1699 0.1574 0.0134  -0.0215 -0.0050 166 ARG A C   
246 O  O   . ARG A 34 ? 0.1630 0.1706 0.1448 0.0091  -0.0334 0.0093  166 ARG A O   
247 C  CB  A ARG A 34 ? 0.1951 0.1796 0.1628 0.0107  -0.0117 -0.0085 166 ARG A CB  
248 C  CB  B ARG A 34 ? 0.2034 0.1897 0.1638 0.0087  -0.0146 -0.0098 166 ARG A CB  
249 C  CG  A ARG A 34 ? 0.2000 0.1766 0.1603 0.0246  0.0107  -0.0183 166 ARG A CG  
250 C  CG  B ARG A 34 ? 0.2081 0.2112 0.1827 0.0137  -0.0013 -0.0171 166 ARG A CG  
251 C  CD  A ARG A 34 ? 0.2161 0.1839 0.1779 0.0141  0.0145  -0.0245 166 ARG A CD  
252 C  CD  B ARG A 34 ? 0.2527 0.2416 0.1966 -0.0370 0.0068  -0.0690 166 ARG A CD  
253 N  NE  A ARG A 34 ? 0.2576 0.3019 0.3032 0.0206  -0.0031 -0.0027 166 ARG A NE  
254 N  NE  B ARG A 34 ? 0.3001 0.2040 0.2247 0.0018  -0.0139 -0.0495 166 ARG A NE  
255 C  CZ  A ARG A 34 ? 0.2649 0.3562 0.3432 0.0369  -0.0084 0.0000  166 ARG A CZ  
256 C  CZ  B ARG A 34 ? 0.2924 0.1223 0.2127 0.0391  0.0125  -0.0426 166 ARG A CZ  
257 N  NH1 A ARG A 34 ? 0.2253 0.3616 0.3899 0.0799  -0.0385 0.0049  166 ARG A NH1 
258 N  NH1 B ARG A 34 ? 0.3150 0.2007 0.3123 0.0137  -0.0045 -0.0218 166 ARG A NH1 
259 N  NH2 A ARG A 34 ? 0.2941 0.3474 0.3403 0.0056  -0.0378 0.0213  166 ARG A NH2 
260 N  NH2 B ARG A 34 ? 0.3281 0.1603 0.2607 0.0400  -0.0113 -0.0625 166 ARG A NH2 
261 N  N   . ILE A 35 ? 0.1698 0.1813 0.1563 0.0100  -0.0417 0.0009  167 ILE A N   
262 C  CA  . ILE A 35 ? 0.1632 0.2021 0.1774 0.0155  -0.0342 -0.0072 167 ILE A CA  
263 C  C   . ILE A 35 ? 0.1665 0.2052 0.1790 0.0277  -0.0307 -0.0022 167 ILE A C   
264 O  O   . ILE A 35 ? 0.2026 0.2550 0.1855 0.0487  -0.0522 0.0143  167 ILE A O   
265 C  CB  . ILE A 35 ? 0.1785 0.2042 0.1899 0.0047  -0.0248 0.0006  167 ILE A CB  
266 C  CG1 . ILE A 35 ? 0.1964 0.1830 0.2226 -0.0197 -0.0076 -0.0162 167 ILE A CG1 
267 C  CG2 . ILE A 35 ? 0.1747 0.2142 0.2559 -0.0180 -0.0155 -0.0053 167 ILE A CG2 
268 C  CD1 . ILE A 35 ? 0.2033 0.2162 0.2098 -0.0049 -0.0021 -0.0093 167 ILE A CD1 
269 N  N   . MSE A 36 ? 0.1564 0.1966 0.1787 0.0168  -0.0286 -0.0216 168 MSE A N   
270 C  CA  . MSE A 36 ? 0.1667 0.2005 0.2059 0.0242  -0.0263 -0.0116 168 MSE A CA  
271 C  C   . MSE A 36 ? 0.1720 0.2009 0.2351 0.0264  -0.0398 -0.0016 168 MSE A C   
272 O  O   . MSE A 36 ? 0.1521 0.2111 0.2723 0.0121  -0.0452 -0.0101 168 MSE A O   
273 C  CB  . MSE A 36 ? 0.1569 0.1872 0.2114 0.0317  -0.0260 -0.0202 168 MSE A CB  
274 C  CG  . MSE A 36 ? 0.1831 0.2202 0.2132 0.0364  -0.0318 -0.0177 168 MSE A CG  
275 SE SE  . MSE A 36 ? 0.1595 0.1708 0.2008 0.0244  -0.0137 -0.0250 168 MSE A SE  
276 C  CE  . MSE A 36 ? 0.1982 0.1367 0.2519 0.0004  -0.0198 0.0072  168 MSE A CE  
277 N  N   . ARG A 37 ? 0.1875 0.2439 0.2869 0.0284  -0.0489 0.0127  169 ARG A N   
278 C  CA  . ARG A 37 ? 0.2051 0.2758 0.3030 0.0262  -0.0590 0.0077  169 ARG A CA  
279 C  C   . ARG A 37 ? 0.1816 0.2843 0.2994 0.0313  -0.0620 -0.0042 169 ARG A C   
280 O  O   . ARG A 37 ? 0.1993 0.3013 0.3294 0.0488  -0.0611 -0.0200 169 ARG A O   
281 C  CB  . ARG A 37 ? 0.2236 0.2854 0.3316 0.0326  -0.0565 0.0138  169 ARG A CB  
282 N  N   . GLY A 38 ? 0.1802 0.2880 0.2893 0.0230  -0.0578 -0.0137 170 GLY A N   
283 C  CA  . GLY A 38 ? 0.1949 0.2975 0.2913 0.0124  -0.0387 -0.0248 170 GLY A CA  
284 C  C   . GLY A 38 ? 0.1773 0.2865 0.2670 0.0130  -0.0261 -0.0248 170 GLY A C   
285 O  O   . GLY A 38 ? 0.1835 0.3427 0.2992 -0.0074 -0.0177 -0.0212 170 GLY A O   
286 N  N   . GLY A 39 ? 0.1545 0.2538 0.2557 0.0053  -0.0146 -0.0290 171 GLY A N   
287 C  CA  . GLY A 39 ? 0.1524 0.2448 0.2429 0.0019  -0.0152 -0.0383 171 GLY A CA  
288 C  C   . GLY A 39 ? 0.1375 0.2342 0.2306 -0.0103 -0.0028 -0.0409 171 GLY A C   
289 O  O   . GLY A 39 ? 0.1283 0.2482 0.2489 -0.0037 -0.0253 -0.0542 171 GLY A O   
290 N  N   . ALA A 40 ? 0.1463 0.2088 0.2231 -0.0118 0.0023  -0.0307 172 ALA A N   
291 C  CA  . ALA A 40 ? 0.1403 0.2043 0.2485 -0.0179 0.0138  -0.0316 172 ALA A CA  
292 C  C   . ALA A 40 ? 0.1420 0.2043 0.2368 -0.0263 0.0004  -0.0351 172 ALA A C   
293 O  O   . ALA A 40 ? 0.1524 0.2016 0.2740 -0.0441 -0.0078 -0.0433 172 ALA A O   
294 C  CB  . ALA A 40 ? 0.1820 0.2199 0.2477 -0.0216 0.0211  -0.0227 172 ALA A CB  
295 N  N   . ALA A 41 ? 0.1454 0.1756 0.2274 -0.0235 -0.0059 -0.0281 173 ALA A N   
296 C  CA  . ALA A 41 ? 0.1475 0.1696 0.2149 -0.0137 -0.0199 -0.0374 173 ALA A CA  
297 C  C   . ALA A 41 ? 0.1446 0.1910 0.2322 -0.0124 -0.0141 -0.0488 173 ALA A C   
298 O  O   . ALA A 41 ? 0.1605 0.1962 0.2236 -0.0238 -0.0248 -0.0573 173 ALA A O   
299 C  CB  . ALA A 41 ? 0.1347 0.1783 0.2039 -0.0204 -0.0189 -0.0281 173 ALA A CB  
300 N  N   . ASP A 42 ? 0.1607 0.2133 0.2284 -0.0071 -0.0335 -0.0395 174 ASP A N   
301 C  CA  . ASP A 42 ? 0.1466 0.2417 0.2417 -0.0030 -0.0402 -0.0351 174 ASP A CA  
302 C  C   . ASP A 42 ? 0.1678 0.2476 0.2591 -0.0191 -0.0360 -0.0346 174 ASP A C   
303 O  O   . ASP A 42 ? 0.1680 0.2570 0.2604 -0.0234 -0.0448 -0.0378 174 ASP A O   
304 C  CB  . ASP A 42 ? 0.1523 0.2388 0.2580 0.0014  -0.0522 -0.0307 174 ASP A CB  
305 C  CG  . ASP A 42 ? 0.1742 0.2826 0.2761 0.0182  -0.0640 -0.0277 174 ASP A CG  
306 O  OD1 . ASP A 42 ? 0.2647 0.3125 0.2892 0.0054  -0.0704 -0.0475 174 ASP A OD1 
307 O  OD2 . ASP A 42 ? 0.1980 0.3154 0.3123 0.0361  -0.1055 -0.0583 174 ASP A OD2 
308 N  N   . ARG A 43 ? 0.1383 0.2538 0.2661 -0.0290 -0.0357 -0.0416 175 ARG A N   
309 C  CA  . ARG A 43 ? 0.1455 0.2715 0.2814 -0.0454 -0.0320 -0.0385 175 ARG A CA  
310 C  C   . ARG A 43 ? 0.1609 0.2637 0.2834 -0.0437 -0.0245 -0.0338 175 ARG A C   
311 O  O   . ARG A 43 ? 0.1711 0.2845 0.3174 -0.0644 -0.0296 -0.0316 175 ARG A O   
312 C  CB  . ARG A 43 ? 0.1566 0.2859 0.3126 -0.0536 -0.0094 -0.0284 175 ARG A CB  
313 C  CG  . ARG A 43 ? 0.1871 0.3234 0.3345 -0.0390 -0.0123 -0.0527 175 ARG A CG  
314 C  CD  . ARG A 43 ? 0.1861 0.3575 0.3676 -0.0551 0.0115  -0.0577 175 ARG A CD  
315 N  NE  . ARG A 43 ? 0.2774 0.3913 0.3477 -0.0366 0.0285  -0.0364 175 ARG A NE  
316 C  CZ  . ARG A 43 ? 0.2118 0.3326 0.3354 -0.0226 0.0316  -0.0257 175 ARG A CZ  
317 N  NH1 . ARG A 43 ? 0.2953 0.3594 0.3717 -0.0704 0.0265  0.0081  175 ARG A NH1 
318 N  NH2 . ARG A 43 ? 0.2044 0.3310 0.3634 -0.0064 0.0524  -0.0205 175 ARG A NH2 
319 N  N   . SER A 44 ? 0.1581 0.2421 0.2740 -0.0434 -0.0208 -0.0328 176 SER A N   
320 C  CA  . SER A 44 ? 0.1756 0.2376 0.2577 -0.0466 -0.0111 -0.0339 176 SER A CA  
321 C  C   . SER A 44 ? 0.1735 0.2247 0.2483 -0.0480 -0.0331 -0.0309 176 SER A C   
322 O  O   . SER A 44 ? 0.1910 0.2231 0.2840 -0.0572 -0.0198 -0.0304 176 SER A O   
323 C  CB  . SER A 44 ? 0.1890 0.2416 0.2618 -0.0347 -0.0171 -0.0312 176 SER A CB  
324 O  OG  . SER A 44 ? 0.1724 0.2356 0.2502 -0.0337 -0.0205 -0.0608 176 SER A OG  
325 N  N   . GLY A 45 ? 0.1816 0.2204 0.2595 -0.0431 -0.0359 -0.0309 177 GLY A N   
326 C  CA  . GLY A 45 ? 0.1770 0.2318 0.2444 -0.0515 -0.0446 -0.0257 177 GLY A CA  
327 C  C   . GLY A 45 ? 0.1988 0.2226 0.2487 -0.0482 -0.0281 -0.0316 177 GLY A C   
328 O  O   . GLY A 45 ? 0.2218 0.2533 0.2399 -0.0322 -0.0311 -0.0365 177 GLY A O   
329 N  N   . LEU A 46 ? 0.1889 0.2131 0.2331 -0.0327 -0.0255 -0.0427 178 LEU A N   
330 C  CA  . LEU A 46 ? 0.1853 0.2037 0.2324 -0.0290 -0.0188 -0.0310 178 LEU A CA  
331 C  C   . LEU A 46 ? 0.1893 0.1841 0.2260 -0.0220 -0.0054 -0.0303 178 LEU A C   
332 O  O   . LEU A 46 ? 0.1919 0.1978 0.2233 -0.0157 0.0045  -0.0276 178 LEU A O   
333 C  CB  . LEU A 46 ? 0.1781 0.1944 0.2424 -0.0194 -0.0044 -0.0215 178 LEU A CB  
334 C  CG  . LEU A 46 ? 0.1828 0.2683 0.2967 -0.0410 -0.0030 -0.0050 178 LEU A CG  
335 C  CD1 . LEU A 46 ? 0.2380 0.3208 0.3881 -0.0154 -0.0030 0.0625  178 LEU A CD1 
336 C  CD2 . LEU A 46 ? 0.2566 0.2533 0.3834 -0.0663 -0.0048 -0.0268 178 LEU A CD2 
337 N  N   . ILE A 47 ? 0.1726 0.1899 0.2196 -0.0251 -0.0117 -0.0237 179 ILE A N   
338 C  CA  . ILE A 47 ? 0.1755 0.1950 0.2236 -0.0317 -0.0121 -0.0223 179 ILE A CA  
339 C  C   . ILE A 47 ? 0.1636 0.1924 0.1963 -0.0218 -0.0225 -0.0219 179 ILE A C   
340 O  O   . ILE A 47 ? 0.1746 0.2128 0.2130 -0.0061 -0.0241 -0.0238 179 ILE A O   
341 C  CB  . ILE A 47 ? 0.1846 0.2091 0.2424 -0.0548 -0.0220 -0.0307 179 ILE A CB  
342 C  CG1 . ILE A 47 ? 0.1957 0.2646 0.2371 -0.0600 -0.0300 -0.0192 179 ILE A CG1 
343 C  CG2 . ILE A 47 ? 0.2164 0.2353 0.2647 -0.0408 -0.0280 -0.0404 179 ILE A CG2 
344 C  CD1 . ILE A 47 ? 0.2635 0.2393 0.2379 -0.0609 -0.0430 -0.0085 179 ILE A CD1 
345 N  N   . HIS A 48 ? 0.1707 0.1973 0.1752 -0.0189 -0.0239 -0.0208 180 HIS A N   
346 C  CA  A HIS A 48 ? 0.1897 0.2079 0.1724 -0.0154 -0.0243 -0.0194 180 HIS A CA  
347 C  CA  B HIS A 48 ? 0.1879 0.2083 0.1730 -0.0157 -0.0232 -0.0193 180 HIS A CA  
348 C  C   . HIS A 48 ? 0.1858 0.2133 0.1608 -0.0089 -0.0211 -0.0058 180 HIS A C   
349 O  O   . HIS A 48 ? 0.1724 0.2099 0.1506 -0.0039 -0.0170 -0.0236 180 HIS A O   
350 C  CB  A HIS A 48 ? 0.2073 0.2271 0.1743 -0.0174 -0.0284 -0.0240 180 HIS A CB  
351 C  CB  B HIS A 48 ? 0.2028 0.2274 0.1759 -0.0188 -0.0260 -0.0242 180 HIS A CB  
352 C  CG  A HIS A 48 ? 0.2293 0.2659 0.2104 -0.0298 -0.0447 -0.0293 180 HIS A CG  
353 C  CG  B HIS A 48 ? 0.2161 0.2671 0.2123 -0.0298 -0.0365 -0.0274 180 HIS A CG  
354 N  ND1 A HIS A 48 ? 0.2379 0.2649 0.2314 -0.0373 -0.0445 -0.0601 180 HIS A ND1 
355 N  ND1 B HIS A 48 ? 0.2213 0.2635 0.2757 -0.0304 -0.0101 -0.0614 180 HIS A ND1 
356 C  CD2 A HIS A 48 ? 0.2416 0.2848 0.2772 -0.0205 -0.0296 -0.0425 180 HIS A CD2 
357 C  CD2 B HIS A 48 ? 0.2098 0.2734 0.2472 -0.0436 -0.0343 -0.0371 180 HIS A CD2 
358 C  CE1 A HIS A 48 ? 0.2418 0.2545 0.2676 -0.0406 -0.0442 -0.0494 180 HIS A CE1 
359 C  CE1 B HIS A 48 ? 0.2115 0.2332 0.2842 -0.0391 -0.0228 -0.0628 180 HIS A CE1 
360 N  NE2 A HIS A 48 ? 0.2384 0.2746 0.2994 -0.0357 -0.0531 -0.0689 180 HIS A NE2 
361 N  NE2 B HIS A 48 ? 0.2184 0.2697 0.2852 -0.0268 -0.0324 -0.0338 180 HIS A NE2 
362 N  N   . VAL A 49 ? 0.2012 0.2036 0.1566 -0.0055 -0.0280 -0.0121 181 VAL A N   
363 C  CA  . VAL A 49 ? 0.2107 0.2037 0.1487 -0.0127 -0.0179 -0.0109 181 VAL A CA  
364 C  C   . VAL A 49 ? 0.2187 0.2298 0.1412 -0.0131 -0.0077 -0.0176 181 VAL A C   
365 O  O   . VAL A 49 ? 0.2299 0.2352 0.1603 -0.0210 -0.0086 -0.0344 181 VAL A O   
366 C  CB  . VAL A 49 ? 0.2138 0.2123 0.1683 -0.0023 -0.0166 -0.0024 181 VAL A CB  
367 C  CG1 . VAL A 49 ? 0.2564 0.2389 0.1754 -0.0181 -0.0009 -0.0048 181 VAL A CG1 
368 C  CG2 . VAL A 49 ? 0.2514 0.2257 0.1873 0.0098  -0.0124 -0.0200 181 VAL A CG2 
369 N  N   . GLY A 50 ? 0.2047 0.2138 0.1434 -0.0067 -0.0021 -0.0340 182 GLY A N   
370 C  CA  . GLY A 50 ? 0.2094 0.2172 0.1531 -0.0140 0.0081  -0.0303 182 GLY A CA  
371 C  C   . GLY A 50 ? 0.2030 0.2065 0.1444 -0.0090 0.0099  -0.0397 182 GLY A C   
372 O  O   . GLY A 50 ? 0.1937 0.2310 0.1653 0.0124  0.0240  -0.0287 182 GLY A O   
373 N  N   . ASP A 51 ? 0.1830 0.1924 0.1301 -0.0151 -0.0054 -0.0333 183 ASP A N   
374 C  CA  . ASP A 51 ? 0.1681 0.1806 0.1729 -0.0109 0.0027  -0.0397 183 ASP A CA  
375 C  C   . ASP A 51 ? 0.1596 0.1651 0.1464 -0.0074 0.0011  -0.0428 183 ASP A C   
376 O  O   . ASP A 51 ? 0.1700 0.1691 0.1703 -0.0018 -0.0008 -0.0556 183 ASP A O   
377 C  CB  . ASP A 51 ? 0.1684 0.1639 0.1772 -0.0075 -0.0011 -0.0475 183 ASP A CB  
378 C  CG  . ASP A 51 ? 0.1993 0.2075 0.1635 -0.0220 0.0170  -0.0555 183 ASP A CG  
379 O  OD1 . ASP A 51 ? 0.2096 0.2561 0.2015 -0.0345 -0.0250 -0.0678 183 ASP A OD1 
380 O  OD2 . ASP A 51 ? 0.1966 0.1888 0.2276 -0.0298 -0.0011 -0.0465 183 ASP A OD2 
381 N  N   . GLU A 52 ? 0.1520 0.1601 0.1705 -0.0133 0.0095  -0.0467 184 GLU A N   
382 C  CA  . GLU A 52 ? 0.1572 0.1480 0.1669 -0.0108 0.0152  -0.0489 184 GLU A CA  
383 C  C   . GLU A 52 ? 0.1632 0.1483 0.1679 -0.0136 0.0187  -0.0473 184 GLU A C   
384 O  O   . GLU A 52 ? 0.1884 0.1633 0.1658 -0.0241 0.0254  -0.0528 184 GLU A O   
385 C  CB  . GLU A 52 ? 0.1749 0.1741 0.1610 -0.0074 0.0201  -0.0507 184 GLU A CB  
386 C  CG  . GLU A 52 ? 0.1520 0.1671 0.1979 -0.0185 0.0249  -0.0510 184 GLU A CG  
387 C  CD  . GLU A 52 ? 0.1650 0.1772 0.1811 -0.0156 -0.0072 -0.0525 184 GLU A CD  
388 O  OE1 . GLU A 52 ? 0.1817 0.2209 0.1977 -0.0186 0.0201  -0.0730 184 GLU A OE1 
389 O  OE2 . GLU A 52 ? 0.1620 0.1936 0.1767 -0.0078 0.0235  -0.0388 184 GLU A OE2 
390 N  N   . LEU A 53 ? 0.1457 0.1338 0.1603 -0.0245 0.0110  -0.0417 185 LEU A N   
391 C  CA  A LEU A 53 ? 0.1539 0.1471 0.1579 -0.0255 0.0039  -0.0449 185 LEU A CA  
392 C  CA  B LEU A 53 ? 0.1498 0.1485 0.1619 -0.0226 0.0073  -0.0465 185 LEU A CA  
393 C  C   . LEU A 53 ? 0.1443 0.1444 0.1476 -0.0181 0.0139  -0.0384 185 LEU A C   
394 O  O   . LEU A 53 ? 0.1375 0.1747 0.1843 -0.0365 0.0243  -0.0317 185 LEU A O   
395 C  CB  A LEU A 53 ? 0.1592 0.1493 0.1530 -0.0347 0.0027  -0.0454 185 LEU A CB  
396 C  CB  B LEU A 53 ? 0.1500 0.1539 0.1666 -0.0241 0.0078  -0.0536 185 LEU A CB  
397 C  CG  A LEU A 53 ? 0.1835 0.1343 0.1778 -0.0245 0.0130  -0.0487 185 LEU A CG  
398 C  CG  B LEU A 53 ? 0.1571 0.1456 0.1775 -0.0200 0.0276  -0.0315 185 LEU A CG  
399 C  CD1 A LEU A 53 ? 0.1829 0.1294 0.1884 0.0010  0.0330  -0.0621 185 LEU A CD1 
400 C  CD1 B LEU A 53 ? 0.1487 0.1462 0.1929 -0.0238 0.0305  -0.0132 185 LEU A CD1 
401 C  CD2 A LEU A 53 ? 0.1887 0.1611 0.2513 -0.0153 0.0339  -0.0614 185 LEU A CD2 
402 C  CD2 B LEU A 53 ? 0.2023 0.1458 0.1410 -0.0140 0.0287  -0.0571 185 LEU A CD2 
403 N  N   . ARG A 54 ? 0.1464 0.1412 0.1801 -0.0196 0.0169  -0.0386 186 ARG A N   
404 C  CA  . ARG A 54 ? 0.1457 0.1676 0.1723 -0.0139 0.0146  -0.0424 186 ARG A CA  
405 C  C   . ARG A 54 ? 0.1538 0.1658 0.1634 -0.0202 0.0101  -0.0467 186 ARG A C   
406 O  O   . ARG A 54 ? 0.1475 0.2192 0.1794 -0.0095 0.0145  -0.0287 186 ARG A O   
407 C  CB  . ARG A 54 ? 0.1576 0.1815 0.1693 0.0032  0.0142  -0.0464 186 ARG A CB  
408 C  CG  . ARG A 54 ? 0.1859 0.1750 0.1717 0.0111  0.0295  -0.0448 186 ARG A CG  
409 C  CD  . ARG A 54 ? 0.1903 0.2084 0.1890 0.0240  0.0461  -0.0224 186 ARG A CD  
410 N  NE  . ARG A 54 ? 0.1950 0.1992 0.1815 0.0284  0.0540  -0.0383 186 ARG A NE  
411 C  CZ  . ARG A 54 ? 0.2040 0.2342 0.2378 0.0350  0.0381  -0.0345 186 ARG A CZ  
412 N  NH1 . ARG A 54 ? 0.2206 0.2376 0.2962 0.0323  0.0478  -0.0403 186 ARG A NH1 
413 N  NH2 . ARG A 54 ? 0.2496 0.2154 0.2515 0.0359  0.0177  -0.0378 186 ARG A NH2 
414 N  N   . GLU A 55 ? 0.1412 0.1721 0.1766 -0.0225 0.0053  -0.0333 187 GLU A N   
415 C  CA  . GLU A 55 ? 0.1442 0.1483 0.1836 -0.0201 0.0019  -0.0373 187 GLU A CA  
416 C  C   . GLU A 55 ? 0.1465 0.1439 0.1851 -0.0104 0.0060  -0.0267 187 GLU A C   
417 O  O   . GLU A 55 ? 0.1439 0.1543 0.1704 -0.0326 0.0043  -0.0303 187 GLU A O   
418 C  CB  . GLU A 55 ? 0.1818 0.1615 0.1785 -0.0054 0.0122  -0.0370 187 GLU A CB  
419 C  CG  . GLU A 55 ? 0.2296 0.1842 0.2377 0.0109  0.0193  -0.0559 187 GLU A CG  
420 C  CD  . GLU A 55 ? 0.3229 0.2271 0.2653 0.0476  0.0176  -0.0608 187 GLU A CD  
421 O  OE1 . GLU A 55 ? 0.3905 0.1902 0.3264 0.0315  0.0239  -0.0115 187 GLU A OE1 
422 O  OE2 . GLU A 55 ? 0.3990 0.2410 0.4031 0.1025  0.0250  -0.0444 187 GLU A OE2 
423 N  N   . VAL A 56 ? 0.1184 0.1425 0.1903 -0.0143 0.0088  -0.0262 188 VAL A N   
424 C  CA  A VAL A 56 ? 0.1238 0.1225 0.1894 -0.0228 0.0051  -0.0363 188 VAL A CA  
425 C  CA  B VAL A 56 ? 0.1365 0.1436 0.1954 -0.0194 0.0100  -0.0364 188 VAL A CA  
426 C  C   . VAL A 56 ? 0.1354 0.1466 0.1880 -0.0157 -0.0021 -0.0295 188 VAL A C   
427 O  O   . VAL A 56 ? 0.1364 0.1721 0.1751 -0.0134 0.0032  -0.0257 188 VAL A O   
428 C  CB  A VAL A 56 ? 0.1327 0.1324 0.1970 -0.0114 -0.0078 -0.0339 188 VAL A CB  
429 C  CB  B VAL A 56 ? 0.1563 0.1578 0.2214 -0.0058 0.0100  -0.0299 188 VAL A CB  
430 C  CG1 A VAL A 56 ? 0.1669 0.1220 0.2213 0.0011  0.0326  -0.0736 188 VAL A CG1 
431 C  CG1 B VAL A 56 ? 0.1888 0.1913 0.2477 -0.0156 0.0132  -0.0352 188 VAL A CG1 
432 C  CG2 A VAL A 56 ? 0.1225 0.0905 0.2175 -0.0254 -0.0033 -0.0060 188 VAL A CG2 
433 C  CG2 B VAL A 56 ? 0.1813 0.1969 0.2212 0.0073  0.0334  -0.0637 188 VAL A CG2 
434 N  N   . ASN A 57 ? 0.1367 0.1642 0.1937 -0.0248 0.0074  -0.0235 189 ASN A N   
435 C  CA  . ASN A 57 ? 0.1540 0.1797 0.1961 -0.0243 0.0031  -0.0175 189 ASN A CA  
436 C  C   . ASN A 57 ? 0.1705 0.1783 0.2203 -0.0286 0.0118  -0.0004 189 ASN A C   
437 O  O   . ASN A 57 ? 0.1801 0.1880 0.2283 -0.0102 0.0142  0.0241  189 ASN A O   
438 C  CB  . ASN A 57 ? 0.1620 0.2043 0.1900 -0.0267 -0.0049 -0.0171 189 ASN A CB  
439 C  CG  . ASN A 57 ? 0.1681 0.2453 0.1750 -0.0127 0.0105  -0.0255 189 ASN A CG  
440 O  OD1 . ASN A 57 ? 0.1498 0.2859 0.1942 -0.0160 0.0142  -0.0608 189 ASN A OD1 
441 N  ND2 . ASN A 57 ? 0.1952 0.2564 0.1862 0.0059  0.0240  -0.0482 189 ASN A ND2 
442 N  N   . GLY A 58 ? 0.1748 0.1515 0.2389 -0.0284 0.0188  -0.0081 190 GLY A N   
443 C  CA  . GLY A 58 ? 0.2012 0.1773 0.2757 -0.0135 0.0191  -0.0142 190 GLY A CA  
444 C  C   . GLY A 58 ? 0.1792 0.1521 0.2800 -0.0010 0.0166  -0.0080 190 GLY A C   
445 O  O   . GLY A 58 ? 0.1979 0.1941 0.3525 0.0166  0.0216  -0.0163 190 GLY A O   
446 N  N   . ILE A 59 ? 0.1691 0.1438 0.2314 -0.0090 0.0065  -0.0117 191 ILE A N   
447 C  CA  . ILE A 59 ? 0.1533 0.1723 0.2163 -0.0083 -0.0055 0.0013  191 ILE A CA  
448 C  C   . ILE A 59 ? 0.1696 0.1759 0.2056 -0.0053 0.0017  -0.0144 191 ILE A C   
449 O  O   . ILE A 59 ? 0.1447 0.1755 0.1869 -0.0175 0.0043  -0.0051 191 ILE A O   
450 C  CB  . ILE A 59 ? 0.1575 0.1792 0.1916 -0.0104 -0.0060 0.0066  191 ILE A CB  
451 C  CG1 . ILE A 59 ? 0.2020 0.1833 0.1884 -0.0253 -0.0136 -0.0189 191 ILE A CG1 
452 C  CG2 . ILE A 59 ? 0.1524 0.1958 0.2342 -0.0303 -0.0119 0.0043  191 ILE A CG2 
453 C  CD1 . ILE A 59 ? 0.2490 0.2089 0.1921 -0.0214 0.0051  -0.0119 191 ILE A CD1 
454 N  N   . PRO A 60 ? 0.1597 0.1984 0.2084 0.0076  -0.0010 0.0033  192 PRO A N   
455 C  CA  . PRO A 60 ? 0.1692 0.2154 0.2107 0.0181  0.0111  0.0025  192 PRO A CA  
456 C  C   . PRO A 60 ? 0.1448 0.2170 0.1901 -0.0141 0.0236  -0.0024 192 PRO A C   
457 O  O   . PRO A 60 ? 0.1762 0.2338 0.1878 -0.0246 0.0146  -0.0088 192 PRO A O   
458 C  CB  . PRO A 60 ? 0.1994 0.2612 0.2320 0.0359  0.0196  0.0039  192 PRO A CB  
459 C  CG  . PRO A 60 ? 0.2428 0.2758 0.2708 0.0357  0.0258  0.0103  192 PRO A CG  
460 C  CD  . PRO A 60 ? 0.1911 0.2156 0.2273 0.0149  0.0109  0.0115  192 PRO A CD  
461 N  N   . VAL A 61 ? 0.1668 0.2106 0.1858 -0.0103 0.0209  -0.0085 193 VAL A N   
462 C  CA  . VAL A 61 ? 0.1852 0.2192 0.2306 -0.0308 0.0314  -0.0063 193 VAL A CA  
463 C  C   . VAL A 61 ? 0.2107 0.2192 0.2596 -0.0295 0.0620  -0.0325 193 VAL A C   
464 O  O   . VAL A 61 ? 0.2176 0.2348 0.3145 -0.0446 0.0790  -0.0713 193 VAL A O   
465 C  CB  . VAL A 61 ? 0.2402 0.2176 0.2388 -0.0558 -0.0029 0.0056  193 VAL A CB  
466 C  CG1 . VAL A 61 ? 0.2077 0.2566 0.2801 -0.0393 -0.0493 0.0208  193 VAL A CG1 
467 C  CG2 . VAL A 61 ? 0.2901 0.3011 0.2479 -0.1054 0.0065  0.0062  193 VAL A CG2 
468 N  N   . GLU A 62 ? 0.2281 0.2285 0.2838 -0.0272 0.0803  -0.0408 194 GLU A N   
469 C  CA  . GLU A 62 ? 0.2500 0.2621 0.2901 -0.0043 0.0459  -0.0415 194 GLU A CA  
470 C  C   . GLU A 62 ? 0.2052 0.2465 0.2995 0.0066  0.0455  -0.0511 194 GLU A C   
471 O  O   . GLU A 62 ? 0.2623 0.2806 0.3264 -0.0146 0.0271  -0.0497 194 GLU A O   
472 C  CB  . GLU A 62 ? 0.2371 0.2524 0.3356 -0.0103 0.0520  -0.0433 194 GLU A CB  
473 C  CG  . GLU A 62 ? 0.3001 0.2592 0.3379 0.0110  0.0353  -0.0364 194 GLU A CG  
474 C  CD  . GLU A 62 ? 0.3609 0.2645 0.3189 0.0540  0.0386  -0.0588 194 GLU A CD  
475 O  OE1 . GLU A 62 ? 0.4416 0.3089 0.3929 0.0416  0.0105  -0.0060 194 GLU A OE1 
476 O  OE2 . GLU A 62 ? 0.5131 0.2176 0.3466 0.0337  -0.0848 -0.0214 194 GLU A OE2 
477 N  N   . ASP A 63 ? 0.2080 0.2924 0.3156 0.0095  0.0332  -0.0349 195 ASP A N   
478 C  CA  . ASP A 63 ? 0.2124 0.2871 0.3222 0.0242  0.0156  -0.0296 195 ASP A CA  
479 C  C   . ASP A 63 ? 0.2274 0.2968 0.2997 0.0307  -0.0009 -0.0310 195 ASP A C   
480 O  O   . ASP A 63 ? 0.2526 0.3345 0.3201 0.0295  -0.0087 -0.0250 195 ASP A O   
481 C  CB  . ASP A 63 ? 0.2317 0.3110 0.3426 0.0219  -0.0011 -0.0207 195 ASP A CB  
482 C  CG  . ASP A 63 ? 0.3106 0.3130 0.3839 0.0240  0.0200  0.0129  195 ASP A CG  
483 O  OD1 . ASP A 63 ? 0.3242 0.3178 0.3630 0.0308  0.0531  -0.0032 195 ASP A OD1 
484 O  OD2 . ASP A 63 ? 0.4096 0.3683 0.4677 0.0316  0.0051  0.0769  195 ASP A OD2 
485 N  N   . LYS A 64 ? 0.2070 0.3042 0.2797 0.0356  -0.0038 -0.0510 196 LYS A N   
486 C  CA  . LYS A 64 ? 0.2291 0.3097 0.2721 0.0134  0.0006  -0.0522 196 LYS A CA  
487 C  C   . LYS A 64 ? 0.2085 0.3069 0.2710 -0.0017 0.0138  -0.0388 196 LYS A C   
488 O  O   . LYS A 64 ? 0.2821 0.3571 0.2930 -0.0253 0.0176  -0.0290 196 LYS A O   
489 C  CB  . LYS A 64 ? 0.2385 0.3111 0.2893 0.0083  0.0061  -0.0542 196 LYS A CB  
490 C  CG  . LYS A 64 ? 0.2603 0.3327 0.3040 -0.0047 0.0015  -0.0599 196 LYS A CG  
491 C  CD  . LYS A 64 ? 0.2768 0.3500 0.3299 -0.0423 -0.0343 -0.0430 196 LYS A CD  
492 C  CE  . LYS A 64 ? 0.2355 0.3621 0.3360 -0.0483 -0.0470 -0.0019 196 LYS A CE  
493 N  NZ  . LYS A 64 ? 0.2580 0.3854 0.3368 -0.0243 -0.0553 0.0277  196 LYS A NZ  
494 N  N   . ARG A 65 ? 0.2016 0.2990 0.2634 0.0164  0.0257  -0.0281 197 ARG A N   
495 C  CA  . ARG A 65 ? 0.2091 0.2903 0.2754 -0.0007 0.0256  -0.0186 197 ARG A CA  
496 C  C   . ARG A 65 ? 0.2072 0.2664 0.2339 0.0020  0.0341  -0.0249 197 ARG A C   
497 O  O   . ARG A 65 ? 0.1674 0.2567 0.2213 -0.0026 0.0149  -0.0363 197 ARG A O   
498 C  CB  . ARG A 65 ? 0.2281 0.3061 0.2954 0.0038  0.0203  -0.0156 197 ARG A CB  
499 C  CG  . ARG A 65 ? 0.2429 0.3749 0.3514 -0.0085 0.0047  -0.0136 197 ARG A CG  
500 C  CD  . ARG A 65 ? 0.3077 0.3943 0.4154 -0.0038 -0.0290 -0.0159 197 ARG A CD  
501 N  N   . PRO A 66 ? 0.2175 0.2323 0.2148 -0.0063 0.0432  -0.0200 198 PRO A N   
502 C  CA  . PRO A 66 ? 0.2300 0.2276 0.2124 0.0020  0.0219  -0.0136 198 PRO A CA  
503 C  C   . PRO A 66 ? 0.1909 0.2135 0.1981 -0.0103 0.0192  -0.0178 198 PRO A C   
504 O  O   . PRO A 66 ? 0.1672 0.2167 0.1907 -0.0019 0.0177  0.0220  198 PRO A O   
505 C  CB  . PRO A 66 ? 0.2640 0.2487 0.2009 -0.0092 0.0313  -0.0209 198 PRO A CB  
506 C  CG  . PRO A 66 ? 0.2634 0.2543 0.2191 -0.0020 0.0458  -0.0105 198 PRO A CG  
507 C  CD  . PRO A 66 ? 0.2556 0.2549 0.2236 0.0011  0.0481  -0.0136 198 PRO A CD  
508 N  N   . GLU A 67 ? 0.1988 0.2119 0.2053 -0.0191 0.0345  -0.0152 199 GLU A N   
509 C  CA  . GLU A 67 ? 0.2138 0.2207 0.2067 -0.0018 0.0248  -0.0240 199 GLU A CA  
510 C  C   . GLU A 67 ? 0.1664 0.1945 0.1872 0.0009  0.0116  -0.0325 199 GLU A C   
511 O  O   . GLU A 67 ? 0.1574 0.2175 0.1871 0.0178  0.0338  -0.0137 199 GLU A O   
512 C  CB  . GLU A 67 ? 0.2606 0.2436 0.2384 -0.0199 0.0178  -0.0196 199 GLU A CB  
513 C  CG  . GLU A 67 ? 0.3036 0.3243 0.2832 0.0038  0.0320  -0.0224 199 GLU A CG  
514 C  CD  . GLU A 67 ? 0.3706 0.4081 0.3625 -0.0017 -0.0016 -0.0426 199 GLU A CD  
515 O  OE1 . GLU A 67 ? 0.4641 0.4674 0.4299 0.0360  -0.0269 -0.0485 199 GLU A OE1 
516 O  OE2 . GLU A 67 ? 0.3836 0.4788 0.3336 0.0292  -0.0684 -0.0516 199 GLU A OE2 
517 N  N   . GLU A 68 ? 0.1356 0.1953 0.1907 0.0162  0.0064  -0.0228 200 GLU A N   
518 C  CA  . GLU A 68 ? 0.1478 0.1973 0.1868 0.0192  -0.0094 -0.0218 200 GLU A CA  
519 C  C   . GLU A 68 ? 0.1365 0.1785 0.1495 0.0256  -0.0139 -0.0214 200 GLU A C   
520 O  O   . GLU A 68 ? 0.1396 0.1770 0.1373 0.0231  -0.0209 -0.0088 200 GLU A O   
521 C  CB  . GLU A 68 ? 0.1650 0.2340 0.2033 0.0128  -0.0211 -0.0226 200 GLU A CB  
522 C  CG  . GLU A 68 ? 0.1933 0.2692 0.2401 0.0326  -0.0145 0.0015  200 GLU A CG  
523 C  CD  . GLU A 68 ? 0.2463 0.3225 0.2827 0.0617  0.0028  0.0389  200 GLU A CD  
524 O  OE1 . GLU A 68 ? 0.2144 0.3478 0.2394 0.0806  0.0082  -0.0509 200 GLU A OE1 
525 O  OE2 . GLU A 68 ? 0.2938 0.3799 0.3883 0.0720  0.0311  0.0796  200 GLU A OE2 
526 N  N   . ILE A 69 ? 0.1399 0.1693 0.1435 0.0263  0.0054  -0.0033 201 ILE A N   
527 C  CA  A ILE A 69 ? 0.1592 0.1646 0.1246 0.0298  -0.0010 -0.0185 201 ILE A CA  
528 C  CA  B ILE A 69 ? 0.1562 0.1594 0.1337 0.0265  -0.0061 -0.0167 201 ILE A CA  
529 C  C   . ILE A 69 ? 0.1466 0.1468 0.1144 0.0161  -0.0114 -0.0132 201 ILE A C   
530 O  O   . ILE A 69 ? 0.1592 0.1426 0.1162 0.0068  -0.0103 -0.0236 201 ILE A O   
531 C  CB  A ILE A 69 ? 0.1738 0.1591 0.1320 0.0370  0.0062  -0.0123 201 ILE A CB  
532 C  CB  B ILE A 69 ? 0.1747 0.1612 0.1454 0.0287  -0.0032 -0.0156 201 ILE A CB  
533 C  CG1 A ILE A 69 ? 0.1906 0.2179 0.1472 0.0505  0.0177  -0.0524 201 ILE A CG1 
534 C  CG1 B ILE A 69 ? 0.1757 0.1606 0.1494 0.0188  -0.0028 -0.0441 201 ILE A CG1 
535 C  CG2 A ILE A 69 ? 0.2105 0.1960 0.0760 0.0076  0.0049  -0.0292 201 ILE A CG2 
536 C  CG2 B ILE A 69 ? 0.1742 0.1857 0.1501 0.0130  -0.0115 -0.0212 201 ILE A CG2 
537 C  CD1 A ILE A 69 ? 0.2088 0.2192 0.2477 0.0673  0.0275  -0.0542 201 ILE A CD1 
538 C  CD1 B ILE A 69 ? 0.1963 0.1742 0.1552 0.0294  0.0023  -0.0179 201 ILE A CD1 
539 N  N   . ILE A 70 ? 0.1235 0.1294 0.1148 0.0079  -0.0042 -0.0201 202 ILE A N   
540 C  CA  . ILE A 70 ? 0.1306 0.1318 0.1194 -0.0002 -0.0127 -0.0242 202 ILE A CA  
541 C  C   . ILE A 70 ? 0.1343 0.1271 0.1125 0.0088  -0.0222 -0.0242 202 ILE A C   
542 O  O   . ILE A 70 ? 0.1246 0.1397 0.1175 0.0054  -0.0171 -0.0217 202 ILE A O   
543 C  CB  . ILE A 70 ? 0.1474 0.1324 0.1432 -0.0008 -0.0237 -0.0266 202 ILE A CB  
544 C  CG1 . ILE A 70 ? 0.1850 0.1298 0.1350 -0.0035 -0.0215 -0.0103 202 ILE A CG1 
545 C  CG2 . ILE A 70 ? 0.1290 0.1368 0.1876 0.0145  -0.0045 -0.0277 202 ILE A CG2 
546 C  CD1 . ILE A 70 ? 0.2124 0.1593 0.1677 -0.0221 -0.0088 0.0120  202 ILE A CD1 
547 N  N   . GLN A 71 ? 0.1099 0.1260 0.1097 0.0014  -0.0245 -0.0188 203 GLN A N   
548 C  CA  . GLN A 71 ? 0.1298 0.1269 0.1064 0.0037  -0.0141 -0.0225 203 GLN A CA  
549 C  C   . GLN A 71 ? 0.1352 0.1494 0.1111 0.0040  -0.0094 -0.0210 203 GLN A C   
550 O  O   . GLN A 71 ? 0.1497 0.1690 0.1296 0.0023  0.0027  -0.0282 203 GLN A O   
551 C  CB  . GLN A 71 ? 0.1398 0.1294 0.1377 0.0024  -0.0267 -0.0205 203 GLN A CB  
552 C  CG  . GLN A 71 ? 0.1454 0.1364 0.1160 0.0073  -0.0343 -0.0128 203 GLN A CG  
553 C  CD  . GLN A 71 ? 0.1319 0.1251 0.1278 -0.0040 -0.0258 -0.0152 203 GLN A CD  
554 O  OE1 . GLN A 71 ? 0.1322 0.1328 0.1198 -0.0155 -0.0362 -0.0001 203 GLN A OE1 
555 N  NE2 . GLN A 71 ? 0.1503 0.1646 0.1458 -0.0185 -0.0230 -0.0221 203 GLN A NE2 
556 N  N   . ILE A 72 ? 0.1470 0.1376 0.1326 -0.0023 0.0028  -0.0264 204 ILE A N   
557 C  CA  . ILE A 72 ? 0.1638 0.1525 0.1299 -0.0035 -0.0032 -0.0109 204 ILE A CA  
558 C  C   . ILE A 72 ? 0.1634 0.1609 0.1439 -0.0177 0.0033  -0.0105 204 ILE A C   
559 O  O   . ILE A 72 ? 0.2045 0.1885 0.1590 -0.0376 0.0027  -0.0097 204 ILE A O   
560 C  CB  . ILE A 72 ? 0.1851 0.1627 0.1535 0.0062  -0.0046 -0.0081 204 ILE A CB  
561 C  CG1 . ILE A 72 ? 0.2053 0.1447 0.1765 0.0354  -0.0027 -0.0134 204 ILE A CG1 
562 C  CG2 . ILE A 72 ? 0.2508 0.1293 0.1888 -0.0099 -0.0097 -0.0286 204 ILE A CG2 
563 C  CD1 . ILE A 72 ? 0.2333 0.1996 0.2204 0.0455  0.0282  -0.0140 204 ILE A CD1 
564 N  N   . LEU A 73 ? 0.1614 0.1762 0.1333 -0.0250 -0.0058 -0.0240 205 LEU A N   
565 C  CA  . LEU A 73 ? 0.1575 0.1818 0.1530 -0.0335 -0.0083 -0.0258 205 LEU A CA  
566 C  C   . LEU A 73 ? 0.1556 0.2135 0.1551 -0.0426 -0.0043 -0.0240 205 LEU A C   
567 O  O   . LEU A 73 ? 0.1730 0.2822 0.2004 -0.0513 0.0234  -0.0555 205 LEU A O   
568 C  CB  . LEU A 73 ? 0.1638 0.1806 0.1470 -0.0256 -0.0179 -0.0348 205 LEU A CB  
569 C  CG  . LEU A 73 ? 0.2109 0.2151 0.1459 -0.0046 -0.0142 -0.0207 205 LEU A CG  
570 C  CD1 . LEU A 73 ? 0.3078 0.2530 0.1085 0.0296  0.0000  -0.0017 205 LEU A CD1 
571 C  CD2 . LEU A 73 ? 0.2132 0.1957 0.2188 -0.0139 -0.0075 -0.0365 205 LEU A CD2 
572 N  N   . ALA A 74 ? 0.1394 0.1803 0.1233 -0.0060 -0.0103 -0.0208 206 ALA A N   
573 C  CA  . ALA A 74 ? 0.1512 0.1807 0.1359 0.0049  -0.0035 -0.0048 206 ALA A CA  
574 C  C   . ALA A 74 ? 0.1392 0.1867 0.1278 -0.0019 0.0018  -0.0097 206 ALA A C   
575 O  O   . ALA A 74 ? 0.1627 0.2287 0.1442 0.0181  0.0252  -0.0023 206 ALA A O   
576 C  CB  . ALA A 74 ? 0.2113 0.1808 0.1497 0.0098  0.0184  0.0031  206 ALA A CB  
577 N  N   . GLN A 75 ? 0.1378 0.1485 0.1253 -0.0071 0.0003  -0.0134 207 GLN A N   
578 C  CA  . GLN A 75 ? 0.1371 0.1294 0.1240 -0.0228 -0.0056 0.0037  207 GLN A CA  
579 C  C   . GLN A 75 ? 0.1403 0.1575 0.1519 -0.0239 -0.0072 -0.0029 207 GLN A C   
580 O  O   . GLN A 75 ? 0.1682 0.1662 0.1570 -0.0412 -0.0124 0.0114  207 GLN A O   
581 C  CB  . GLN A 75 ? 0.1507 0.1548 0.1280 -0.0402 0.0071  -0.0035 207 GLN A CB  
582 C  CG  . GLN A 75 ? 0.1416 0.1595 0.1257 -0.0271 -0.0161 -0.0001 207 GLN A CG  
583 C  CD  . GLN A 75 ? 0.1595 0.1243 0.1423 -0.0462 -0.0057 -0.0049 207 GLN A CD  
584 O  OE1 . GLN A 75 ? 0.2089 0.1528 0.1322 -0.0343 0.0227  -0.0050 207 GLN A OE1 
585 N  NE2 . GLN A 75 ? 0.1679 0.1402 0.1930 -0.0208 0.0332  0.0296  207 GLN A NE2 
586 N  N   . SER A 76 ? 0.1639 0.1427 0.1611 -0.0354 -0.0123 -0.0048 208 SER A N   
587 C  CA  A SER A 76 ? 0.1752 0.1419 0.1891 -0.0266 -0.0111 -0.0032 208 SER A CA  
588 C  CA  B SER A 76 ? 0.1641 0.1375 0.1727 -0.0275 -0.0145 -0.0078 208 SER A CA  
589 C  C   . SER A 76 ? 0.1792 0.1456 0.1705 -0.0262 -0.0071 -0.0114 208 SER A C   
590 O  O   . SER A 76 ? 0.1652 0.1525 0.2123 -0.0221 -0.0046 -0.0034 208 SER A O   
591 C  CB  A SER A 76 ? 0.1700 0.1308 0.2008 -0.0294 -0.0027 0.0008  208 SER A CB  
592 C  CB  B SER A 76 ? 0.1476 0.1280 0.1848 -0.0324 -0.0026 -0.0086 208 SER A CB  
593 O  OG  A SER A 76 ? 0.2086 0.1888 0.2420 -0.0177 0.0171  -0.0087 208 SER A OG  
594 O  OG  B SER A 76 ? 0.1372 0.1561 0.1240 -0.0398 -0.0114 -0.0309 208 SER A OG  
595 N  N   . GLN A 77 ? 0.1721 0.1638 0.2128 -0.0287 0.0003  -0.0122 209 GLN A N   
596 C  CA  A GLN A 77 ? 0.1805 0.1807 0.2091 -0.0267 0.0039  -0.0186 209 GLN A CA  
597 C  CA  B GLN A 77 ? 0.1760 0.1761 0.2107 -0.0296 0.0092  -0.0224 209 GLN A CA  
598 C  C   . GLN A 77 ? 0.1726 0.1783 0.2153 -0.0321 0.0123  -0.0173 209 GLN A C   
599 O  O   . GLN A 77 ? 0.1679 0.1898 0.2602 -0.0438 0.0187  -0.0071 209 GLN A O   
600 C  CB  A GLN A 77 ? 0.2032 0.1920 0.2145 -0.0180 -0.0076 -0.0188 209 GLN A CB  
601 C  CB  B GLN A 77 ? 0.1990 0.1774 0.2269 -0.0215 0.0059  -0.0353 209 GLN A CB  
602 C  CG  A GLN A 77 ? 0.2618 0.2197 0.2273 -0.0031 -0.0207 -0.0211 209 GLN A CG  
603 C  CG  B GLN A 77 ? 0.2297 0.2194 0.2132 -0.0391 0.0021  -0.0225 209 GLN A CG  
604 C  CD  A GLN A 77 ? 0.2837 0.2003 0.2439 0.0385  -0.0245 -0.0233 209 GLN A CD  
605 C  CD  B GLN A 77 ? 0.2811 0.2697 0.2009 -0.0241 0.0019  -0.0279 209 GLN A CD  
606 O  OE1 A GLN A 77 ? 0.2785 0.2486 0.2342 0.0055  -0.0271 -0.0309 209 GLN A OE1 
607 O  OE1 B GLN A 77 ? 0.3565 0.2656 0.2411 -0.0108 -0.0169 -0.0306 209 GLN A OE1 
608 N  NE2 A GLN A 77 ? 0.3528 0.1936 0.2051 0.0749  -0.0465 -0.0450 209 GLN A NE2 
609 N  NE2 B GLN A 77 ? 0.3502 0.3237 0.2531 -0.0096 -0.0312 -0.0127 209 GLN A NE2 
610 N  N   . GLY A 78 ? 0.1598 0.1846 0.1867 -0.0323 0.0256  -0.0287 210 GLY A N   
611 C  CA  . GLY A 78 ? 0.1710 0.1979 0.1891 -0.0555 0.0351  -0.0323 210 GLY A CA  
612 C  C   . GLY A 78 ? 0.1558 0.1746 0.1832 -0.0270 0.0335  -0.0271 210 GLY A C   
613 O  O   . GLY A 78 ? 0.1744 0.1878 0.1837 -0.0312 0.0358  -0.0365 210 GLY A O   
614 N  N   . ALA A 79 ? 0.1693 0.1857 0.1858 -0.0429 0.0437  -0.0235 211 ALA A N   
615 C  CA  . ALA A 79 ? 0.1669 0.1899 0.1849 -0.0291 0.0357  -0.0416 211 ALA A CA  
616 C  C   . ALA A 79 ? 0.1694 0.2042 0.1914 -0.0210 0.0236  -0.0286 211 ALA A C   
617 O  O   . ALA A 79 ? 0.1839 0.2391 0.1962 -0.0125 0.0287  -0.0106 211 ALA A O   
618 C  CB  . ALA A 79 ? 0.2108 0.2048 0.2312 -0.0343 0.0448  -0.0391 211 ALA A CB  
619 N  N   . ILE A 80 ? 0.1297 0.1968 0.1656 -0.0248 0.0152  -0.0380 212 ILE A N   
620 C  CA  . ILE A 80 ? 0.1406 0.1993 0.1801 -0.0311 0.0205  -0.0433 212 ILE A CA  
621 C  C   . ILE A 80 ? 0.1389 0.1931 0.1679 -0.0275 0.0065  -0.0452 212 ILE A C   
622 O  O   . ILE A 80 ? 0.1281 0.1966 0.1893 -0.0244 0.0067  -0.0613 212 ILE A O   
623 C  CB  . ILE A 80 ? 0.1393 0.2015 0.1828 -0.0258 0.0120  -0.0521 212 ILE A CB  
624 C  CG1 . ILE A 80 ? 0.1395 0.1998 0.1989 -0.0368 0.0080  -0.0502 212 ILE A CG1 
625 C  CG2 . ILE A 80 ? 0.1886 0.2360 0.1969 -0.0281 -0.0017 -0.0351 212 ILE A CG2 
626 C  CD1 . ILE A 80 ? 0.2016 0.2241 0.2336 -0.0480 0.0183  -0.0687 212 ILE A CD1 
627 N  N   . THR A 81 ? 0.1411 0.1955 0.1656 -0.0340 0.0053  -0.0542 213 THR A N   
628 C  CA  . THR A 81 ? 0.1582 0.1756 0.1855 -0.0384 0.0190  -0.0456 213 THR A CA  
629 C  C   . THR A 81 ? 0.1385 0.1549 0.1784 -0.0331 0.0109  -0.0419 213 THR A C   
630 O  O   . THR A 81 ? 0.1362 0.1689 0.1950 -0.0311 -0.0055 -0.0428 213 THR A O   
631 C  CB  . THR A 81 ? 0.1616 0.1838 0.2051 -0.0412 0.0167  -0.0300 213 THR A CB  
632 O  OG1 . THR A 81 ? 0.2427 0.1890 0.2626 -0.0540 0.0662  -0.0276 213 THR A OG1 
633 C  CG2 . THR A 81 ? 0.2342 0.1563 0.2574 -0.0609 0.0609  -0.0566 213 THR A CG2 
634 N  N   . PHE A 82 ? 0.1247 0.1623 0.1737 -0.0413 0.0080  -0.0541 214 PHE A N   
635 C  CA  . PHE A 82 ? 0.1352 0.1390 0.1798 -0.0379 0.0103  -0.0589 214 PHE A CA  
636 C  C   . PHE A 82 ? 0.1492 0.1445 0.1837 -0.0398 0.0144  -0.0650 214 PHE A C   
637 O  O   . PHE A 82 ? 0.1588 0.1661 0.2018 -0.0450 0.0183  -0.0774 214 PHE A O   
638 C  CB  . PHE A 82 ? 0.1612 0.1559 0.1830 -0.0330 0.0040  -0.0587 214 PHE A CB  
639 C  CG  . PHE A 82 ? 0.1781 0.1689 0.2117 -0.0089 -0.0043 -0.0612 214 PHE A CG  
640 C  CD1 . PHE A 82 ? 0.2053 0.1734 0.2871 -0.0213 -0.0196 -0.0848 214 PHE A CD1 
641 C  CD2 . PHE A 82 ? 0.1901 0.2137 0.2746 -0.0006 -0.0096 -0.0811 214 PHE A CD2 
642 C  CE1 . PHE A 82 ? 0.2545 0.1880 0.2979 -0.0205 -0.0111 -0.0787 214 PHE A CE1 
643 C  CE2 . PHE A 82 ? 0.1990 0.2506 0.2655 0.0241  0.0094  -0.0822 214 PHE A CE2 
644 C  CZ  . PHE A 82 ? 0.2566 0.1648 0.2487 0.0371  -0.0208 -0.0777 214 PHE A CZ  
645 N  N   . LYS A 83 ? 0.1485 0.1452 0.1730 -0.0224 0.0104  -0.0543 215 LYS A N   
646 C  CA  A LYS A 83 ? 0.1700 0.1391 0.1869 -0.0251 0.0161  -0.0488 215 LYS A CA  
647 C  CA  B LYS A 83 ? 0.1703 0.1470 0.1869 -0.0229 0.0181  -0.0488 215 LYS A CA  
648 C  C   . LYS A 83 ? 0.1519 0.1459 0.1698 -0.0151 0.0189  -0.0353 215 LYS A C   
649 O  O   . LYS A 83 ? 0.1492 0.1659 0.1911 -0.0456 0.0128  -0.0324 215 LYS A O   
650 C  CB  A LYS A 83 ? 0.1764 0.1538 0.2012 -0.0171 0.0197  -0.0491 215 LYS A CB  
651 C  CB  B LYS A 83 ? 0.1817 0.1618 0.2097 -0.0160 0.0251  -0.0460 215 LYS A CB  
652 C  CG  A LYS A 83 ? 0.1867 0.1652 0.2496 -0.0303 0.0130  -0.0401 215 LYS A CG  
653 C  CG  B LYS A 83 ? 0.1995 0.2234 0.2356 -0.0092 0.0260  -0.0567 215 LYS A CG  
654 C  CD  A LYS A 83 ? 0.2450 0.1793 0.2655 -0.0031 0.0077  -0.0479 215 LYS A CD  
655 C  CD  B LYS A 83 ? 0.1608 0.2828 0.2855 -0.0063 0.0238  -0.0672 215 LYS A CD  
656 N  N   . ILE A 84 ? 0.1631 0.1573 0.1644 -0.0344 0.0261  -0.0402 216 ILE A N   
657 C  CA  . ILE A 84 ? 0.1786 0.1562 0.1509 -0.0238 0.0235  -0.0415 216 ILE A CA  
658 C  C   . ILE A 84 ? 0.1973 0.1432 0.1599 -0.0316 0.0173  -0.0515 216 ILE A C   
659 O  O   . ILE A 84 ? 0.2379 0.1586 0.1879 -0.0490 0.0380  -0.0640 216 ILE A O   
660 C  CB  . ILE A 84 ? 0.1865 0.1633 0.1766 -0.0405 0.0158  -0.0405 216 ILE A CB  
661 C  CG1 . ILE A 84 ? 0.1893 0.1881 0.2130 -0.0408 -0.0067 -0.0298 216 ILE A CG1 
662 C  CG2 . ILE A 84 ? 0.1933 0.1964 0.1774 -0.0087 0.0401  -0.0618 216 ILE A CG2 
663 C  CD1 . ILE A 84 ? 0.1770 0.2459 0.2364 -0.0134 -0.0106 -0.0218 216 ILE A CD1 
664 N  N   . ILE A 85 ? 0.2108 0.1584 0.1565 -0.0435 0.0304  -0.0494 217 ILE A N   
665 C  CA  . ILE A 85 ? 0.2168 0.1791 0.1671 -0.0357 0.0302  -0.0610 217 ILE A CA  
666 C  C   . ILE A 85 ? 0.2169 0.2019 0.1641 -0.0234 0.0203  -0.0568 217 ILE A C   
667 O  O   . ILE A 85 ? 0.2079 0.1874 0.1649 -0.0260 0.0237  -0.0577 217 ILE A O   
668 C  CB  . ILE A 85 ? 0.2073 0.1789 0.1597 -0.0380 0.0413  -0.0625 217 ILE A CB  
669 C  CG1 . ILE A 85 ? 0.2304 0.2080 0.1910 -0.0207 0.0567  -0.0420 217 ILE A CG1 
670 C  CG2 . ILE A 85 ? 0.2646 0.2448 0.1571 -0.0365 0.0507  -0.0589 217 ILE A CG2 
671 C  CD1 . ILE A 85 ? 0.2113 0.2566 0.2167 -0.0261 0.0515  -0.0421 217 ILE A CD1 
672 N  N   . PRO A 86 ? 0.2464 0.2140 0.1977 -0.0286 -0.0034 -0.0615 218 PRO A N   
673 C  CA  . PRO A 86 ? 0.2564 0.2324 0.2186 -0.0212 -0.0163 -0.0663 218 PRO A CA  
674 C  C   . PRO A 86 ? 0.2668 0.2742 0.2070 -0.0053 -0.0182 -0.0552 218 PRO A C   
675 O  O   . PRO A 86 ? 0.3067 0.3052 0.2073 0.0027  -0.0025 -0.0696 218 PRO A O   
676 C  CB  . PRO A 86 ? 0.2393 0.2608 0.2633 -0.0210 -0.0267 -0.0561 218 PRO A CB  
677 C  CG  . PRO A 86 ? 0.2612 0.2667 0.2529 -0.0319 -0.0310 -0.0450 218 PRO A CG  
678 C  CD  . PRO A 86 ? 0.2537 0.2374 0.2162 -0.0436 -0.0219 -0.0589 218 PRO A CD  
679 N  N   . GLY A 87 ? 0.2913 0.2834 0.2110 -0.0023 -0.0117 -0.0387 219 GLY A N   
680 C  CA  . GLY A 87 ? 0.3315 0.3169 0.2166 0.0068  -0.0167 -0.0263 219 GLY A CA  
681 C  C   . GLY A 87 ? 0.3827 0.3602 0.2132 0.0080  -0.0182 -0.0230 219 GLY A C   
682 O  O   . GLY A 87 ? 0.4353 0.4267 0.2561 0.0086  -0.0035 -0.0080 219 GLY A O   
683 X  UNK . UNX B .  ? 0.1266 0.1266 0.1266 0.0000  0.0000  0.0000  1   UNX A UNK 
684 X  UNK . UNX C .  ? 0.1266 0.1266 0.1266 0.0000  0.0000  0.0000  2   UNX A UNK 
685 X  UNK . UNX D .  ? 0.1266 0.1266 0.1266 0.0000  0.0000  0.0000  3   UNX A UNK 
686 X  UNK . UNX E .  ? 0.1266 0.1266 0.1266 0.0000  0.0000  0.0000  4   UNX A UNK 
687 X  UNK . UNX F .  ? 0.1266 0.1266 0.1266 0.0000  0.0000  0.0000  5   UNX A UNK 
688 X  UNK . UNX G .  ? 0.1266 0.1266 0.1266 0.0000  0.0000  0.0000  6   UNX A UNK 
689 X  UNK . UNX H .  ? 0.1266 0.1266 0.1266 0.0000  0.0000  0.0000  7   UNX A UNK 
690 X  UNK . UNX I .  ? 0.1266 0.1266 0.1266 0.0000  0.0000  0.0000  8   UNX A UNK 
691 X  UNK . UNX J .  ? 0.1266 0.1266 0.1266 0.0000  0.0000  0.0000  9   UNX A UNK 
692 X  UNK . UNX K .  ? 0.1266 0.1266 0.1266 0.0000  0.0000  0.0000  10  UNX A UNK 
693 X  UNK . UNX L .  ? 0.1266 0.1266 0.1266 0.0000  0.0000  0.0000  11  UNX A UNK 
694 X  UNK . UNX M .  ? 0.3799 0.3799 0.3799 0.0000  0.0000  0.0000  12  UNX A UNK 
695 X  UNK . UNX N .  ? 0.3799 0.3799 0.3799 0.0000  0.0000  0.0000  13  UNX A UNK 
696 O  O   . HOH O .  ? 0.2068 0.2078 0.2033 -0.0192 0.0178  -0.0235 14  HOH A O   
697 O  O   . HOH O .  ? 0.2868 0.2786 0.3503 -0.0720 0.0909  -0.0350 15  HOH A O   
698 O  O   . HOH O .  ? 0.3407 0.2410 0.2831 -0.1071 -0.0252 0.0113  16  HOH A O   
699 O  O   . HOH O .  ? 0.2506 0.2615 0.2067 0.0010  0.0617  -0.0598 17  HOH A O   
700 O  O   . HOH O .  ? 0.2842 0.2802 0.2737 -0.0463 0.0346  -0.0504 18  HOH A O   
701 O  O   . HOH O .  ? 0.2203 0.2462 0.2010 0.0000  0.0850  -0.0432 19  HOH A O   
702 O  O   . HOH O .  ? 0.4013 0.2306 0.3994 -0.1112 0.0571  -0.1518 20  HOH A O   
703 O  O   . HOH O .  ? 0.2400 0.2569 0.1991 0.0013  0.0284  -0.0408 21  HOH A O   
704 O  O   . HOH O .  ? 0.2010 0.1961 0.3300 0.0010  -0.0509 -0.0210 22  HOH A O   
705 O  O   . HOH O .  ? 0.6716 0.3126 0.3441 0.0122  0.0201  0.1045  23  HOH A O   
706 O  O   . HOH O .  ? 0.3458 0.2794 0.2975 -0.0042 0.0069  -0.0944 24  HOH A O   
707 O  O   . HOH O .  ? 0.3189 0.2707 0.2748 -0.0184 0.0428  -0.0619 25  HOH A O   
708 O  O   . HOH O .  ? 0.8690 0.0752 0.6865 0.1514  0.4490  0.0773  26  HOH A O   
709 O  O   . HOH O .  ? 0.3941 0.3763 0.3420 0.0348  0.0409  -0.1126 27  HOH A O   
710 O  O   . HOH O .  ? 0.4898 0.4850 0.3108 0.1517  -0.0523 -0.1429 28  HOH A O   
711 O  O   . HOH O .  ? 0.2944 0.2692 0.2772 0.0294  0.0098  0.0570  29  HOH A O   
712 O  O   . HOH O .  ? 0.3357 0.2447 0.3801 0.0136  -0.0147 -0.0337 30  HOH A O   
713 O  O   . HOH O .  ? 0.1613 0.2376 0.1526 0.0236  0.0217  -0.0018 31  HOH A O   
714 O  O   . HOH O .  ? 0.2196 0.2704 0.1844 -0.0205 -0.0762 0.0005  32  HOH A O   
715 O  O   . HOH O .  ? 0.1818 0.1994 0.1981 -0.0078 0.0104  0.0059  33  HOH A O   
716 O  O   . HOH O .  ? 0.3631 0.3796 0.1973 0.0676  0.0186  -0.0814 34  HOH A O   
717 O  O   . HOH O .  ? 0.4022 0.2619 0.3725 -0.1200 0.1147  -0.0623 35  HOH A O   
718 O  O   . HOH O .  ? 0.4097 0.4545 0.5364 0.0248  0.0638  -0.0985 36  HOH A O   
719 O  O   . HOH O .  ? 0.2952 0.4725 0.4305 -0.0729 -0.0846 0.1254  37  HOH A O   
720 O  O   . HOH O .  ? 0.3041 0.3708 0.3282 0.0171  0.0067  0.0400  38  HOH A O   
721 O  O   . HOH O .  ? 0.2557 0.2960 0.3420 -0.1149 -0.0637 -0.1253 39  HOH A O   
722 O  O   . HOH O .  ? 0.3617 0.3133 0.4978 0.0477  -0.1830 -0.0401 40  HOH A O   
723 O  O   . HOH O .  ? 0.3686 0.4142 0.3558 0.0348  -0.0389 0.0579  41  HOH A O   
724 O  O   . HOH O .  ? 0.3719 0.4393 0.4208 -0.1717 0.1279  -0.1462 42  HOH A O   
725 O  O   . HOH O .  ? 0.5610 0.4663 0.4465 0.0359  -0.0340 -0.2206 43  HOH A O   
726 O  O   . HOH O .  ? 0.3851 0.4049 0.3123 0.0087  0.0250  0.1124  44  HOH A O   
727 O  O   . HOH O .  ? 0.3729 0.5741 0.3900 -0.1665 -0.0807 -0.0470 45  HOH A O   
728 O  O   . HOH O .  ? 0.3415 0.2891 0.5521 -0.0826 -0.0943 0.1049  46  HOH A O   
729 O  O   . HOH O .  ? 0.4772 0.3680 0.4998 -0.0127 0.0080  -0.1793 47  HOH A O   
730 O  O   . HOH O .  ? 0.3255 0.4179 0.5772 0.0003  0.0160  -0.1063 48  HOH A O   
731 O  O   . HOH O .  ? 0.2240 0.2786 0.2679 -0.0149 0.0241  0.0050  49  HOH A O   
732 O  O   . HOH O .  ? 0.3976 0.4608 0.2760 -0.0184 0.1369  -0.0151 50  HOH A O   
733 O  O   . HOH O .  ? 0.3187 0.6712 0.3667 0.2865  -0.1423 -0.1400 51  HOH A O   
734 O  O   . HOH O .  ? 0.2236 0.5558 0.3612 -0.1041 -0.0575 0.0910  52  HOH A O   
735 O  O   . HOH O .  ? 0.5739 0.7413 0.3557 -0.1396 -0.1519 -0.0440 53  HOH A O   
736 O  O   . HOH O .  ? 0.3718 0.3365 0.3331 -0.0539 0.0112  -0.0513 54  HOH A O   
737 O  O   . HOH O .  ? 0.3370 0.3225 0.5354 -0.0400 0.0400  0.0351  55  HOH A O   
738 O  O   . HOH O .  ? 0.5024 0.6403 0.3373 0.0061  0.1252  0.0678  56  HOH A O   
739 O  O   . HOH O .  ? 0.2259 0.4062 0.4026 -0.0282 -0.0749 -0.0728 57  HOH A O   
740 O  O   . HOH O .  ? 0.5625 0.4086 0.5591 0.1806  0.0076  0.0833  58  HOH A O   
741 O  O   . HOH O .  ? 0.4740 0.3607 0.3848 -0.0620 0.1422  -0.0544 59  HOH A O   
742 O  O   . HOH O .  ? 0.3546 0.4050 0.2866 -0.0358 0.0347  -0.0351 60  HOH A O   
743 O  O   . HOH O .  ? 0.3768 0.5381 0.4390 0.0623  -0.1049 0.0923  61  HOH A O   
744 O  O   . HOH O .  ? 0.2301 0.4311 0.2240 0.0821  -0.0317 -0.0157 62  HOH A O   
745 O  O   . HOH O .  ? 0.6906 0.5090 0.3418 -0.1222 -0.0524 0.0411  63  HOH A O   
746 O  O   . HOH O .  ? 0.3564 0.5530 0.3396 -0.0137 -0.0728 -0.1566 64  HOH A O   
747 O  O   . HOH O .  ? 0.1576 0.1913 0.2485 0.0190  -0.0071 -0.0371 65  HOH A O   
748 O  O   . HOH O .  ? 0.3659 0.3469 0.4505 -0.1910 0.0435  -0.1468 66  HOH A O   
749 O  O   . HOH O .  ? 0.4185 0.3735 0.4974 -0.0535 0.0131  -0.1130 67  HOH A O   
750 O  O   . HOH O .  ? 0.6764 0.5953 0.4253 -0.0029 0.1584  0.0614  68  HOH A O   
751 O  O   . HOH O .  ? 0.4733 0.6541 0.3623 0.1267  0.0925  0.0310  69  HOH A O   
752 O  O   . HOH O .  ? 0.1461 0.1845 0.2068 0.0091  -0.0395 -0.0362 226 HOH A O   
753 O  O   . HOH O .  ? 0.1306 0.2202 0.1262 0.0107  -0.0116 0.0084  227 HOH A O   
754 O  O   . HOH O .  ? 0.2227 0.2966 0.2544 0.0204  -0.0611 0.0164  228 HOH A O   
755 O  O   . HOH O .  ? 0.1859 0.2186 0.2367 0.0014  -0.0360 -0.0114 229 HOH A O   
756 O  O   . HOH O .  ? 0.1771 0.1487 0.2213 0.0088  0.0007  0.0244  230 HOH A O   
757 O  O   . HOH O .  ? 0.2725 0.2989 0.2069 0.0703  -0.0576 0.0251  231 HOH A O   
758 O  O   . HOH O .  ? 0.2660 0.3405 0.2695 0.0048  -0.0726 -0.0088 232 HOH A O   
759 O  O   . HOH O .  ? 0.1954 0.1772 0.1391 0.0033  -0.0185 -0.0008 233 HOH A O   
760 O  O   . HOH O .  ? 0.1550 0.1701 0.1952 -0.0202 0.0316  -0.0208 234 HOH A O   
761 O  O   . HOH O .  ? 0.1867 0.2430 0.2521 -0.0322 -0.0218 -0.0500 235 HOH A O   
762 O  O   . HOH O .  ? 0.2672 0.4440 0.2309 -0.1582 0.0222  -0.0479 236 HOH A O   
763 O  O   . HOH O .  ? 0.1920 0.2227 0.2195 -0.0223 0.0121  -0.0292 237 HOH A O   
764 O  O   . HOH O .  ? 0.3843 0.3389 0.4359 0.0733  -0.0416 0.1083  238 HOH A O   
# 
